data_1BCP
#
_entry.id   1BCP
#
_cell.length_a   163.800
_cell.length_b   98.200
_cell.length_c   194.500
_cell.angle_alpha   90.00
_cell.angle_beta   90.00
_cell.angle_gamma   90.00
#
_symmetry.space_group_name_H-M   'P 21 21 21'
#
loop_
_entity.id
_entity.type
_entity.pdbx_description
1 polymer 'PERTUSSIS TOXIN'
2 polymer 'PERTUSSIS TOXIN'
3 polymer 'PERTUSSIS TOXIN'
4 polymer 'PERTUSSIS TOXIN'
5 polymer 'PERTUSSIS TOXIN'
6 non-polymer "ADENOSINE-5'-TRIPHOSPHATE"
7 water water
#
loop_
_entity_poly.entity_id
_entity_poly.type
_entity_poly.pdbx_seq_one_letter_code
_entity_poly.pdbx_strand_id
1 'polypeptide(L)'
;DDPPATVYRYDSRPPEDVFQNGFTAWGNNDNVLEHLTGRSCQVGSSNSAFVSTSSSRRYTEVYLEHRMQEAVEAERAGRG
TGHFIGYIYEVRADNNFYGAASSYFEYVDTYGDNAGRILAGALATYQSEYLAHRRIPPENIRRVTRVYHNGITGETTTTE
YSNARYVSQQTRANPNPYTSRRSVASIVGTLVRMAPVVGACMARQAESSEAMAAWSERAGEAMVLVYYESIAYSF
;
A,G
2 'polypeptide(L)'
;STPGIVIPPQEQITQHGSPYGRCANKTRALTVAELRGSGDLQEYLRHVTRGWSIFALYDGTYLGGEYGGVIKDGTPGGAF
DLKTTFCIMTTRNTGQPATDHYYSNVTATRLLSSTNSRLCAVFVRSGQPVIGACTSPYDGKYWSMYSRLRKMLYLIYVAG
ISVRVHVSKEEQYYDYEDATFETYALTGISICNPGSSLC
;
B,H
3 'polypeptide(L)'
;VAPGIVIPPKALFTQQGGAYGRCPNGTRALTVAELRGNAELQTYLRQITPGWSIYGLYDGTYLGQAYGGIIKDAPPGAGF
IYRETFCITTIYKTGQPAADHYYSKVTATRLLASTNSRLCAVFVRDGQSVIGACASPYEGRYRDMYDALRRLLYMIYMSG
LAVRVHVSKEEQYYDYEDATFQTYALTGISLCNPAASIC
;
C,I
4 'polypeptide(L)'
;DVPYVLVKTNMVVTSVAMKPYEVTPTRMLVCGIAAKLGAAASSPDAHVPFCFGKDLKRPGSSPMEVMLRAVFMQQRPLRM
FLGPKQLTFEGKPALELIRMVECSGKQDCP
;
D,E,J,K
5 'polypeptide(L)'
;GLPTHLYKNFTVQELALKLKGKNQEFCLTAFMSGRSLVRACLSDAGHEHDTWFDTMLGFAISAYALKSRIALTVEDSPYP
GTPGDLLELQICPLNGYCE
;
F,L
#
# COMPACT_ATOMS: atom_id res chain seq x y z
N ASP A 2 -32.95 -29.68 -27.21
CA ASP A 2 -33.10 -29.98 -28.63
C ASP A 2 -33.72 -28.85 -29.45
N PRO A 3 -33.09 -28.47 -30.57
CA PRO A 3 -33.60 -27.39 -31.43
C PRO A 3 -35.05 -27.71 -31.85
N PRO A 4 -35.94 -26.71 -31.73
CA PRO A 4 -37.34 -26.92 -32.09
C PRO A 4 -37.52 -27.34 -33.52
N ALA A 5 -38.54 -28.18 -33.72
CA ALA A 5 -38.88 -28.65 -35.06
C ALA A 5 -39.94 -27.77 -35.75
N THR A 6 -40.89 -27.29 -34.94
CA THR A 6 -41.99 -26.47 -35.40
C THR A 6 -41.92 -25.07 -34.78
N VAL A 7 -42.06 -24.04 -35.61
CA VAL A 7 -42.05 -22.63 -35.16
C VAL A 7 -43.40 -22.01 -35.61
N TYR A 8 -43.64 -20.72 -35.33
CA TYR A 8 -44.89 -20.06 -35.71
C TYR A 8 -44.61 -18.66 -36.19
N ARG A 9 -45.51 -18.11 -37.00
CA ARG A 9 -45.36 -16.75 -37.53
C ARG A 9 -46.73 -16.12 -37.65
N TYR A 10 -46.98 -15.02 -36.94
CA TYR A 10 -48.29 -14.35 -37.07
C TYR A 10 -48.18 -13.52 -38.34
N ASP A 11 -49.28 -13.33 -39.06
CA ASP A 11 -49.25 -12.53 -40.30
C ASP A 11 -50.61 -12.07 -40.73
N SER A 12 -50.62 -10.97 -41.51
CA SER A 12 -51.84 -10.38 -42.07
C SER A 12 -52.03 -10.88 -43.52
N ARG A 13 -51.14 -11.79 -43.92
CA ARG A 13 -51.21 -12.40 -45.23
C ARG A 13 -51.97 -13.71 -45.12
N PRO A 14 -52.77 -14.04 -46.17
CA PRO A 14 -53.60 -15.23 -46.31
C PRO A 14 -52.90 -16.40 -47.00
N PRO A 15 -53.33 -17.63 -46.68
CA PRO A 15 -52.83 -18.89 -47.20
C PRO A 15 -52.63 -19.00 -48.69
N GLU A 16 -53.52 -18.41 -49.49
CA GLU A 16 -53.35 -18.53 -50.94
C GLU A 16 -52.09 -17.86 -51.38
N ASP A 17 -51.59 -16.97 -50.55
CA ASP A 17 -50.36 -16.27 -50.84
C ASP A 17 -49.22 -17.04 -50.19
N VAL A 18 -49.27 -17.09 -48.88
CA VAL A 18 -48.25 -17.77 -48.09
C VAL A 18 -47.98 -19.20 -48.55
N PHE A 19 -49.02 -19.98 -48.79
CA PHE A 19 -48.85 -21.36 -49.22
C PHE A 19 -48.19 -21.58 -50.56
N GLN A 20 -48.05 -20.52 -51.34
CA GLN A 20 -47.40 -20.63 -52.64
C GLN A 20 -46.00 -20.11 -52.61
N ASN A 21 -45.84 -18.93 -52.00
CA ASN A 21 -44.56 -18.22 -51.94
C ASN A 21 -43.81 -18.13 -50.61
N GLY A 22 -44.51 -18.37 -49.51
CA GLY A 22 -43.86 -18.30 -48.20
C GLY A 22 -43.38 -16.88 -47.91
N PHE A 23 -42.36 -16.79 -47.07
CA PHE A 23 -41.81 -15.49 -46.70
C PHE A 23 -40.38 -15.41 -47.20
N THR A 24 -39.98 -14.29 -47.81
CA THR A 24 -38.60 -14.15 -48.30
C THR A 24 -37.96 -12.83 -47.83
N ALA A 25 -37.01 -12.95 -46.91
CA ALA A 25 -36.29 -11.82 -46.29
C ALA A 25 -36.23 -10.46 -46.98
N TRP A 26 -36.30 -9.42 -46.15
CA TRP A 26 -36.26 -8.04 -46.59
C TRP A 26 -35.00 -7.56 -47.27
N GLY A 27 -33.85 -8.12 -46.89
CA GLY A 27 -32.58 -7.69 -47.48
C GLY A 27 -31.39 -8.57 -47.12
N ASN A 28 -30.17 -8.06 -47.38
CA ASN A 28 -28.92 -8.80 -47.13
C ASN A 28 -28.31 -8.55 -45.76
N ASN A 29 -28.59 -7.40 -45.17
CA ASN A 29 -28.03 -7.10 -43.87
C ASN A 29 -28.33 -8.27 -42.93
N ASP A 30 -27.33 -9.10 -42.63
CA ASP A 30 -27.59 -10.24 -41.76
C ASP A 30 -26.98 -10.12 -40.35
N ASN A 31 -26.69 -8.88 -40.01
CA ASN A 31 -26.11 -8.55 -38.72
C ASN A 31 -27.11 -8.88 -37.61
N VAL A 32 -26.77 -9.88 -36.81
CA VAL A 32 -27.64 -10.30 -35.72
C VAL A 32 -28.05 -9.24 -34.69
N LEU A 33 -27.26 -8.18 -34.53
CA LEU A 33 -27.61 -7.18 -33.54
C LEU A 33 -28.62 -6.17 -34.07
N GLU A 34 -28.37 -5.64 -35.25
CA GLU A 34 -29.30 -4.68 -35.80
C GLU A 34 -30.70 -5.31 -35.89
N HIS A 35 -30.77 -6.63 -36.11
CA HIS A 35 -32.06 -7.35 -36.17
C HIS A 35 -32.76 -7.33 -34.83
N LEU A 36 -32.25 -8.07 -33.85
CA LEU A 36 -32.87 -8.12 -32.53
C LEU A 36 -33.07 -6.71 -31.98
N THR A 37 -32.17 -5.81 -32.36
CA THR A 37 -32.23 -4.45 -31.89
C THR A 37 -33.31 -3.64 -32.65
N GLY A 38 -33.73 -4.15 -33.81
CA GLY A 38 -34.75 -3.48 -34.59
C GLY A 38 -34.26 -2.59 -35.70
N ARG A 39 -32.96 -2.34 -35.78
CA ARG A 39 -32.45 -1.47 -36.81
C ARG A 39 -32.77 -1.91 -38.23
N SER A 40 -32.46 -3.15 -38.55
CA SER A 40 -32.69 -3.66 -39.90
C SER A 40 -34.15 -3.97 -40.26
N CYS A 41 -35.11 -3.47 -39.46
CA CYS A 41 -36.54 -3.67 -39.67
C CYS A 41 -37.29 -2.38 -39.47
N GLN A 42 -36.58 -1.29 -39.58
CA GLN A 42 -37.22 -0.01 -39.37
C GLN A 42 -37.41 0.67 -40.72
N VAL A 43 -38.26 1.70 -40.72
CA VAL A 43 -38.53 2.47 -41.93
C VAL A 43 -37.23 2.97 -42.52
N GLY A 44 -37.17 3.00 -43.84
CA GLY A 44 -35.97 3.44 -44.50
C GLY A 44 -34.74 2.74 -43.93
N SER A 45 -34.90 1.51 -43.48
CA SER A 45 -33.77 0.77 -42.92
C SER A 45 -34.04 -0.73 -42.85
N SER A 46 -35.17 -1.16 -43.40
CA SER A 46 -35.54 -2.56 -43.39
C SER A 46 -34.63 -3.32 -44.35
N ASN A 47 -33.71 -4.13 -43.81
CA ASN A 47 -32.82 -4.90 -44.67
C ASN A 47 -32.36 -6.25 -44.07
N SER A 48 -33.00 -6.64 -42.98
CA SER A 48 -32.66 -7.88 -42.33
C SER A 48 -32.79 -9.11 -43.20
N ALA A 49 -31.72 -9.86 -43.34
CA ALA A 49 -31.77 -11.08 -44.14
C ALA A 49 -32.30 -12.15 -43.18
N PHE A 50 -33.37 -11.80 -42.47
CA PHE A 50 -33.95 -12.69 -41.48
C PHE A 50 -35.45 -12.57 -41.38
N VAL A 51 -36.14 -13.70 -41.42
CA VAL A 51 -37.58 -13.74 -41.30
C VAL A 51 -37.86 -14.11 -39.87
N SER A 52 -38.42 -13.17 -39.12
CA SER A 52 -38.71 -13.38 -37.73
C SER A 52 -39.83 -14.39 -37.50
N THR A 53 -39.58 -15.43 -36.71
CA THR A 53 -40.60 -16.41 -36.38
C THR A 53 -40.42 -16.71 -34.90
N SER A 54 -41.36 -17.40 -34.27
CA SER A 54 -41.23 -17.69 -32.86
C SER A 54 -41.52 -19.13 -32.59
N SER A 55 -40.79 -19.68 -31.65
CA SER A 55 -40.92 -21.07 -31.25
C SER A 55 -42.08 -21.24 -30.28
N SER A 56 -42.79 -20.18 -29.96
CA SER A 56 -43.88 -20.33 -29.03
C SER A 56 -45.20 -19.92 -29.66
N ARG A 57 -46.10 -20.88 -29.85
CA ARG A 57 -47.36 -20.59 -30.45
C ARG A 57 -48.14 -19.66 -29.54
N ARG A 58 -48.09 -19.91 -28.24
CA ARG A 58 -48.82 -19.06 -27.32
C ARG A 58 -48.45 -17.60 -27.50
N TYR A 59 -47.19 -17.33 -27.88
CA TYR A 59 -46.73 -15.96 -28.11
C TYR A 59 -47.51 -15.37 -29.23
N THR A 60 -47.40 -15.96 -30.42
CA THR A 60 -48.12 -15.49 -31.60
C THR A 60 -49.62 -15.42 -31.24
N GLU A 61 -50.09 -16.38 -30.47
CA GLU A 61 -51.48 -16.40 -30.06
C GLU A 61 -51.90 -15.09 -29.40
N VAL A 62 -51.20 -14.70 -28.35
CA VAL A 62 -51.49 -13.48 -27.61
C VAL A 62 -51.30 -12.18 -28.40
N TYR A 63 -50.43 -12.22 -29.40
CA TYR A 63 -50.20 -11.04 -30.21
C TYR A 63 -51.43 -10.80 -31.09
N LEU A 64 -51.85 -11.83 -31.81
CA LEU A 64 -53.01 -11.76 -32.70
C LEU A 64 -54.23 -11.41 -31.87
N GLU A 65 -54.32 -12.03 -30.70
CA GLU A 65 -55.42 -11.82 -29.78
C GLU A 65 -55.49 -10.36 -29.35
N HIS A 66 -54.38 -9.64 -29.51
CA HIS A 66 -54.34 -8.23 -29.11
C HIS A 66 -54.47 -7.29 -30.25
N ARG A 67 -54.04 -7.75 -31.41
CA ARG A 67 -54.13 -6.97 -32.62
C ARG A 67 -55.62 -6.89 -32.96
N MET A 68 -56.35 -7.90 -32.52
CA MET A 68 -57.79 -7.98 -32.70
C MET A 68 -58.49 -7.00 -31.80
N GLN A 69 -58.12 -7.00 -30.52
CA GLN A 69 -58.72 -6.11 -29.55
C GLN A 69 -58.49 -4.69 -29.98
N GLU A 70 -57.50 -4.52 -30.83
CA GLU A 70 -57.22 -3.21 -31.33
C GLU A 70 -58.37 -2.83 -32.26
N ALA A 71 -58.63 -3.66 -33.26
CA ALA A 71 -59.73 -3.41 -34.22
C ALA A 71 -61.02 -3.07 -33.48
N VAL A 72 -61.30 -3.81 -32.43
CA VAL A 72 -62.48 -3.56 -31.64
C VAL A 72 -62.44 -2.14 -31.10
N GLU A 73 -61.28 -1.66 -30.69
CA GLU A 73 -61.15 -0.30 -30.14
C GLU A 73 -61.08 0.79 -31.22
N ALA A 74 -60.77 0.41 -32.45
CA ALA A 74 -60.66 1.37 -33.54
C ALA A 74 -62.06 1.78 -33.91
N GLU A 75 -62.90 0.76 -34.05
CA GLU A 75 -64.27 0.96 -34.38
C GLU A 75 -64.90 1.80 -33.26
N ARG A 76 -64.60 1.51 -32.00
CA ARG A 76 -65.17 2.30 -30.91
C ARG A 76 -64.88 3.80 -30.99
N ALA A 77 -63.83 4.15 -31.71
CA ALA A 77 -63.46 5.55 -31.83
C ALA A 77 -63.93 6.06 -33.17
N GLY A 78 -64.73 5.24 -33.85
CA GLY A 78 -65.24 5.57 -35.15
C GLY A 78 -64.09 5.56 -36.12
N ARG A 79 -63.18 4.60 -35.95
CA ARG A 79 -62.04 4.55 -36.84
C ARG A 79 -62.03 3.26 -37.59
N GLY A 80 -63.05 2.43 -37.41
CA GLY A 80 -63.08 1.18 -38.13
C GLY A 80 -64.40 0.45 -38.01
N THR A 81 -64.36 -0.85 -38.26
CA THR A 81 -65.55 -1.72 -38.17
C THR A 81 -65.33 -2.93 -37.30
N GLY A 82 -64.52 -2.80 -36.26
CA GLY A 82 -64.26 -3.92 -35.35
C GLY A 82 -63.95 -5.29 -35.97
N HIS A 83 -63.72 -5.32 -37.28
CA HIS A 83 -63.47 -6.58 -37.94
C HIS A 83 -62.02 -6.86 -38.04
N PHE A 84 -61.66 -8.13 -37.88
CA PHE A 84 -60.26 -8.52 -37.91
C PHE A 84 -60.08 -9.92 -38.43
N ILE A 85 -59.05 -10.11 -39.23
CA ILE A 85 -58.74 -11.43 -39.76
C ILE A 85 -57.25 -11.57 -39.58
N GLY A 86 -56.83 -12.56 -38.79
CA GLY A 86 -55.41 -12.77 -38.54
C GLY A 86 -55.04 -14.23 -38.75
N TYR A 87 -53.79 -14.50 -39.10
CA TYR A 87 -53.38 -15.86 -39.33
C TYR A 87 -52.23 -16.22 -38.41
N ILE A 88 -51.98 -17.52 -38.23
CA ILE A 88 -50.88 -18.00 -37.38
C ILE A 88 -50.31 -19.22 -38.07
N TYR A 89 -49.40 -19.00 -39.03
CA TYR A 89 -48.82 -20.09 -39.78
C TYR A 89 -47.95 -20.97 -38.90
N GLU A 90 -47.89 -22.24 -39.23
CA GLU A 90 -47.10 -23.23 -38.49
C GLU A 90 -46.01 -23.54 -39.47
N VAL A 91 -44.78 -23.75 -39.00
CA VAL A 91 -43.66 -24.01 -39.90
C VAL A 91 -42.74 -25.10 -39.43
N ARG A 92 -42.18 -25.82 -40.39
CA ARG A 92 -41.23 -26.91 -40.15
C ARG A 92 -39.93 -26.22 -40.32
N ALA A 93 -39.13 -26.26 -39.26
CA ALA A 93 -37.82 -25.64 -39.24
C ALA A 93 -36.68 -26.58 -39.62
N ASP A 94 -35.70 -26.02 -40.34
CA ASP A 94 -34.50 -26.73 -40.82
C ASP A 94 -33.27 -26.10 -40.16
N ASN A 95 -32.09 -26.31 -40.73
CA ASN A 95 -30.90 -25.70 -40.13
C ASN A 95 -30.74 -24.26 -40.53
N ASN A 96 -31.55 -23.86 -41.50
CA ASN A 96 -31.54 -22.50 -41.95
C ASN A 96 -32.26 -21.61 -40.91
N PHE A 97 -32.81 -22.23 -39.87
CA PHE A 97 -33.48 -21.47 -38.82
C PHE A 97 -32.46 -21.43 -37.70
N TYR A 98 -32.28 -20.28 -37.05
CA TYR A 98 -31.33 -20.14 -35.95
C TYR A 98 -31.97 -19.34 -34.80
N GLY A 99 -31.61 -19.68 -33.55
CA GLY A 99 -32.14 -18.99 -32.39
C GLY A 99 -31.72 -17.53 -32.25
N ALA A 100 -32.66 -16.68 -31.86
CA ALA A 100 -32.40 -15.26 -31.72
C ALA A 100 -31.56 -14.98 -30.50
N ALA A 101 -31.97 -15.55 -29.36
CA ALA A 101 -31.24 -15.36 -28.10
C ALA A 101 -29.78 -15.76 -28.23
N SER A 102 -29.55 -17.05 -28.50
CA SER A 102 -28.20 -17.55 -28.67
C SER A 102 -27.43 -16.64 -29.59
N SER A 103 -27.97 -16.38 -30.78
CA SER A 103 -27.31 -15.49 -31.71
C SER A 103 -26.86 -14.24 -30.94
N TYR A 104 -27.75 -13.68 -30.12
CA TYR A 104 -27.43 -12.49 -29.36
C TYR A 104 -26.24 -12.73 -28.47
N PHE A 105 -26.41 -13.66 -27.53
CA PHE A 105 -25.34 -13.98 -26.59
C PHE A 105 -23.97 -14.20 -27.20
N GLU A 106 -23.92 -15.01 -28.25
CA GLU A 106 -22.68 -15.28 -28.95
C GLU A 106 -22.07 -13.96 -29.44
N TYR A 107 -22.88 -13.10 -30.06
CA TYR A 107 -22.38 -11.80 -30.55
C TYR A 107 -21.67 -11.09 -29.39
N VAL A 108 -22.35 -11.01 -28.27
CA VAL A 108 -21.80 -10.36 -27.10
C VAL A 108 -20.47 -10.99 -26.65
N ASP A 109 -20.28 -12.27 -26.92
CA ASP A 109 -19.02 -12.92 -26.54
C ASP A 109 -18.23 -13.10 -27.78
N THR A 110 -17.87 -11.98 -28.36
CA THR A 110 -17.10 -11.91 -29.57
C THR A 110 -16.79 -10.43 -29.66
N TYR A 111 -17.65 -9.60 -29.09
CA TYR A 111 -17.37 -8.19 -29.12
C TYR A 111 -17.48 -7.55 -27.76
N GLY A 112 -17.80 -8.32 -26.74
CA GLY A 112 -17.87 -7.75 -25.39
C GLY A 112 -19.16 -7.04 -25.04
N ASP A 113 -19.41 -6.99 -23.74
CA ASP A 113 -20.59 -6.40 -23.15
C ASP A 113 -21.07 -5.09 -23.74
N ASN A 114 -20.15 -4.13 -23.87
CA ASN A 114 -20.53 -2.83 -24.37
C ASN A 114 -21.06 -2.83 -25.81
N ALA A 115 -20.90 -3.93 -26.53
CA ALA A 115 -21.39 -4.02 -27.92
C ALA A 115 -22.85 -4.51 -28.06
N GLY A 116 -23.40 -5.06 -26.98
CA GLY A 116 -24.76 -5.55 -26.98
C GLY A 116 -25.68 -4.63 -26.19
N ARG A 117 -26.94 -5.03 -26.01
CA ARG A 117 -27.90 -4.23 -25.26
C ARG A 117 -28.67 -5.14 -24.36
N ILE A 118 -28.68 -4.84 -23.07
CA ILE A 118 -29.36 -5.69 -22.10
C ILE A 118 -30.78 -6.14 -22.52
N LEU A 119 -31.61 -5.20 -22.95
CA LEU A 119 -32.96 -5.52 -23.34
C LEU A 119 -33.07 -6.24 -24.66
N ALA A 120 -32.14 -6.02 -25.59
CA ALA A 120 -32.18 -6.71 -26.88
C ALA A 120 -32.07 -8.22 -26.68
N GLY A 121 -31.36 -8.62 -25.63
CA GLY A 121 -31.19 -10.00 -25.33
C GLY A 121 -32.33 -10.50 -24.47
N ALA A 122 -32.90 -9.64 -23.64
CA ALA A 122 -34.03 -10.04 -22.80
C ALA A 122 -35.27 -10.23 -23.68
N LEU A 123 -35.27 -9.55 -24.83
CA LEU A 123 -36.37 -9.58 -25.79
C LEU A 123 -36.34 -10.79 -26.67
N ALA A 124 -35.17 -11.19 -27.12
CA ALA A 124 -35.08 -12.38 -27.98
C ALA A 124 -35.57 -13.56 -27.18
N THR A 125 -35.20 -13.62 -25.91
CA THR A 125 -35.65 -14.72 -25.09
C THR A 125 -37.13 -14.58 -24.81
N TYR A 126 -37.62 -13.36 -24.85
CA TYR A 126 -39.04 -13.11 -24.60
C TYR A 126 -39.90 -13.66 -25.74
N GLN A 127 -39.70 -13.15 -26.95
CA GLN A 127 -40.49 -13.57 -28.09
C GLN A 127 -40.14 -14.96 -28.55
N SER A 128 -39.18 -15.60 -27.90
CA SER A 128 -38.77 -16.95 -28.29
C SER A 128 -38.51 -17.00 -29.79
N GLU A 129 -37.98 -15.90 -30.32
CA GLU A 129 -37.72 -15.79 -31.73
C GLU A 129 -36.66 -16.71 -32.30
N TYR A 130 -36.87 -17.13 -33.53
CA TYR A 130 -35.94 -17.94 -34.29
C TYR A 130 -35.85 -17.21 -35.62
N LEU A 131 -34.64 -16.98 -36.08
CA LEU A 131 -34.41 -16.25 -37.33
C LEU A 131 -34.30 -17.12 -38.56
N ALA A 132 -35.25 -16.93 -39.45
CA ALA A 132 -35.28 -17.67 -40.70
C ALA A 132 -34.29 -16.97 -41.57
N HIS A 133 -33.19 -17.62 -41.87
CA HIS A 133 -32.23 -16.95 -42.69
C HIS A 133 -32.74 -16.89 -44.13
N ARG A 134 -32.72 -15.71 -44.72
CA ARG A 134 -33.15 -15.52 -46.10
C ARG A 134 -34.62 -15.68 -46.46
N ARG A 135 -35.17 -16.86 -46.20
CA ARG A 135 -36.55 -17.13 -46.55
C ARG A 135 -36.99 -18.45 -45.96
N ILE A 136 -38.30 -18.55 -45.81
CA ILE A 136 -38.98 -19.71 -45.28
C ILE A 136 -40.03 -19.99 -46.37
N PRO A 137 -39.70 -20.98 -47.23
CA PRO A 137 -40.47 -21.47 -48.38
C PRO A 137 -41.65 -22.41 -48.11
N PRO A 138 -42.65 -22.38 -48.99
CA PRO A 138 -43.87 -23.21 -48.89
C PRO A 138 -43.75 -24.62 -48.29
N GLU A 139 -42.78 -25.40 -48.74
CA GLU A 139 -42.64 -26.76 -48.24
C GLU A 139 -42.51 -26.84 -46.73
N ASN A 140 -42.08 -25.75 -46.10
CA ASN A 140 -41.90 -25.72 -44.65
C ASN A 140 -43.20 -25.28 -43.98
N ILE A 141 -44.10 -24.66 -44.74
CA ILE A 141 -45.36 -24.18 -44.17
C ILE A 141 -46.37 -25.30 -44.18
N ARG A 142 -46.83 -25.69 -42.99
CA ARG A 142 -47.74 -26.81 -42.82
C ARG A 142 -49.20 -26.42 -42.78
N ARG A 143 -49.67 -26.08 -41.61
CA ARG A 143 -51.06 -25.72 -41.41
C ARG A 143 -51.19 -24.19 -41.43
N VAL A 144 -52.27 -23.69 -40.83
CA VAL A 144 -52.51 -22.25 -40.70
C VAL A 144 -53.85 -21.98 -40.00
N THR A 145 -53.82 -21.37 -38.82
CA THR A 145 -55.08 -21.07 -38.19
C THR A 145 -55.42 -19.69 -38.70
N ARG A 146 -56.69 -19.49 -39.04
CA ARG A 146 -57.22 -18.23 -39.53
C ARG A 146 -58.25 -17.78 -38.51
N VAL A 147 -58.07 -16.60 -37.94
CA VAL A 147 -58.98 -16.09 -36.94
C VAL A 147 -59.74 -14.91 -37.46
N TYR A 148 -61.05 -15.00 -37.40
CA TYR A 148 -61.90 -13.94 -37.86
C TYR A 148 -62.63 -13.46 -36.63
N HIS A 149 -62.83 -12.16 -36.52
CA HIS A 149 -63.56 -11.62 -35.39
C HIS A 149 -64.34 -10.46 -35.86
N ASN A 150 -65.57 -10.42 -35.39
CA ASN A 150 -66.47 -9.32 -35.66
C ASN A 150 -66.65 -8.65 -34.31
N GLY A 151 -66.00 -7.49 -34.19
CA GLY A 151 -66.00 -6.70 -32.97
C GLY A 151 -67.38 -6.28 -32.54
N ILE A 152 -68.25 -6.11 -33.53
CA ILE A 152 -69.62 -5.69 -33.29
C ILE A 152 -70.55 -6.79 -32.76
N THR A 153 -70.40 -8.04 -33.22
CA THR A 153 -71.21 -9.15 -32.70
C THR A 153 -70.52 -9.75 -31.48
N GLY A 154 -69.20 -9.57 -31.41
CA GLY A 154 -68.42 -10.09 -30.32
C GLY A 154 -68.05 -11.54 -30.56
N GLU A 155 -68.28 -11.97 -31.80
CA GLU A 155 -68.02 -13.34 -32.20
C GLU A 155 -66.66 -13.57 -32.88
N THR A 156 -65.98 -14.62 -32.45
CA THR A 156 -64.66 -15.05 -32.93
C THR A 156 -64.83 -16.32 -33.79
N THR A 157 -64.09 -16.47 -34.88
CA THR A 157 -64.28 -17.63 -35.75
C THR A 157 -62.97 -18.27 -36.20
N THR A 158 -62.58 -19.33 -35.52
CA THR A 158 -61.34 -20.03 -35.86
C THR A 158 -61.52 -20.89 -37.12
N THR A 159 -60.47 -21.07 -37.90
CA THR A 159 -60.57 -21.85 -39.14
C THR A 159 -59.20 -22.33 -39.58
N GLU A 160 -59.07 -23.59 -39.97
CA GLU A 160 -57.76 -24.10 -40.44
C GLU A 160 -57.69 -24.41 -41.91
N TYR A 161 -56.48 -24.56 -42.43
CA TYR A 161 -56.26 -24.87 -43.83
C TYR A 161 -54.92 -25.54 -43.79
N SER A 162 -54.57 -26.23 -44.86
CA SER A 162 -53.29 -26.94 -44.90
C SER A 162 -52.70 -26.74 -46.27
N ASN A 163 -51.40 -26.57 -46.30
CA ASN A 163 -50.68 -26.39 -47.56
C ASN A 163 -50.39 -27.77 -48.15
N ALA A 164 -50.70 -27.88 -49.43
CA ALA A 164 -50.49 -29.11 -50.17
C ALA A 164 -48.99 -29.24 -50.36
N ARG A 165 -48.38 -28.18 -50.87
CA ARG A 165 -46.97 -28.12 -51.15
C ARG A 165 -46.09 -28.38 -49.92
N TYR A 166 -46.68 -28.30 -48.72
CA TYR A 166 -45.90 -28.59 -47.53
C TYR A 166 -45.21 -29.91 -47.79
N VAL A 167 -43.98 -30.02 -47.32
CA VAL A 167 -43.22 -31.23 -47.48
C VAL A 167 -42.80 -31.67 -46.10
N SER A 168 -42.90 -32.96 -45.86
CA SER A 168 -42.51 -33.46 -44.58
C SER A 168 -41.08 -33.97 -44.59
N GLN A 169 -40.22 -33.23 -43.93
CA GLN A 169 -38.84 -33.62 -43.81
C GLN A 169 -38.74 -34.17 -42.39
N GLN A 170 -37.52 -34.23 -41.88
CA GLN A 170 -37.26 -34.67 -40.51
C GLN A 170 -36.16 -33.77 -39.98
N THR A 171 -36.42 -32.47 -40.04
CA THR A 171 -35.50 -31.43 -39.60
C THR A 171 -35.87 -30.87 -38.24
N ARG A 172 -35.07 -29.89 -37.82
CA ARG A 172 -35.23 -29.14 -36.57
C ARG A 172 -34.42 -27.90 -36.92
N ALA A 173 -34.50 -26.89 -36.05
CA ALA A 173 -33.74 -25.64 -36.23
C ALA A 173 -32.23 -25.90 -36.13
N ASN A 174 -31.45 -24.93 -36.56
CA ASN A 174 -30.02 -25.08 -36.47
C ASN A 174 -29.63 -25.20 -35.01
N PRO A 175 -28.76 -26.15 -34.68
CA PRO A 175 -28.41 -26.21 -33.26
C PRO A 175 -27.33 -25.16 -32.96
N ASN A 176 -26.87 -24.48 -34.01
CA ASN A 176 -25.80 -23.50 -33.88
C ASN A 176 -26.17 -22.06 -34.15
N PRO A 177 -25.67 -21.16 -33.28
CA PRO A 177 -25.86 -19.69 -33.32
C PRO A 177 -25.51 -19.06 -34.65
N TYR A 178 -26.37 -18.16 -35.11
CA TYR A 178 -26.10 -17.47 -36.34
C TYR A 178 -24.97 -16.51 -35.98
N THR A 179 -24.11 -16.19 -36.95
CA THR A 179 -22.96 -15.30 -36.70
C THR A 179 -22.66 -14.16 -37.70
N SER A 180 -22.43 -12.95 -37.20
CA SER A 180 -22.12 -11.81 -38.07
C SER A 180 -21.06 -10.85 -37.54
N ARG A 181 -20.41 -10.16 -38.47
CA ARG A 181 -19.38 -9.16 -38.19
C ARG A 181 -19.96 -8.06 -37.29
N ARG A 182 -19.21 -7.60 -36.27
CA ARG A 182 -19.77 -6.58 -35.38
C ARG A 182 -20.42 -5.41 -36.16
N SER A 183 -21.55 -4.92 -35.64
CA SER A 183 -22.25 -3.79 -36.28
C SER A 183 -21.48 -2.48 -36.24
N VAL A 184 -21.30 -1.89 -37.42
CA VAL A 184 -20.62 -0.61 -37.44
C VAL A 184 -21.76 0.40 -37.37
N ALA A 185 -22.99 -0.09 -37.31
CA ALA A 185 -24.16 0.78 -37.22
C ALA A 185 -24.26 1.45 -35.84
N SER A 186 -25.01 2.53 -35.74
CA SER A 186 -25.21 3.22 -34.47
C SER A 186 -26.55 2.73 -33.95
N ILE A 187 -26.58 2.19 -32.74
CA ILE A 187 -27.85 1.70 -32.20
C ILE A 187 -28.14 2.43 -30.90
N VAL A 188 -29.31 3.04 -30.79
CA VAL A 188 -29.72 3.81 -29.59
C VAL A 188 -30.38 2.97 -28.50
N GLY A 189 -31.08 1.94 -28.94
CA GLY A 189 -31.76 1.05 -28.02
C GLY A 189 -32.50 0.00 -28.81
N THR A 190 -33.34 -0.78 -28.12
CA THR A 190 -34.10 -1.82 -28.76
C THR A 190 -35.51 -1.32 -29.12
N LEU A 191 -35.79 -1.35 -30.43
CA LEU A 191 -37.05 -0.92 -31.00
C LEU A 191 -38.06 -2.01 -30.76
N VAL A 192 -39.17 -1.61 -30.15
CA VAL A 192 -40.18 -2.52 -29.73
C VAL A 192 -41.51 -1.80 -29.90
N ARG A 193 -42.58 -2.56 -30.16
CA ARG A 193 -43.94 -2.04 -30.31
C ARG A 193 -44.62 -2.28 -28.97
N MET A 194 -45.40 -1.32 -28.52
CA MET A 194 -46.02 -1.46 -27.22
C MET A 194 -47.35 -2.23 -27.15
N ALA A 195 -47.64 -2.76 -25.97
CA ALA A 195 -48.91 -3.42 -25.70
C ALA A 195 -49.41 -4.48 -26.68
N PRO A 196 -48.93 -5.71 -26.57
CA PRO A 196 -47.95 -6.21 -25.62
C PRO A 196 -46.60 -5.76 -26.18
N VAL A 197 -45.51 -5.96 -25.46
CA VAL A 197 -44.24 -5.54 -25.99
C VAL A 197 -43.84 -6.50 -27.06
N VAL A 198 -43.68 -6.02 -28.30
CA VAL A 198 -43.25 -6.93 -29.38
C VAL A 198 -42.03 -6.38 -30.13
N GLY A 199 -41.08 -7.24 -30.46
CA GLY A 199 -39.91 -6.80 -31.20
C GLY A 199 -40.33 -6.08 -32.47
N ALA A 200 -39.51 -5.20 -33.00
CA ALA A 200 -39.87 -4.51 -34.23
C ALA A 200 -39.88 -5.49 -35.39
N CYS A 201 -38.83 -6.27 -35.60
CA CYS A 201 -38.86 -7.22 -36.70
C CYS A 201 -40.03 -8.19 -36.69
N MET A 202 -40.62 -8.45 -35.53
CA MET A 202 -41.80 -9.30 -35.52
C MET A 202 -42.94 -8.34 -35.94
N ALA A 203 -43.54 -7.63 -34.98
CA ALA A 203 -44.64 -6.70 -35.26
C ALA A 203 -44.62 -6.06 -36.65
N ARG A 204 -43.44 -5.67 -37.10
CA ARG A 204 -43.28 -5.04 -38.39
C ARG A 204 -43.49 -5.94 -39.59
N GLN A 205 -42.76 -7.05 -39.60
CA GLN A 205 -42.81 -7.97 -40.71
C GLN A 205 -44.18 -8.49 -41.09
N ALA A 206 -45.06 -8.62 -40.11
CA ALA A 206 -46.41 -9.13 -40.34
C ALA A 206 -47.28 -8.24 -41.23
N GLU A 207 -47.47 -7.01 -40.74
CA GLU A 207 -48.26 -6.00 -41.43
C GLU A 207 -47.87 -5.94 -42.91
N SER A 208 -48.90 -5.84 -43.77
CA SER A 208 -48.73 -5.74 -45.22
C SER A 208 -49.95 -5.03 -45.85
N SER A 209 -50.14 -5.18 -47.17
CA SER A 209 -51.25 -4.54 -47.94
C SER A 209 -52.72 -4.99 -47.70
N GLU A 210 -53.32 -4.59 -46.59
CA GLU A 210 -54.72 -5.01 -46.33
C GLU A 210 -55.66 -3.82 -45.97
N GLU A 221 -51.06 5.10 -42.01
CA GLU A 221 -50.92 4.83 -40.58
C GLU A 221 -49.73 3.93 -40.29
N ALA A 222 -48.67 4.56 -39.75
CA ALA A 222 -47.42 3.85 -39.42
C ALA A 222 -47.41 3.18 -38.04
N MET A 223 -46.59 2.16 -37.88
CA MET A 223 -46.51 1.45 -36.60
C MET A 223 -45.67 2.29 -35.63
N VAL A 224 -46.11 2.45 -34.39
CA VAL A 224 -45.35 3.19 -33.39
C VAL A 224 -44.30 2.32 -32.71
N LEU A 225 -43.04 2.48 -33.13
CA LEU A 225 -41.91 1.75 -32.56
C LEU A 225 -41.26 2.63 -31.50
N VAL A 226 -41.06 2.09 -30.32
CA VAL A 226 -40.51 2.82 -29.19
C VAL A 226 -39.22 2.18 -28.65
N TYR A 227 -38.45 2.94 -27.89
CA TYR A 227 -37.20 2.45 -27.31
C TYR A 227 -37.47 1.78 -25.97
N TYR A 228 -37.42 0.46 -25.97
CA TYR A 228 -37.70 -0.33 -24.78
C TYR A 228 -37.05 0.27 -23.53
N GLU A 229 -35.83 0.78 -23.73
CA GLU A 229 -35.03 1.38 -22.67
C GLU A 229 -35.67 2.56 -22.02
N SER A 230 -36.41 3.33 -22.79
CA SER A 230 -37.05 4.50 -22.23
C SER A 230 -38.27 4.15 -21.39
N ILE A 231 -38.76 2.93 -21.56
CA ILE A 231 -39.96 2.53 -20.83
C ILE A 231 -39.82 1.37 -19.85
N ALA A 232 -38.74 0.58 -19.97
CA ALA A 232 -38.49 -0.57 -19.09
C ALA A 232 -38.23 -0.19 -17.65
N TYR A 233 -37.87 1.07 -17.42
CA TYR A 233 -37.60 1.61 -16.08
C TYR A 233 -38.46 2.86 -15.81
N SER A 234 -38.89 3.06 -14.55
CA SER A 234 -39.74 4.22 -14.19
C SER A 234 -39.02 5.56 -14.43
N PHE A 235 -39.65 6.64 -13.94
CA PHE A 235 -39.07 7.99 -14.01
C PHE A 235 -39.13 8.49 -12.56
N PRO B 3 -3.86 20.08 -22.67
CA PRO B 3 -3.91 21.52 -23.05
C PRO B 3 -5.38 21.94 -23.16
N GLY B 4 -5.68 23.12 -22.62
CA GLY B 4 -7.06 23.60 -22.66
C GLY B 4 -7.91 22.78 -21.68
N ILE B 5 -7.49 22.73 -20.43
CA ILE B 5 -8.18 21.99 -19.41
C ILE B 5 -8.61 22.98 -18.38
N VAL B 6 -9.85 22.96 -17.95
CA VAL B 6 -10.25 23.89 -16.92
C VAL B 6 -9.36 23.57 -15.74
N ILE B 7 -8.73 24.60 -15.20
CA ILE B 7 -7.83 24.44 -14.06
C ILE B 7 -8.45 24.94 -12.76
N PRO B 8 -8.54 24.05 -11.79
CA PRO B 8 -9.11 24.40 -10.49
C PRO B 8 -8.47 25.60 -9.84
N PRO B 9 -9.28 26.51 -9.30
CA PRO B 9 -8.72 27.68 -8.64
C PRO B 9 -8.12 27.22 -7.29
N GLN B 10 -6.93 27.70 -7.03
CA GLN B 10 -6.17 27.36 -5.84
C GLN B 10 -6.93 26.98 -4.58
N GLU B 11 -8.03 27.68 -4.34
CA GLU B 11 -8.82 27.47 -3.14
C GLU B 11 -9.66 26.21 -3.11
N GLN B 12 -9.62 25.47 -4.21
CA GLN B 12 -10.35 24.24 -4.34
C GLN B 12 -9.55 23.17 -3.61
N ILE B 13 -8.25 23.42 -3.39
CA ILE B 13 -7.42 22.44 -2.69
C ILE B 13 -7.95 22.33 -1.25
N THR B 14 -7.72 21.20 -0.60
CA THR B 14 -8.23 21.04 0.75
C THR B 14 -7.11 21.11 1.74
N GLN B 15 -7.41 21.60 2.94
CA GLN B 15 -6.38 21.74 3.99
C GLN B 15 -5.55 20.54 4.39
N HIS B 16 -5.96 19.36 4.00
CA HIS B 16 -5.19 18.15 4.32
C HIS B 16 -5.58 17.11 3.30
N GLY B 17 -4.57 16.38 2.82
CA GLY B 17 -4.79 15.31 1.85
C GLY B 17 -5.43 14.05 2.40
N SER B 18 -5.85 13.18 1.52
CA SER B 18 -6.54 12.02 2.02
C SER B 18 -5.84 10.71 1.82
N PRO B 19 -6.02 9.81 2.79
CA PRO B 19 -5.47 8.47 2.91
C PRO B 19 -6.20 7.40 2.10
N TYR B 20 -5.50 6.30 1.87
CA TYR B 20 -6.03 5.15 1.13
C TYR B 20 -6.58 5.53 -0.22
N GLY B 21 -6.32 6.74 -0.69
CA GLY B 21 -6.82 7.17 -1.98
C GLY B 21 -8.25 7.63 -1.89
N ARG B 22 -8.81 7.59 -0.70
CA ARG B 22 -10.18 7.96 -0.53
C ARG B 22 -10.38 9.43 -0.30
N CYS B 23 -10.39 10.18 -1.39
CA CYS B 23 -10.65 11.60 -1.29
C CYS B 23 -12.00 11.69 -0.61
N ALA B 24 -12.23 12.69 0.20
CA ALA B 24 -13.53 12.73 0.87
C ALA B 24 -14.67 13.04 -0.07
N ASN B 25 -15.88 12.89 0.46
CA ASN B 25 -17.08 13.15 -0.30
C ASN B 25 -17.17 14.60 -0.70
N LYS B 26 -17.63 14.85 -1.91
CA LYS B 26 -17.76 16.22 -2.41
C LYS B 26 -16.43 16.84 -2.76
N THR B 27 -15.36 16.03 -2.82
CA THR B 27 -14.02 16.48 -3.19
C THR B 27 -13.46 15.36 -4.05
N ARG B 28 -12.43 15.60 -4.85
CA ARG B 28 -11.90 14.55 -5.71
C ARG B 28 -10.42 14.76 -6.01
N ALA B 29 -9.71 13.66 -6.26
CA ALA B 29 -8.26 13.68 -6.55
C ALA B 29 -7.90 14.64 -7.70
N LEU B 30 -6.73 15.31 -7.57
CA LEU B 30 -6.18 16.28 -8.54
C LEU B 30 -5.43 15.54 -9.63
N THR B 31 -5.44 16.01 -10.85
CA THR B 31 -4.73 15.23 -11.86
C THR B 31 -3.34 15.77 -12.05
N VAL B 32 -2.53 15.01 -12.79
CA VAL B 32 -1.15 15.40 -13.10
C VAL B 32 -1.24 16.64 -13.98
N ALA B 33 -2.09 16.51 -14.98
CA ALA B 33 -2.35 17.56 -15.94
C ALA B 33 -2.93 18.82 -15.36
N GLU B 34 -3.61 18.74 -14.22
CA GLU B 34 -4.19 19.95 -13.63
C GLU B 34 -3.20 20.71 -12.75
N LEU B 35 -2.43 19.97 -11.95
CA LEU B 35 -1.45 20.61 -11.09
C LEU B 35 -0.51 21.33 -12.00
N ARG B 36 0.04 20.61 -12.99
CA ARG B 36 0.97 21.22 -13.93
C ARG B 36 0.50 22.59 -14.38
N GLY B 37 -0.66 22.61 -15.04
CA GLY B 37 -1.21 23.86 -15.53
C GLY B 37 -1.51 24.89 -14.47
N SER B 38 -1.44 24.55 -13.19
CA SER B 38 -1.72 25.54 -12.18
C SER B 38 -0.52 26.01 -11.39
N GLY B 39 -0.07 27.21 -11.75
CA GLY B 39 1.05 27.83 -11.11
C GLY B 39 0.70 27.94 -9.64
N ASP B 40 -0.31 28.73 -9.32
CA ASP B 40 -0.71 28.94 -7.92
C ASP B 40 -0.64 27.72 -7.04
N LEU B 41 -1.01 26.58 -7.61
CA LEU B 41 -0.99 25.32 -6.91
C LEU B 41 0.43 24.83 -6.64
N GLN B 42 1.23 24.73 -7.71
CA GLN B 42 2.59 24.27 -7.60
C GLN B 42 3.30 24.99 -6.46
N GLU B 43 3.13 26.32 -6.48
CA GLU B 43 3.72 27.17 -5.48
C GLU B 43 3.22 26.64 -4.14
N TYR B 44 1.91 26.78 -3.91
CA TYR B 44 1.31 26.29 -2.68
C TYR B 44 2.00 25.02 -2.14
N LEU B 45 2.04 23.98 -2.98
CA LEU B 45 2.63 22.70 -2.56
C LEU B 45 4.08 22.88 -2.14
N ARG B 46 4.82 23.56 -3.01
CA ARG B 46 6.24 23.85 -2.72
C ARG B 46 6.45 24.49 -1.31
N HIS B 47 5.86 25.65 -1.05
CA HIS B 47 6.01 26.27 0.24
C HIS B 47 5.28 25.56 1.41
N VAL B 48 4.63 24.44 1.17
CA VAL B 48 3.93 23.78 2.28
C VAL B 48 4.36 22.32 2.48
N THR B 49 5.26 21.85 1.64
CA THR B 49 5.68 20.47 1.73
C THR B 49 7.08 20.20 2.24
N ARG B 50 7.19 19.60 3.43
CA ARG B 50 8.50 19.31 4.02
C ARG B 50 8.93 17.90 3.73
N GLY B 51 10.13 17.56 4.12
CA GLY B 51 10.64 16.21 3.96
C GLY B 51 10.87 15.68 2.55
N TRP B 52 11.24 14.40 2.47
CA TRP B 52 11.46 13.67 1.22
C TRP B 52 10.11 12.97 0.91
N SER B 53 9.06 13.78 0.80
CA SER B 53 7.70 13.32 0.60
C SER B 53 7.22 13.15 -0.82
N ILE B 54 6.44 12.11 -1.05
CA ILE B 54 5.83 11.87 -2.37
C ILE B 54 4.33 11.72 -2.17
N PHE B 55 3.56 12.46 -2.96
CA PHE B 55 2.13 12.38 -2.81
C PHE B 55 1.41 11.82 -4.05
N ALA B 56 0.26 11.22 -3.79
CA ALA B 56 -0.53 10.66 -4.84
C ALA B 56 -1.50 11.68 -5.42
N LEU B 57 -1.43 11.79 -6.74
CA LEU B 57 -2.34 12.63 -7.50
C LEU B 57 -3.20 11.55 -8.19
N TYR B 58 -4.33 11.88 -8.80
CA TYR B 58 -5.15 10.86 -9.45
C TYR B 58 -4.33 9.94 -10.38
N ASP B 59 -3.74 10.50 -11.42
CA ASP B 59 -2.99 9.73 -12.37
C ASP B 59 -1.51 9.96 -12.33
N GLY B 60 -0.96 10.19 -11.15
CA GLY B 60 0.48 10.45 -11.01
C GLY B 60 0.98 10.78 -9.60
N THR B 61 2.27 11.13 -9.50
CA THR B 61 2.87 11.42 -8.19
C THR B 61 3.55 12.75 -8.17
N TYR B 62 3.52 13.35 -6.98
CA TYR B 62 4.15 14.65 -6.69
C TYR B 62 5.26 14.51 -5.62
N LEU B 63 6.51 14.48 -6.07
CA LEU B 63 7.66 14.38 -5.17
C LEU B 63 7.96 15.81 -4.66
N GLY B 64 7.44 16.14 -3.48
CA GLY B 64 7.61 17.46 -2.93
C GLY B 64 8.72 17.57 -1.93
N GLY B 65 8.67 18.59 -1.08
CA GLY B 65 9.73 18.80 -0.10
C GLY B 65 11.12 18.81 -0.73
N GLU B 66 12.04 18.13 -0.06
CA GLU B 66 13.42 18.01 -0.50
C GLU B 66 13.53 17.54 -1.93
N TYR B 67 12.45 17.02 -2.49
CA TYR B 67 12.52 16.55 -3.86
C TYR B 67 12.43 17.65 -4.89
N GLY B 68 12.05 18.86 -4.48
CA GLY B 68 11.95 19.94 -5.46
C GLY B 68 10.54 20.39 -5.82
N GLY B 69 9.66 19.43 -6.13
CA GLY B 69 8.28 19.74 -6.47
C GLY B 69 8.16 19.16 -7.84
N VAL B 70 8.44 17.87 -7.93
CA VAL B 70 8.40 17.15 -9.20
C VAL B 70 7.03 16.50 -9.48
N ILE B 71 6.59 16.59 -10.73
CA ILE B 71 5.32 16.01 -11.09
C ILE B 71 5.58 14.88 -12.01
N LYS B 72 5.43 13.69 -11.47
CA LYS B 72 5.66 12.46 -12.20
C LYS B 72 4.36 11.87 -12.76
N ASP B 73 4.39 11.55 -14.05
CA ASP B 73 3.26 10.96 -14.70
C ASP B 73 3.05 9.57 -14.13
N GLY B 74 1.78 9.25 -13.91
CA GLY B 74 1.44 7.96 -13.35
C GLY B 74 0.50 7.08 -14.15
N THR B 75 -0.49 6.58 -13.42
CA THR B 75 -1.52 5.68 -13.91
C THR B 75 -2.77 5.97 -13.09
N PRO B 76 -3.95 5.89 -13.71
CA PRO B 76 -5.18 6.17 -12.98
C PRO B 76 -5.26 5.35 -11.71
N GLY B 77 -5.21 6.08 -10.59
CA GLY B 77 -5.29 5.50 -9.25
C GLY B 77 -4.13 4.63 -8.82
N GLY B 78 -3.25 4.32 -9.77
CA GLY B 78 -2.09 3.46 -9.54
C GLY B 78 -1.10 3.79 -8.43
N ALA B 79 -1.20 4.99 -7.85
CA ALA B 79 -0.30 5.37 -6.78
C ALA B 79 -1.14 5.74 -5.57
N PHE B 80 -2.24 5.03 -5.39
CA PHE B 80 -3.10 5.31 -4.24
C PHE B 80 -2.57 4.56 -3.00
N ASP B 81 -1.38 3.95 -3.09
CA ASP B 81 -0.78 3.23 -1.96
C ASP B 81 -0.08 4.19 -1.07
N LEU B 82 0.34 5.33 -1.65
CA LEU B 82 1.01 6.37 -0.87
C LEU B 82 0.12 6.82 0.30
N LYS B 83 0.71 7.37 1.33
CA LYS B 83 -0.03 7.76 2.51
C LYS B 83 -0.92 8.96 2.31
N THR B 84 -0.70 9.73 1.26
CA THR B 84 -1.55 10.92 1.02
C THR B 84 -1.86 11.30 -0.45
N THR B 85 -3.13 11.51 -0.72
CA THR B 85 -3.52 11.88 -2.07
C THR B 85 -4.05 13.27 -2.00
N PHE B 86 -3.73 14.06 -3.01
CA PHE B 86 -4.21 15.45 -3.07
C PHE B 86 -5.66 15.57 -3.61
N CYS B 87 -6.57 16.03 -2.76
CA CYS B 87 -7.96 16.18 -3.12
C CYS B 87 -8.39 17.62 -3.36
N ILE B 88 -9.24 17.80 -4.34
CA ILE B 88 -9.69 19.11 -4.67
C ILE B 88 -11.17 19.17 -4.31
N MET B 89 -11.69 20.33 -4.04
CA MET B 89 -13.08 20.41 -3.73
C MET B 89 -13.72 20.58 -5.09
N THR B 90 -15.00 20.24 -5.19
CA THR B 90 -15.70 20.30 -6.48
C THR B 90 -16.67 21.45 -6.73
N THR B 91 -17.10 22.09 -5.67
CA THR B 91 -18.02 23.19 -5.77
C THR B 91 -17.34 24.55 -5.65
N ARG B 92 -17.80 25.50 -6.47
CA ARG B 92 -17.24 26.83 -6.45
C ARG B 92 -18.38 27.77 -6.60
N ASN B 93 -18.53 28.73 -5.71
CA ASN B 93 -19.61 29.67 -5.83
C ASN B 93 -19.13 30.74 -6.72
N THR B 94 -19.36 30.59 -8.00
CA THR B 94 -18.88 31.56 -8.96
C THR B 94 -19.13 33.03 -8.64
N GLY B 95 -20.25 33.32 -7.96
CA GLY B 95 -20.54 34.69 -7.63
C GLY B 95 -21.20 35.46 -8.78
N GLN B 96 -21.24 34.87 -9.97
CA GLN B 96 -21.88 35.56 -11.07
C GLN B 96 -23.38 35.71 -10.79
N PRO B 97 -24.10 36.50 -11.62
CA PRO B 97 -25.54 36.65 -11.36
C PRO B 97 -26.28 35.45 -11.96
N ALA B 98 -27.43 35.14 -11.37
CA ALA B 98 -28.23 34.00 -11.81
C ALA B 98 -29.00 34.26 -13.12
N THR B 99 -28.31 34.72 -14.16
CA THR B 99 -29.03 34.92 -15.40
C THR B 99 -29.04 33.56 -16.05
N ASP B 100 -29.88 33.40 -17.04
CA ASP B 100 -30.04 32.15 -17.76
C ASP B 100 -29.01 32.01 -18.87
N HIS B 101 -28.56 30.81 -19.13
CA HIS B 101 -27.64 30.58 -20.22
C HIS B 101 -28.13 29.30 -20.81
N TYR B 102 -28.28 29.22 -22.11
CA TYR B 102 -28.78 27.99 -22.68
C TYR B 102 -27.90 27.60 -23.82
N TYR B 103 -27.89 26.32 -24.14
CA TYR B 103 -27.10 25.77 -25.24
C TYR B 103 -28.07 24.89 -26.01
N SER B 104 -28.21 25.15 -27.29
CA SER B 104 -29.14 24.44 -28.11
C SER B 104 -28.53 23.29 -28.82
N ASN B 105 -29.38 22.37 -29.29
CA ASN B 105 -28.99 21.16 -30.01
C ASN B 105 -28.10 20.18 -29.26
N VAL B 106 -27.95 20.38 -27.97
CA VAL B 106 -27.10 19.49 -27.18
C VAL B 106 -27.67 18.11 -26.86
N THR B 107 -26.78 17.17 -26.54
CA THR B 107 -27.13 15.79 -26.22
C THR B 107 -26.44 15.26 -24.98
N ALA B 108 -27.14 15.13 -23.86
CA ALA B 108 -26.52 14.62 -22.64
C ALA B 108 -25.73 13.30 -22.82
N THR B 109 -24.48 13.29 -22.39
CA THR B 109 -23.62 12.12 -22.46
C THR B 109 -22.70 12.07 -21.26
N ARG B 110 -21.86 11.03 -21.22
CA ARG B 110 -20.84 10.81 -20.21
C ARG B 110 -21.31 11.10 -18.78
N LEU B 111 -22.21 10.29 -18.27
CA LEU B 111 -22.75 10.49 -16.93
C LEU B 111 -21.75 10.30 -15.80
N LEU B 112 -21.83 11.16 -14.77
CA LEU B 112 -20.95 11.10 -13.59
C LEU B 112 -21.74 11.18 -12.29
N SER B 113 -21.39 10.36 -11.33
CA SER B 113 -22.06 10.41 -10.07
C SER B 113 -21.06 10.06 -8.98
N SER B 114 -21.46 10.35 -7.74
CA SER B 114 -20.62 10.15 -6.57
C SER B 114 -21.45 10.24 -5.30
N THR B 115 -20.96 9.62 -4.25
CA THR B 115 -21.63 9.60 -2.98
C THR B 115 -21.92 11.00 -2.47
N ASN B 116 -23.13 11.23 -2.04
CA ASN B 116 -23.55 12.53 -1.52
C ASN B 116 -23.17 13.73 -2.33
N SER B 117 -22.93 13.54 -3.60
CA SER B 117 -22.61 14.68 -4.39
C SER B 117 -23.66 14.90 -5.47
N ARG B 118 -23.22 15.25 -6.67
CA ARG B 118 -24.13 15.58 -7.73
C ARG B 118 -23.97 14.65 -8.90
N LEU B 119 -25.03 14.60 -9.74
CA LEU B 119 -25.14 13.81 -10.98
C LEU B 119 -24.97 14.81 -12.09
N CYS B 120 -24.05 14.52 -13.00
CA CYS B 120 -23.70 15.43 -14.10
C CYS B 120 -23.70 14.73 -15.42
N ALA B 121 -23.69 15.53 -16.47
CA ALA B 121 -23.60 15.01 -17.79
C ALA B 121 -22.89 16.05 -18.61
N VAL B 122 -22.23 15.58 -19.64
CA VAL B 122 -21.51 16.40 -20.60
C VAL B 122 -22.44 16.47 -21.83
N PHE B 123 -22.92 17.65 -22.19
CA PHE B 123 -23.78 17.81 -23.33
C PHE B 123 -22.94 18.09 -24.53
N VAL B 124 -22.87 17.18 -25.48
CA VAL B 124 -22.05 17.42 -26.67
C VAL B 124 -22.86 17.98 -27.84
N ARG B 125 -22.12 18.35 -28.88
CA ARG B 125 -22.68 18.83 -30.13
C ARG B 125 -21.66 18.44 -31.19
N SER B 126 -22.02 17.43 -32.00
CA SER B 126 -21.14 16.89 -33.05
C SER B 126 -19.74 16.64 -32.52
N GLY B 127 -19.59 15.55 -31.76
CA GLY B 127 -18.31 15.18 -31.18
C GLY B 127 -18.09 16.10 -30.02
N GLN B 128 -17.53 17.26 -30.33
CA GLN B 128 -17.22 18.30 -29.38
C GLN B 128 -18.16 18.62 -28.23
N PRO B 129 -17.64 18.59 -27.01
CA PRO B 129 -18.47 18.91 -25.84
C PRO B 129 -18.89 20.36 -25.98
N VAL B 130 -19.78 20.79 -25.11
CA VAL B 130 -20.23 22.14 -25.17
C VAL B 130 -20.36 22.68 -23.77
N ILE B 131 -20.97 21.94 -22.87
CA ILE B 131 -21.10 22.46 -21.51
C ILE B 131 -21.29 21.26 -20.64
N GLY B 132 -21.01 21.39 -19.37
CA GLY B 132 -21.22 20.27 -18.49
C GLY B 132 -22.29 20.78 -17.57
N ALA B 133 -23.19 19.92 -17.12
CA ALA B 133 -24.22 20.39 -16.21
C ALA B 133 -24.47 19.29 -15.19
N CYS B 134 -24.89 19.68 -14.02
CA CYS B 134 -25.09 18.75 -12.95
C CYS B 134 -26.32 19.04 -12.15
N THR B 135 -26.79 18.03 -11.45
CA THR B 135 -27.97 18.09 -10.60
C THR B 135 -27.66 17.36 -9.31
N SER B 136 -28.15 17.86 -8.18
CA SER B 136 -27.95 17.19 -6.93
C SER B 136 -28.98 17.62 -5.95
N PRO B 137 -29.60 16.66 -5.29
CA PRO B 137 -30.60 16.96 -4.30
C PRO B 137 -29.94 17.39 -3.00
N TYR B 138 -28.65 17.09 -2.89
CA TYR B 138 -27.90 17.32 -1.65
C TYR B 138 -27.51 18.72 -1.18
N ASP B 139 -27.17 19.57 -2.13
CA ASP B 139 -26.73 20.88 -1.80
C ASP B 139 -26.86 21.61 -3.11
N GLY B 140 -27.01 22.92 -3.07
CA GLY B 140 -27.07 23.65 -4.33
C GLY B 140 -28.19 24.61 -4.39
N LYS B 141 -27.94 25.78 -5.00
CA LYS B 141 -28.95 26.82 -5.15
C LYS B 141 -30.19 26.15 -5.66
N TYR B 142 -30.03 25.32 -6.67
CA TYR B 142 -31.20 24.64 -7.25
C TYR B 142 -31.36 23.16 -6.91
N TRP B 143 -31.58 22.83 -5.63
CA TRP B 143 -31.73 21.40 -5.31
C TRP B 143 -33.14 20.94 -5.61
N SER B 144 -34.10 21.83 -5.45
CA SER B 144 -35.49 21.49 -5.71
C SER B 144 -35.68 20.80 -7.03
N MET B 145 -35.10 21.36 -8.08
CA MET B 145 -35.24 20.77 -9.38
C MET B 145 -34.60 19.41 -9.59
N TYR B 146 -34.13 18.73 -8.54
CA TYR B 146 -33.48 17.45 -8.77
C TYR B 146 -34.48 16.38 -9.17
N SER B 147 -35.50 16.22 -8.34
CA SER B 147 -36.51 15.23 -8.58
C SER B 147 -37.14 15.38 -9.94
N ARG B 148 -37.19 16.59 -10.44
CA ARG B 148 -37.78 16.82 -11.72
C ARG B 148 -36.77 16.66 -12.83
N LEU B 149 -35.55 17.11 -12.60
CA LEU B 149 -34.51 17.06 -13.63
C LEU B 149 -33.98 15.71 -13.91
N ARG B 150 -33.86 14.90 -12.87
CA ARG B 150 -33.33 13.58 -13.07
C ARG B 150 -34.18 12.75 -14.02
N LYS B 151 -35.48 13.08 -14.08
CA LYS B 151 -36.42 12.37 -14.93
C LYS B 151 -36.23 12.69 -16.40
N MET B 152 -36.07 13.96 -16.74
CA MET B 152 -35.84 14.41 -18.12
C MET B 152 -34.45 14.05 -18.58
N LEU B 153 -33.52 14.11 -17.65
CA LEU B 153 -32.14 13.83 -17.91
C LEU B 153 -32.02 12.37 -18.31
N TYR B 154 -32.60 11.50 -17.48
CA TYR B 154 -32.56 10.06 -17.75
C TYR B 154 -33.27 9.75 -19.10
N LEU B 155 -34.41 10.40 -19.35
CA LEU B 155 -35.13 10.20 -20.60
C LEU B 155 -34.28 10.53 -21.79
N ILE B 156 -33.77 11.76 -21.86
CA ILE B 156 -32.95 12.18 -22.99
C ILE B 156 -31.66 11.43 -23.11
N TYR B 157 -31.12 11.00 -21.98
CA TYR B 157 -29.87 10.25 -22.00
C TYR B 157 -30.04 8.91 -22.73
N VAL B 158 -30.98 8.07 -22.29
CA VAL B 158 -31.17 6.76 -22.91
C VAL B 158 -31.90 6.77 -24.26
N ALA B 159 -32.37 7.93 -24.69
CA ALA B 159 -33.08 8.03 -25.95
C ALA B 159 -32.28 8.72 -27.05
N GLY B 160 -31.33 9.57 -26.67
CA GLY B 160 -30.53 10.26 -27.67
C GLY B 160 -31.23 11.48 -28.20
N ILE B 161 -32.17 11.98 -27.40
CA ILE B 161 -33.01 13.12 -27.71
C ILE B 161 -32.23 14.46 -27.74
N SER B 162 -32.01 15.00 -28.92
CA SER B 162 -31.27 16.25 -29.03
C SER B 162 -32.04 17.37 -28.33
N VAL B 163 -31.66 17.70 -27.12
CA VAL B 163 -32.37 18.74 -26.37
C VAL B 163 -31.73 20.14 -26.50
N ARG B 164 -32.13 21.07 -25.63
CA ARG B 164 -31.59 22.44 -25.54
C ARG B 164 -31.49 22.63 -24.04
N VAL B 165 -30.27 22.65 -23.53
CA VAL B 165 -30.03 22.73 -22.10
C VAL B 165 -29.85 24.12 -21.55
N HIS B 166 -30.34 24.34 -20.34
CA HIS B 166 -30.23 25.64 -19.69
C HIS B 166 -29.38 25.45 -18.39
N VAL B 167 -28.38 26.30 -18.20
CA VAL B 167 -27.49 26.26 -17.01
C VAL B 167 -27.38 27.66 -16.32
N SER B 168 -27.25 27.68 -15.01
CA SER B 168 -27.08 28.93 -14.23
C SER B 168 -25.63 28.98 -13.77
N LYS B 169 -24.83 29.90 -14.32
CA LYS B 169 -23.41 30.01 -13.93
C LYS B 169 -23.14 30.46 -12.50
N GLU B 170 -24.18 30.53 -11.66
CA GLU B 170 -24.04 30.90 -10.27
C GLU B 170 -23.11 29.97 -9.51
N GLU B 171 -22.92 28.73 -9.99
CA GLU B 171 -22.06 27.76 -9.33
C GLU B 171 -21.26 27.00 -10.37
N GLN B 172 -20.04 26.63 -10.03
CA GLN B 172 -19.17 25.90 -10.93
C GLN B 172 -18.66 24.63 -10.22
N TYR B 173 -18.67 23.53 -10.96
CA TYR B 173 -18.30 22.23 -10.45
C TYR B 173 -17.08 21.71 -11.17
N TYR B 174 -16.23 21.00 -10.44
CA TYR B 174 -15.00 20.46 -10.99
C TYR B 174 -14.99 18.94 -10.96
N ASP B 175 -16.17 18.33 -10.95
CA ASP B 175 -16.27 16.87 -10.88
C ASP B 175 -15.55 16.12 -11.96
N TYR B 176 -15.68 16.52 -13.21
CA TYR B 176 -14.94 15.80 -14.25
C TYR B 176 -13.45 16.07 -14.16
N GLU B 177 -12.66 15.14 -14.66
CA GLU B 177 -11.21 15.31 -14.66
C GLU B 177 -10.75 15.85 -16.01
N ASP B 178 -9.79 16.79 -15.98
CA ASP B 178 -9.20 17.38 -17.17
C ASP B 178 -10.26 17.73 -18.19
N ALA B 179 -11.15 18.59 -17.76
CA ALA B 179 -12.25 18.95 -18.58
C ALA B 179 -12.01 20.04 -19.62
N THR B 180 -12.15 19.69 -20.88
CA THR B 180 -11.98 20.68 -21.91
C THR B 180 -13.17 21.66 -21.83
N PHE B 181 -14.21 21.30 -21.08
CA PHE B 181 -15.43 22.09 -20.97
C PHE B 181 -15.69 22.62 -19.60
N GLU B 182 -16.39 23.73 -19.51
CA GLU B 182 -16.73 24.25 -18.19
C GLU B 182 -17.87 23.38 -17.70
N THR B 183 -18.39 23.61 -16.50
CA THR B 183 -19.46 22.79 -15.96
C THR B 183 -20.22 23.57 -14.87
N TYR B 184 -21.50 23.85 -15.12
CA TYR B 184 -22.34 24.60 -14.19
C TYR B 184 -23.59 23.88 -13.80
N ALA B 185 -24.39 24.55 -12.99
CA ALA B 185 -25.65 24.01 -12.51
C ALA B 185 -26.76 23.93 -13.59
N LEU B 186 -27.29 22.72 -13.79
CA LEU B 186 -28.38 22.48 -14.73
C LEU B 186 -29.61 23.11 -14.10
N THR B 187 -30.48 23.67 -14.93
CA THR B 187 -31.70 24.31 -14.44
C THR B 187 -32.87 24.18 -15.40
N GLY B 188 -32.76 23.28 -16.38
CA GLY B 188 -33.84 23.09 -17.33
C GLY B 188 -33.38 22.36 -18.55
N ILE B 189 -34.31 21.65 -19.17
CA ILE B 189 -34.02 20.87 -20.37
C ILE B 189 -35.29 20.98 -21.20
N SER B 190 -35.14 20.87 -22.52
CA SER B 190 -36.30 21.01 -23.39
C SER B 190 -36.21 20.22 -24.70
N ILE B 191 -37.13 19.24 -24.87
CA ILE B 191 -37.20 18.46 -26.11
C ILE B 191 -37.92 19.52 -26.93
N CYS B 192 -37.15 20.21 -27.76
CA CYS B 192 -37.57 21.40 -28.48
C CYS B 192 -37.74 21.50 -29.98
N ASN B 193 -38.69 22.33 -30.36
CA ASN B 193 -38.96 22.56 -31.76
C ASN B 193 -38.23 23.84 -32.11
N PRO B 194 -37.43 23.86 -33.17
CA PRO B 194 -36.68 25.05 -33.60
C PRO B 194 -37.45 26.41 -33.48
N GLY B 195 -36.95 27.26 -32.59
CA GLY B 195 -37.55 28.56 -32.35
C GLY B 195 -38.73 28.53 -31.38
N SER B 196 -39.15 27.35 -30.98
CA SER B 196 -40.28 27.23 -30.09
C SER B 196 -40.18 28.18 -28.95
N SER B 197 -41.30 28.80 -28.63
CA SER B 197 -41.36 29.68 -27.49
C SER B 197 -41.08 28.84 -26.26
N LEU B 198 -41.10 27.53 -26.42
CA LEU B 198 -40.87 26.60 -25.30
C LEU B 198 -39.42 26.17 -25.02
N CYS B 199 -38.51 26.46 -25.94
CA CYS B 199 -37.09 26.12 -25.80
C CYS B 199 -36.49 26.62 -24.50
N GLY C 4 -52.09 -28.44 -4.04
CA GLY C 4 -52.73 -28.29 -2.73
C GLY C 4 -52.75 -26.82 -2.30
N ILE C 5 -53.93 -26.23 -2.32
CA ILE C 5 -54.01 -24.85 -1.94
C ILE C 5 -53.61 -24.56 -0.48
N VAL C 6 -52.93 -23.44 -0.31
CA VAL C 6 -52.49 -22.98 0.96
C VAL C 6 -53.77 -22.64 1.69
N ILE C 7 -53.91 -23.15 2.89
CA ILE C 7 -55.12 -22.85 3.64
C ILE C 7 -54.89 -21.77 4.67
N PRO C 8 -55.41 -20.55 4.41
CA PRO C 8 -55.27 -19.45 5.36
C PRO C 8 -55.61 -19.99 6.74
N PRO C 9 -54.97 -19.50 7.78
CA PRO C 9 -55.32 -20.04 9.08
C PRO C 9 -56.58 -19.42 9.62
N LYS C 10 -57.30 -20.23 10.37
CA LYS C 10 -58.54 -19.83 11.03
C LYS C 10 -58.37 -18.48 11.69
N ALA C 11 -57.22 -18.34 12.35
CA ALA C 11 -56.88 -17.11 13.05
C ALA C 11 -57.03 -15.85 12.16
N LEU C 12 -56.71 -15.97 10.88
CA LEU C 12 -56.83 -14.82 9.97
C LEU C 12 -58.24 -14.25 9.79
N PHE C 13 -59.24 -15.09 10.02
CA PHE C 13 -60.68 -14.80 9.87
C PHE C 13 -61.14 -13.50 10.51
N THR C 14 -61.65 -12.59 9.68
CA THR C 14 -62.07 -11.28 10.17
C THR C 14 -63.37 -11.31 10.91
N GLN C 15 -63.33 -11.16 12.25
CA GLN C 15 -64.56 -11.17 13.06
C GLN C 15 -65.64 -10.27 12.42
N GLN C 16 -65.22 -9.11 11.94
CA GLN C 16 -66.14 -8.20 11.27
C GLN C 16 -66.02 -8.26 9.75
N GLY C 17 -66.63 -9.26 9.11
CA GLY C 17 -66.53 -9.32 7.66
C GLY C 17 -67.07 -8.09 6.90
N GLY C 18 -66.61 -7.91 5.65
CA GLY C 18 -67.07 -6.79 4.85
C GLY C 18 -68.53 -6.79 4.40
N ALA C 19 -69.17 -5.63 4.30
CA ALA C 19 -70.55 -5.58 3.83
C ALA C 19 -70.51 -5.66 2.31
N TYR C 20 -71.54 -6.26 1.75
CA TYR C 20 -71.72 -6.41 0.31
C TYR C 20 -70.50 -6.64 -0.57
N GLY C 21 -69.62 -7.53 -0.12
CA GLY C 21 -68.43 -7.85 -0.87
C GLY C 21 -67.28 -6.85 -0.75
N ARG C 22 -67.44 -5.83 0.10
CA ARG C 22 -66.36 -4.86 0.30
C ARG C 22 -65.63 -5.14 1.58
N CYS C 23 -64.70 -6.11 1.53
CA CYS C 23 -63.87 -6.46 2.67
C CYS C 23 -62.94 -5.23 2.75
N PRO C 24 -62.80 -4.65 3.95
CA PRO C 24 -61.98 -3.46 4.21
C PRO C 24 -60.52 -3.68 3.81
N ASN C 25 -59.88 -2.65 3.22
CA ASN C 25 -58.48 -2.78 2.77
C ASN C 25 -57.66 -3.48 3.82
N GLY C 26 -56.82 -4.40 3.38
CA GLY C 26 -56.00 -5.17 4.30
C GLY C 26 -56.56 -6.58 4.30
N THR C 27 -57.86 -6.71 4.00
CA THR C 27 -58.46 -8.03 3.97
C THR C 27 -58.81 -8.45 2.54
N ARG C 28 -59.14 -9.72 2.39
CA ARG C 28 -59.50 -10.31 1.10
C ARG C 28 -60.60 -11.35 1.30
N ALA C 29 -61.60 -11.36 0.42
CA ALA C 29 -62.68 -12.34 0.52
C ALA C 29 -62.13 -13.76 0.54
N LEU C 30 -62.65 -14.55 1.47
CA LEU C 30 -62.27 -15.95 1.66
C LEU C 30 -62.95 -16.77 0.57
N THR C 31 -62.24 -17.73 -0.03
CA THR C 31 -62.87 -18.54 -1.07
C THR C 31 -63.44 -19.81 -0.45
N VAL C 32 -64.23 -20.54 -1.24
CA VAL C 32 -64.85 -21.77 -0.74
C VAL C 32 -63.83 -22.87 -0.59
N ALA C 33 -62.87 -22.97 -1.51
CA ALA C 33 -61.85 -24.02 -1.43
C ALA C 33 -61.06 -23.90 -0.16
N GLU C 34 -60.88 -22.66 0.27
CA GLU C 34 -60.11 -22.40 1.46
C GLU C 34 -60.98 -22.78 2.64
N LEU C 35 -62.24 -22.34 2.65
CA LEU C 35 -63.17 -22.66 3.75
C LEU C 35 -63.43 -24.15 3.85
N ARG C 36 -63.42 -24.83 2.71
CA ARG C 36 -63.67 -26.26 2.73
C ARG C 36 -62.57 -26.98 3.43
N GLY C 37 -61.33 -26.57 3.18
CA GLY C 37 -60.17 -27.24 3.77
C GLY C 37 -59.77 -26.79 5.16
N ASN C 38 -60.51 -25.84 5.69
CA ASN C 38 -60.13 -25.34 6.99
C ASN C 38 -60.92 -25.73 8.22
N ALA C 39 -60.77 -27.02 8.54
CA ALA C 39 -61.37 -27.67 9.70
C ALA C 39 -62.00 -26.79 10.79
N GLU C 40 -61.17 -26.31 11.69
CA GLU C 40 -61.68 -25.48 12.76
C GLU C 40 -62.28 -24.18 12.28
N LEU C 41 -61.76 -23.59 11.22
CA LEU C 41 -62.42 -22.36 10.79
C LEU C 41 -63.91 -22.73 10.56
N GLN C 42 -64.14 -23.90 9.96
CA GLN C 42 -65.48 -24.39 9.72
C GLN C 42 -66.22 -24.68 11.03
N THR C 43 -65.59 -25.48 11.90
CA THR C 43 -66.21 -25.82 13.17
C THR C 43 -66.66 -24.53 13.79
N TYR C 44 -65.67 -23.64 13.91
CA TYR C 44 -65.86 -22.33 14.46
C TYR C 44 -67.13 -21.75 13.83
N LEU C 45 -67.18 -21.78 12.51
CA LEU C 45 -68.33 -21.25 11.82
C LEU C 45 -69.68 -21.74 12.33
N ARG C 46 -69.81 -23.06 12.57
CA ARG C 46 -71.07 -23.67 13.07
C ARG C 46 -71.41 -22.99 14.37
N GLN C 47 -70.41 -22.92 15.21
CA GLN C 47 -70.52 -22.32 16.50
C GLN C 47 -70.77 -20.83 16.46
N ILE C 48 -70.84 -20.24 15.28
CA ILE C 48 -71.03 -18.79 15.27
C ILE C 48 -72.04 -18.22 14.26
N THR C 49 -72.71 -19.09 13.51
CA THR C 49 -73.67 -18.60 12.52
C THR C 49 -75.11 -18.86 12.94
N PRO C 50 -75.79 -17.84 13.53
CA PRO C 50 -77.19 -18.02 13.96
C PRO C 50 -78.06 -18.34 12.72
N GLY C 51 -78.82 -19.44 12.78
CA GLY C 51 -79.67 -19.93 11.67
C GLY C 51 -80.42 -19.03 10.69
N TRP C 52 -80.57 -19.53 9.46
CA TRP C 52 -81.26 -18.80 8.40
C TRP C 52 -80.50 -17.49 8.20
N SER C 53 -79.20 -17.65 8.06
CA SER C 53 -78.34 -16.50 7.83
C SER C 53 -77.42 -16.96 6.73
N ILE C 54 -77.31 -16.13 5.70
CA ILE C 54 -76.44 -16.50 4.60
C ILE C 54 -75.30 -15.51 4.41
N TYR C 55 -74.09 -16.03 4.46
CA TYR C 55 -72.95 -15.18 4.33
C TYR C 55 -72.27 -15.48 3.02
N GLY C 56 -71.80 -14.42 2.36
CA GLY C 56 -71.13 -14.57 1.06
C GLY C 56 -69.61 -14.73 1.04
N LEU C 57 -69.12 -15.61 0.18
CA LEU C 57 -67.70 -15.86 0.01
C LEU C 57 -67.31 -15.30 -1.35
N TYR C 58 -66.09 -15.53 -1.82
CA TYR C 58 -65.67 -15.02 -3.14
C TYR C 58 -66.49 -15.75 -4.18
N ASP C 59 -66.45 -17.08 -4.14
CA ASP C 59 -67.24 -17.90 -5.05
C ASP C 59 -68.55 -18.19 -4.35
N GLY C 60 -68.65 -19.36 -3.74
CA GLY C 60 -69.89 -19.71 -3.08
C GLY C 60 -70.54 -18.87 -1.97
N THR C 61 -71.35 -19.55 -1.16
CA THR C 61 -72.07 -18.93 -0.06
C THR C 61 -72.04 -19.85 1.15
N TYR C 62 -72.36 -19.32 2.32
CA TYR C 62 -72.40 -20.15 3.51
C TYR C 62 -73.81 -20.07 4.02
N LEU C 63 -74.49 -21.22 3.92
CA LEU C 63 -75.86 -21.38 4.40
C LEU C 63 -75.67 -21.67 5.88
N GLY C 64 -76.11 -20.69 6.71
CA GLY C 64 -76.03 -20.81 8.16
C GLY C 64 -76.37 -22.19 8.71
N GLN C 65 -75.94 -22.46 9.95
CA GLN C 65 -76.18 -23.77 10.59
C GLN C 65 -77.67 -24.21 10.70
N ALA C 66 -78.57 -23.34 10.22
CA ALA C 66 -80.01 -23.67 10.18
C ALA C 66 -80.15 -24.66 9.01
N TYR C 67 -79.43 -24.37 7.93
CA TYR C 67 -79.47 -25.27 6.80
C TYR C 67 -78.41 -26.30 7.20
N GLY C 68 -77.65 -25.96 8.22
CA GLY C 68 -76.59 -26.83 8.73
C GLY C 68 -75.17 -26.28 8.52
N GLY C 69 -75.04 -25.26 7.68
CA GLY C 69 -73.70 -24.78 7.38
C GLY C 69 -73.31 -25.46 6.07
N ILE C 70 -73.63 -24.79 4.97
CA ILE C 70 -73.27 -25.39 3.72
C ILE C 70 -72.44 -24.46 2.85
N ILE C 71 -71.38 -25.05 2.30
CA ILE C 71 -70.46 -24.38 1.41
C ILE C 71 -71.07 -24.73 0.09
N LYS C 72 -71.73 -23.77 -0.51
CA LYS C 72 -72.40 -23.93 -1.78
C LYS C 72 -71.60 -23.13 -2.81
N ASP C 73 -71.14 -23.76 -3.89
CA ASP C 73 -70.39 -23.04 -4.94
C ASP C 73 -71.21 -21.88 -5.52
N ALA C 74 -70.61 -21.11 -6.41
CA ALA C 74 -71.26 -19.95 -7.05
C ALA C 74 -70.20 -19.12 -7.78
N PRO C 75 -70.61 -18.35 -8.80
CA PRO C 75 -69.67 -17.53 -9.54
C PRO C 75 -69.01 -16.44 -8.70
N PRO C 76 -67.85 -15.93 -9.19
CA PRO C 76 -67.03 -14.90 -8.58
C PRO C 76 -67.83 -13.63 -8.42
N GLY C 77 -67.93 -13.18 -7.19
CA GLY C 77 -68.63 -11.93 -6.97
C GLY C 77 -70.10 -12.10 -6.79
N ALA C 78 -70.56 -13.31 -7.08
CA ALA C 78 -71.97 -13.63 -6.97
C ALA C 78 -72.46 -13.53 -5.52
N GLY C 79 -71.78 -14.21 -4.61
CA GLY C 79 -72.18 -14.21 -3.21
C GLY C 79 -72.12 -12.81 -2.62
N PHE C 80 -71.58 -11.87 -3.38
CA PHE C 80 -71.46 -10.55 -2.85
C PHE C 80 -72.76 -9.88 -2.63
N ILE C 81 -73.82 -10.39 -3.23
CA ILE C 81 -75.11 -9.72 -3.06
C ILE C 81 -75.59 -9.53 -1.63
N TYR C 82 -75.21 -10.45 -0.75
CA TYR C 82 -75.66 -10.33 0.62
C TYR C 82 -74.94 -9.24 1.43
N ARG C 83 -75.39 -8.99 2.65
CA ARG C 83 -74.80 -7.97 3.47
C ARG C 83 -73.53 -8.40 4.17
N GLU C 84 -73.35 -9.67 4.50
CA GLU C 84 -72.12 -10.08 5.19
C GLU C 84 -71.21 -10.99 4.37
N THR C 85 -70.00 -10.49 4.06
CA THR C 85 -69.01 -11.26 3.28
C THR C 85 -67.93 -11.79 4.20
N PHE C 86 -67.42 -12.99 3.94
CA PHE C 86 -66.36 -13.57 4.76
C PHE C 86 -65.03 -13.11 4.20
N CYS C 87 -64.15 -12.64 5.08
CA CYS C 87 -62.84 -12.16 4.67
C CYS C 87 -61.72 -12.68 5.60
N ILE C 88 -60.50 -12.64 5.09
CA ILE C 88 -59.35 -13.02 5.87
C ILE C 88 -58.41 -11.80 5.79
N THR C 89 -57.68 -11.54 6.87
CA THR C 89 -56.72 -10.44 6.85
C THR C 89 -55.61 -11.19 6.12
N THR C 90 -54.88 -10.49 5.28
CA THR C 90 -53.86 -11.15 4.51
C THR C 90 -52.47 -11.34 5.02
N ILE C 91 -52.16 -10.76 6.19
CA ILE C 91 -50.80 -10.87 6.75
C ILE C 91 -50.80 -11.73 7.95
N TYR C 92 -49.91 -12.71 7.98
CA TYR C 92 -49.84 -13.59 9.13
C TYR C 92 -48.41 -13.63 9.63
N LYS C 93 -48.25 -13.36 10.93
CA LYS C 93 -46.91 -13.36 11.51
C LYS C 93 -46.52 -14.81 11.75
N THR C 94 -45.66 -15.36 10.89
CA THR C 94 -45.20 -16.72 11.01
C THR C 94 -44.56 -16.98 12.34
N GLY C 95 -43.93 -15.95 12.88
CA GLY C 95 -43.25 -16.08 14.17
C GLY C 95 -42.01 -16.93 13.97
N GLN C 96 -41.58 -17.06 12.70
CA GLN C 96 -40.39 -17.82 12.37
C GLN C 96 -39.20 -16.84 12.61
N PRO C 97 -37.95 -17.35 12.58
CA PRO C 97 -36.82 -16.42 12.80
C PRO C 97 -36.76 -15.50 11.59
N ALA C 98 -36.20 -14.31 11.75
CA ALA C 98 -36.07 -13.35 10.65
C ALA C 98 -34.94 -13.65 9.60
N ALA C 99 -34.60 -14.92 9.36
CA ALA C 99 -33.55 -15.30 8.41
C ALA C 99 -33.89 -15.10 6.91
N ASP C 100 -32.85 -15.13 6.05
CA ASP C 100 -32.94 -14.93 4.60
C ASP C 100 -32.95 -16.21 3.81
N HIS C 101 -33.94 -16.36 2.93
CA HIS C 101 -34.08 -17.52 2.06
C HIS C 101 -34.22 -17.00 0.64
N TYR C 102 -33.63 -17.66 -0.35
CA TYR C 102 -33.76 -17.15 -1.71
C TYR C 102 -34.14 -18.22 -2.73
N TYR C 103 -34.64 -17.83 -3.90
CA TYR C 103 -35.04 -18.77 -4.95
C TYR C 103 -34.43 -18.35 -6.24
N SER C 104 -33.60 -19.18 -6.84
CA SER C 104 -32.94 -18.75 -8.08
C SER C 104 -33.61 -19.12 -9.39
N LYS C 105 -33.26 -18.37 -10.43
CA LYS C 105 -33.73 -18.54 -11.80
C LYS C 105 -35.19 -18.27 -12.02
N VAL C 106 -35.81 -17.57 -11.11
CA VAL C 106 -37.20 -17.26 -11.24
C VAL C 106 -37.44 -16.04 -12.11
N THR C 107 -38.70 -15.79 -12.46
CA THR C 107 -39.14 -14.65 -13.25
C THR C 107 -40.34 -14.11 -12.53
N ALA C 108 -40.58 -12.82 -12.63
CA ALA C 108 -41.74 -12.26 -11.93
C ALA C 108 -42.94 -12.25 -12.83
N THR C 109 -44.12 -12.56 -12.28
CA THR C 109 -45.37 -12.59 -13.04
C THR C 109 -46.52 -12.38 -12.09
N ARG C 110 -47.72 -12.26 -12.64
CA ARG C 110 -48.90 -12.12 -11.83
C ARG C 110 -48.90 -11.04 -10.79
N LEU C 111 -48.79 -9.80 -11.21
CA LEU C 111 -48.78 -8.68 -10.27
C LEU C 111 -50.11 -8.69 -9.54
N LEU C 112 -50.20 -8.06 -8.38
CA LEU C 112 -51.44 -8.04 -7.61
C LEU C 112 -51.40 -6.87 -6.68
N ALA C 113 -52.35 -5.95 -6.76
CA ALA C 113 -52.36 -4.81 -5.87
C ALA C 113 -53.70 -4.64 -5.19
N SER C 114 -53.68 -4.18 -3.95
CA SER C 114 -54.88 -3.94 -3.16
C SER C 114 -54.88 -2.44 -3.01
N THR C 115 -55.63 -1.83 -2.10
CA THR C 115 -55.56 -0.39 -1.96
C THR C 115 -54.43 -0.03 -1.02
N ASN C 116 -54.70 0.07 0.29
CA ASN C 116 -53.63 0.41 1.22
C ASN C 116 -53.01 -0.86 1.78
N SER C 117 -52.43 -1.66 0.89
CA SER C 117 -51.85 -2.93 1.27
C SER C 117 -50.72 -3.19 0.32
N ARG C 118 -50.33 -4.44 0.09
CA ARG C 118 -49.17 -4.69 -0.75
C ARG C 118 -49.26 -4.79 -2.24
N LEU C 119 -48.12 -5.04 -2.84
CA LEU C 119 -47.97 -5.27 -4.25
C LEU C 119 -47.29 -6.62 -4.18
N CYS C 120 -47.75 -7.61 -4.93
CA CYS C 120 -47.11 -8.91 -4.87
C CYS C 120 -46.81 -9.35 -6.26
N ALA C 121 -46.13 -10.46 -6.40
CA ALA C 121 -45.82 -11.01 -7.70
C ALA C 121 -45.52 -12.46 -7.46
N VAL C 122 -45.88 -13.32 -8.38
CA VAL C 122 -45.61 -14.73 -8.22
C VAL C 122 -44.42 -15.01 -9.09
N PHE C 123 -43.39 -15.57 -8.47
CA PHE C 123 -42.13 -15.90 -9.13
C PHE C 123 -42.18 -17.31 -9.67
N VAL C 124 -41.78 -17.43 -10.92
CA VAL C 124 -41.89 -18.68 -11.66
C VAL C 124 -40.65 -19.27 -12.26
N ARG C 125 -40.40 -20.54 -12.00
CA ARG C 125 -39.27 -21.21 -12.60
C ARG C 125 -39.90 -22.17 -13.59
N ASP C 126 -39.32 -22.28 -14.78
CA ASP C 126 -39.76 -23.20 -15.84
C ASP C 126 -41.22 -23.69 -15.73
N GLY C 127 -42.20 -22.79 -15.83
CA GLY C 127 -43.60 -23.25 -15.69
C GLY C 127 -44.10 -23.29 -14.24
N GLN C 128 -43.36 -23.95 -13.36
CA GLN C 128 -43.68 -24.05 -11.92
C GLN C 128 -43.76 -22.67 -11.23
N SER C 129 -44.70 -22.50 -10.30
CA SER C 129 -44.82 -21.25 -9.58
C SER C 129 -44.01 -21.53 -8.38
N VAL C 130 -42.74 -21.13 -8.39
CA VAL C 130 -41.87 -21.36 -7.25
C VAL C 130 -42.29 -20.63 -5.98
N ILE C 131 -42.27 -19.30 -5.94
CA ILE C 131 -42.71 -18.61 -4.72
C ILE C 131 -43.35 -17.29 -5.01
N GLY C 132 -44.06 -16.77 -4.01
CA GLY C 132 -44.71 -15.48 -4.11
C GLY C 132 -44.00 -14.51 -3.21
N ALA C 133 -43.95 -13.23 -3.57
CA ALA C 133 -43.27 -12.23 -2.77
C ALA C 133 -44.10 -10.99 -2.80
N CYS C 134 -44.14 -10.24 -1.72
CA CYS C 134 -44.92 -8.99 -1.70
C CYS C 134 -44.06 -7.79 -1.18
N ALA C 135 -44.56 -6.58 -1.24
CA ALA C 135 -43.82 -5.45 -0.73
C ALA C 135 -44.83 -4.35 -0.57
N SER C 136 -44.93 -3.72 0.59
CA SER C 136 -45.89 -2.65 0.74
C SER C 136 -45.33 -1.44 1.41
N PRO C 137 -45.80 -0.26 1.05
CA PRO C 137 -45.26 0.88 1.73
C PRO C 137 -46.11 1.17 2.92
N TYR C 138 -47.06 0.29 3.22
CA TYR C 138 -47.97 0.53 4.31
C TYR C 138 -47.77 -0.19 5.63
N GLU C 139 -47.47 -1.48 5.55
CA GLU C 139 -47.26 -2.26 6.74
C GLU C 139 -46.26 -3.34 6.36
N GLY C 140 -45.65 -3.96 7.37
CA GLY C 140 -44.66 -5.01 7.15
C GLY C 140 -43.32 -4.60 7.76
N ARG C 141 -42.37 -5.52 7.82
CA ARG C 141 -41.06 -5.23 8.36
C ARG C 141 -40.26 -4.35 7.42
N TYR C 142 -40.09 -4.86 6.22
CA TYR C 142 -39.33 -4.17 5.21
C TYR C 142 -40.14 -3.04 4.57
N ARG C 143 -41.08 -2.57 5.38
CA ARG C 143 -41.98 -1.49 5.09
C ARG C 143 -41.25 -0.39 4.34
N ASP C 144 -40.05 -0.02 4.80
CA ASP C 144 -39.28 1.06 4.17
C ASP C 144 -38.51 0.75 2.91
N MET C 145 -38.32 -0.53 2.63
CA MET C 145 -37.61 -0.93 1.44
C MET C 145 -38.49 -0.97 0.22
N TYR C 146 -39.78 -0.68 0.41
CA TYR C 146 -40.77 -0.72 -0.70
C TYR C 146 -40.44 0.15 -1.88
N ASP C 147 -40.23 1.44 -1.63
CA ASP C 147 -39.95 2.36 -2.69
C ASP C 147 -38.76 2.01 -3.56
N ALA C 148 -37.89 1.14 -3.07
CA ALA C 148 -36.73 0.78 -3.85
C ALA C 148 -37.03 -0.48 -4.60
N LEU C 149 -37.64 -1.45 -3.90
CA LEU C 149 -37.96 -2.74 -4.47
C LEU C 149 -38.91 -2.62 -5.62
N ARG C 150 -39.99 -1.88 -5.42
CA ARG C 150 -41.00 -1.67 -6.45
C ARG C 150 -40.35 -1.32 -7.77
N ARG C 151 -39.33 -0.50 -7.74
CA ARG C 151 -38.67 -0.07 -8.96
C ARG C 151 -37.98 -1.17 -9.76
N LEU C 152 -37.46 -2.17 -9.05
CA LEU C 152 -36.76 -3.29 -9.66
C LEU C 152 -37.78 -4.42 -9.95
N LEU C 153 -38.86 -4.47 -9.16
CA LEU C 153 -39.88 -5.47 -9.39
C LEU C 153 -40.46 -5.09 -10.75
N TYR C 154 -40.76 -3.80 -10.89
CA TYR C 154 -41.29 -3.28 -12.11
C TYR C 154 -40.40 -3.51 -13.32
N MET C 155 -39.10 -3.47 -13.15
CA MET C 155 -38.19 -3.67 -14.26
C MET C 155 -38.12 -5.14 -14.67
N ILE C 156 -37.90 -6.02 -13.71
CA ILE C 156 -37.78 -7.44 -14.03
C ILE C 156 -39.08 -7.97 -14.56
N TYR C 157 -40.19 -7.42 -14.10
CA TYR C 157 -41.51 -7.82 -14.57
C TYR C 157 -41.62 -7.41 -16.02
N MET C 158 -41.32 -6.16 -16.30
CA MET C 158 -41.38 -5.62 -17.65
C MET C 158 -40.44 -6.18 -18.70
N SER C 159 -39.48 -7.01 -18.33
CA SER C 159 -38.52 -7.58 -19.28
C SER C 159 -38.32 -9.03 -18.88
N GLY C 160 -37.78 -9.86 -19.78
CA GLY C 160 -37.56 -11.26 -19.40
C GLY C 160 -36.89 -11.40 -18.02
N LEU C 161 -35.64 -10.98 -17.97
CA LEU C 161 -34.73 -11.00 -16.83
C LEU C 161 -35.06 -11.91 -15.68
N ALA C 162 -34.32 -13.02 -15.68
CA ALA C 162 -34.42 -14.06 -14.66
C ALA C 162 -33.87 -13.42 -13.40
N VAL C 163 -33.98 -14.07 -12.27
CA VAL C 163 -33.57 -13.38 -11.08
C VAL C 163 -33.40 -14.35 -9.91
N ARG C 164 -32.78 -13.90 -8.84
CA ARG C 164 -32.70 -14.71 -7.66
C ARG C 164 -33.49 -13.81 -6.75
N VAL C 165 -34.56 -14.31 -6.15
CA VAL C 165 -35.33 -13.47 -5.29
C VAL C 165 -35.02 -13.85 -3.88
N HIS C 166 -34.94 -12.86 -3.01
CA HIS C 166 -34.63 -13.08 -1.60
C HIS C 166 -35.92 -12.82 -0.80
N VAL C 167 -36.36 -13.83 -0.06
CA VAL C 167 -37.57 -13.75 0.73
C VAL C 167 -37.37 -14.07 2.19
N SER C 168 -38.07 -13.33 3.02
CA SER C 168 -38.01 -13.46 4.47
C SER C 168 -39.24 -14.21 4.95
N LYS C 169 -39.11 -15.51 5.21
CA LYS C 169 -40.25 -16.32 5.66
C LYS C 169 -40.78 -15.81 6.99
N GLU C 170 -40.32 -14.63 7.35
CA GLU C 170 -40.69 -14.00 8.58
C GLU C 170 -42.17 -13.83 8.63
N GLU C 171 -42.71 -13.14 7.62
CA GLU C 171 -44.15 -12.92 7.53
C GLU C 171 -44.71 -13.57 6.28
N GLN C 172 -45.88 -14.16 6.45
CA GLN C 172 -46.56 -14.87 5.38
C GLN C 172 -47.76 -14.04 4.91
N TYR C 173 -47.96 -13.97 3.60
CA TYR C 173 -49.08 -13.22 3.05
C TYR C 173 -50.06 -14.13 2.35
N TYR C 174 -51.35 -13.78 2.42
CA TYR C 174 -52.42 -14.58 1.82
C TYR C 174 -53.20 -13.83 0.79
N ASP C 175 -52.56 -12.86 0.15
CA ASP C 175 -53.23 -12.08 -0.84
C ASP C 175 -53.80 -12.88 -2.01
N TYR C 176 -53.01 -13.71 -2.69
CA TYR C 176 -53.63 -14.47 -3.76
C TYR C 176 -54.58 -15.51 -3.18
N GLU C 177 -55.74 -15.68 -3.82
CA GLU C 177 -56.74 -16.64 -3.39
C GLU C 177 -56.47 -17.99 -4.02
N ASP C 178 -56.61 -19.04 -3.20
CA ASP C 178 -56.37 -20.44 -3.59
C ASP C 178 -55.01 -20.57 -4.24
N ALA C 179 -53.97 -20.53 -3.43
CA ALA C 179 -52.65 -20.62 -3.98
C ALA C 179 -51.99 -21.95 -3.72
N THR C 180 -51.10 -22.31 -4.62
CA THR C 180 -50.37 -23.54 -4.43
C THR C 180 -48.90 -23.22 -4.24
N PHE C 181 -48.62 -21.98 -3.83
CA PHE C 181 -47.29 -21.51 -3.60
C PHE C 181 -47.48 -20.64 -2.39
N GLN C 182 -46.39 -20.36 -1.67
CA GLN C 182 -46.53 -19.53 -0.48
C GLN C 182 -45.96 -18.17 -0.74
N THR C 183 -46.48 -17.16 -0.05
CA THR C 183 -45.92 -15.84 -0.28
C THR C 183 -45.40 -15.18 1.00
N TYR C 184 -44.24 -14.56 0.85
CA TYR C 184 -43.61 -13.91 1.96
C TYR C 184 -43.15 -12.51 1.55
N ALA C 185 -42.55 -11.82 2.52
CA ALA C 185 -42.00 -10.47 2.39
C ALA C 185 -40.74 -10.49 1.49
N LEU C 186 -40.73 -9.62 0.49
CA LEU C 186 -39.63 -9.53 -0.45
C LEU C 186 -38.59 -8.64 0.20
N THR C 187 -37.34 -9.11 0.23
CA THR C 187 -36.26 -8.36 0.80
C THR C 187 -35.16 -8.16 -0.19
N GLY C 188 -35.12 -8.92 -1.26
CA GLY C 188 -34.04 -8.66 -2.20
C GLY C 188 -34.13 -9.27 -3.58
N ILE C 189 -33.58 -8.59 -4.57
CA ILE C 189 -33.64 -9.07 -5.92
C ILE C 189 -32.22 -8.99 -6.47
N SER C 190 -31.79 -9.94 -7.27
CA SER C 190 -30.45 -9.87 -7.82
C SER C 190 -30.52 -10.43 -9.21
N LEU C 191 -30.43 -9.59 -10.22
CA LEU C 191 -30.48 -10.13 -11.56
C LEU C 191 -29.50 -11.24 -11.68
N CYS C 192 -29.95 -12.34 -12.26
CA CYS C 192 -29.07 -13.48 -12.44
C CYS C 192 -27.77 -13.10 -13.17
N ASN C 193 -26.69 -13.71 -12.71
CA ASN C 193 -25.38 -13.51 -13.31
C ASN C 193 -24.58 -14.78 -13.06
N PRO C 194 -24.49 -15.62 -14.08
CA PRO C 194 -23.75 -16.89 -14.01
C PRO C 194 -22.34 -16.59 -13.58
N ALA C 195 -21.60 -15.86 -14.41
CA ALA C 195 -20.22 -15.51 -14.13
C ALA C 195 -19.98 -15.12 -12.67
N ALA C 196 -20.87 -14.31 -12.14
CA ALA C 196 -20.74 -13.82 -10.78
C ALA C 196 -21.26 -14.85 -9.80
N SER C 197 -21.49 -16.04 -10.34
CA SER C 197 -22.04 -17.17 -9.58
C SER C 197 -23.36 -16.80 -8.89
N ILE C 198 -24.15 -15.92 -9.50
CA ILE C 198 -25.41 -15.58 -8.85
C ILE C 198 -26.58 -16.58 -9.17
N CYS C 199 -26.87 -16.86 -10.45
CA CYS C 199 -27.96 -17.82 -10.62
C CYS C 199 -27.50 -19.22 -10.96
N ASP D 1 -12.37 -4.98 4.29
CA ASP D 1 -11.94 -3.74 3.54
C ASP D 1 -10.71 -4.03 2.75
N VAL D 2 -10.31 -3.05 1.97
CA VAL D 2 -9.10 -3.18 1.20
C VAL D 2 -8.20 -2.04 1.71
N PRO D 3 -6.92 -2.09 1.39
CA PRO D 3 -6.02 -1.05 1.86
C PRO D 3 -6.38 0.31 1.30
N TYR D 4 -6.43 0.38 -0.02
CA TYR D 4 -6.72 1.63 -0.65
C TYR D 4 -7.78 1.50 -1.72
N VAL D 5 -8.29 2.65 -2.16
CA VAL D 5 -9.28 2.74 -3.21
C VAL D 5 -8.71 2.22 -4.52
N LEU D 6 -9.49 1.39 -5.21
CA LEU D 6 -9.06 0.91 -6.53
C LEU D 6 -9.85 1.69 -7.58
N VAL D 7 -9.20 2.04 -8.66
CA VAL D 7 -9.88 2.72 -9.74
C VAL D 7 -9.86 1.64 -10.80
N LYS D 8 -11.00 1.33 -11.42
CA LYS D 8 -11.01 0.31 -12.47
C LYS D 8 -11.63 0.98 -13.67
N THR D 9 -11.05 0.72 -14.85
CA THR D 9 -11.54 1.33 -16.08
C THR D 9 -12.20 0.29 -17.00
N ASN D 10 -13.04 0.75 -17.91
CA ASN D 10 -13.70 -0.14 -18.82
C ASN D 10 -14.54 -1.18 -18.13
N MET D 11 -15.26 -0.77 -17.11
CA MET D 11 -16.15 -1.71 -16.43
C MET D 11 -17.58 -1.56 -17.00
N VAL D 12 -18.28 -2.67 -17.17
CA VAL D 12 -19.62 -2.69 -17.73
C VAL D 12 -20.49 -3.36 -16.70
N VAL D 13 -21.42 -2.63 -16.10
CA VAL D 13 -22.32 -3.20 -15.10
C VAL D 13 -23.18 -4.27 -15.80
N THR D 14 -23.20 -5.49 -15.28
CA THR D 14 -23.94 -6.54 -15.96
C THR D 14 -25.03 -7.26 -15.18
N SER D 15 -25.23 -6.86 -13.94
CA SER D 15 -26.22 -7.44 -13.09
C SER D 15 -26.49 -6.30 -12.14
N VAL D 16 -27.58 -6.30 -11.42
CA VAL D 16 -27.88 -5.21 -10.51
C VAL D 16 -28.64 -5.87 -9.39
N ALA D 17 -28.90 -5.17 -8.28
CA ALA D 17 -29.62 -5.82 -7.21
C ALA D 17 -29.82 -4.93 -6.06
N MET D 18 -30.68 -5.29 -5.13
CA MET D 18 -30.92 -4.52 -3.94
C MET D 18 -30.98 -5.53 -2.83
N LYS D 19 -30.66 -5.15 -1.61
CA LYS D 19 -30.73 -6.05 -0.45
C LYS D 19 -30.79 -5.14 0.74
N PRO D 20 -30.97 -5.68 1.93
CA PRO D 20 -31.03 -4.75 3.06
C PRO D 20 -29.62 -4.42 3.55
N TYR D 21 -29.48 -3.41 4.42
CA TYR D 21 -28.14 -3.10 4.94
C TYR D 21 -27.94 -4.11 6.06
N GLU D 22 -27.01 -5.04 5.86
CA GLU D 22 -26.73 -6.12 6.80
C GLU D 22 -26.60 -5.67 8.25
N VAL D 23 -26.57 -4.36 8.46
CA VAL D 23 -26.49 -3.84 9.81
C VAL D 23 -27.37 -2.62 10.10
N THR D 24 -27.99 -2.06 9.06
CA THR D 24 -28.84 -0.91 9.32
C THR D 24 -30.21 -0.97 8.73
N PRO D 25 -31.21 -0.72 9.58
CA PRO D 25 -32.64 -0.72 9.21
C PRO D 25 -33.01 0.60 8.51
N THR D 26 -32.03 1.48 8.33
CA THR D 26 -32.27 2.77 7.74
C THR D 26 -31.55 2.95 6.41
N ARG D 27 -30.80 1.94 6.05
CA ARG D 27 -30.09 2.02 4.79
C ARG D 27 -30.31 0.67 4.13
N MET D 28 -29.82 0.52 2.90
CA MET D 28 -29.93 -0.71 2.16
C MET D 28 -28.92 -0.53 1.07
N LEU D 29 -28.54 -1.62 0.44
CA LEU D 29 -27.56 -1.48 -0.60
C LEU D 29 -28.19 -1.71 -1.91
N VAL D 30 -27.51 -1.20 -2.91
CA VAL D 30 -27.89 -1.35 -4.29
C VAL D 30 -26.60 -1.99 -4.76
N CYS D 31 -26.58 -3.25 -5.14
CA CYS D 31 -25.34 -3.85 -5.57
C CYS D 31 -25.32 -4.15 -7.03
N GLY D 32 -24.20 -4.68 -7.50
CA GLY D 32 -24.07 -4.99 -8.90
C GLY D 32 -22.92 -5.93 -9.11
N ILE D 33 -22.51 -6.13 -10.34
CA ILE D 33 -21.40 -6.98 -10.72
C ILE D 33 -20.94 -6.24 -11.94
N ALA D 34 -19.67 -5.87 -11.97
CA ALA D 34 -19.10 -5.11 -13.09
C ALA D 34 -18.06 -5.96 -13.72
N ALA D 35 -17.85 -5.81 -15.00
CA ALA D 35 -16.83 -6.62 -15.64
C ALA D 35 -15.93 -5.75 -16.45
N LYS D 36 -14.64 -6.04 -16.49
CA LYS D 36 -13.76 -5.20 -17.30
C LYS D 36 -13.61 -5.78 -18.67
N LEU D 37 -13.95 -4.97 -19.67
CA LEU D 37 -13.83 -5.42 -21.04
C LEU D 37 -12.49 -6.13 -21.23
N GLY D 38 -12.48 -7.17 -22.07
CA GLY D 38 -11.25 -7.91 -22.36
C GLY D 38 -10.63 -8.86 -21.33
N ALA D 39 -11.17 -8.90 -20.12
CA ALA D 39 -10.58 -9.78 -19.13
C ALA D 39 -10.94 -11.27 -19.39
N ALA D 40 -10.34 -12.15 -18.58
CA ALA D 40 -10.62 -13.61 -18.71
C ALA D 40 -11.65 -14.01 -17.67
N ALA D 41 -12.54 -14.94 -18.06
CA ALA D 41 -13.60 -15.47 -17.16
C ALA D 41 -12.98 -15.92 -15.82
N SER D 42 -11.70 -16.23 -15.97
CA SER D 42 -10.79 -16.61 -14.94
C SER D 42 -10.41 -15.32 -14.20
N SER D 43 -10.02 -14.31 -14.98
CA SER D 43 -9.62 -13.00 -14.43
C SER D 43 -10.61 -12.48 -13.40
N PRO D 44 -10.06 -11.98 -12.32
CA PRO D 44 -10.80 -11.41 -11.18
C PRO D 44 -11.60 -10.19 -11.65
N ASP D 45 -11.04 -9.42 -12.60
CA ASP D 45 -11.71 -8.24 -13.08
C ASP D 45 -12.86 -8.60 -14.04
N ALA D 46 -13.16 -9.89 -14.14
CA ALA D 46 -14.26 -10.36 -14.99
C ALA D 46 -15.61 -10.18 -14.29
N HIS D 47 -15.62 -9.92 -13.00
CA HIS D 47 -16.88 -9.71 -12.30
C HIS D 47 -16.69 -9.12 -10.93
N VAL D 48 -16.43 -7.83 -10.91
CA VAL D 48 -16.23 -7.12 -9.69
C VAL D 48 -17.55 -6.72 -9.09
N PRO D 49 -17.90 -7.28 -7.95
CA PRO D 49 -19.16 -6.94 -7.29
C PRO D 49 -19.04 -5.70 -6.45
N PHE D 50 -20.02 -4.79 -6.55
CA PHE D 50 -19.97 -3.57 -5.78
C PHE D 50 -21.27 -3.35 -5.03
N CYS D 51 -21.38 -2.26 -4.29
CA CYS D 51 -22.59 -1.91 -3.54
C CYS D 51 -22.41 -0.50 -3.04
N PHE D 52 -23.50 0.22 -2.82
CA PHE D 52 -23.43 1.57 -2.30
C PHE D 52 -24.64 1.76 -1.47
N GLY D 53 -24.53 2.49 -0.41
CA GLY D 53 -25.69 2.62 0.43
C GLY D 53 -26.72 3.52 -0.16
N LYS D 54 -27.93 3.37 0.32
CA LYS D 54 -29.04 4.19 -0.11
C LYS D 54 -29.72 4.47 1.19
N ASP D 55 -30.11 5.71 1.38
CA ASP D 55 -30.73 6.06 2.64
C ASP D 55 -32.22 5.91 2.58
N LEU D 56 -32.72 4.92 3.30
CA LEU D 56 -34.15 4.67 3.29
C LEU D 56 -34.97 5.72 3.99
N LYS D 57 -34.41 6.87 4.25
CA LYS D 57 -35.23 7.88 4.89
C LYS D 57 -35.38 9.11 4.02
N ARG D 58 -34.68 9.08 2.87
CA ARG D 58 -34.71 10.20 1.93
C ARG D 58 -35.24 9.66 0.61
N PRO D 59 -36.54 9.82 0.41
CA PRO D 59 -37.39 9.42 -0.72
C PRO D 59 -36.92 9.89 -2.07
N GLY D 60 -36.70 8.95 -2.99
CA GLY D 60 -36.28 9.30 -4.32
C GLY D 60 -35.24 8.35 -4.84
N SER D 61 -34.47 8.77 -5.82
CA SER D 61 -33.39 7.95 -6.32
C SER D 61 -32.20 8.84 -6.15
N SER D 62 -31.05 8.27 -5.81
CA SER D 62 -29.85 9.09 -5.61
C SER D 62 -29.16 9.37 -6.95
N PRO D 63 -28.24 10.34 -6.98
CA PRO D 63 -27.57 10.62 -8.24
C PRO D 63 -26.85 9.44 -8.73
N MET D 64 -26.44 8.57 -7.82
CA MET D 64 -25.73 7.36 -8.21
C MET D 64 -26.70 6.29 -8.72
N GLU D 65 -27.93 6.30 -8.22
CA GLU D 65 -28.95 5.33 -8.68
C GLU D 65 -29.28 5.69 -10.12
N VAL D 66 -29.68 6.94 -10.37
CA VAL D 66 -30.04 7.37 -11.71
C VAL D 66 -28.99 6.96 -12.72
N MET D 67 -27.75 7.06 -12.37
CA MET D 67 -26.70 6.70 -13.32
C MET D 67 -26.55 5.21 -13.57
N LEU D 68 -26.63 4.39 -12.52
CA LEU D 68 -26.48 2.92 -12.66
C LEU D 68 -27.55 2.37 -13.57
N ARG D 69 -28.76 2.95 -13.44
CA ARG D 69 -29.94 2.60 -14.19
C ARG D 69 -29.62 2.86 -15.62
N ALA D 70 -29.15 4.07 -15.89
CA ALA D 70 -28.84 4.47 -17.23
C ALA D 70 -27.71 3.70 -17.93
N VAL D 71 -26.57 3.58 -17.27
CA VAL D 71 -25.42 2.93 -17.88
C VAL D 71 -25.58 1.41 -17.95
N PHE D 72 -26.38 0.84 -17.04
CA PHE D 72 -26.65 -0.60 -17.04
C PHE D 72 -27.50 -0.91 -18.28
N MET D 73 -28.48 -0.04 -18.50
CA MET D 73 -29.41 -0.15 -19.61
C MET D 73 -28.69 -0.07 -20.93
N GLN D 74 -27.81 0.91 -21.08
CA GLN D 74 -27.08 1.08 -22.32
C GLN D 74 -25.73 0.34 -22.41
N GLN D 75 -25.39 -0.39 -21.35
CA GLN D 75 -24.11 -1.09 -21.29
C GLN D 75 -22.97 -0.14 -21.58
N ARG D 76 -22.79 0.83 -20.70
CA ARG D 76 -21.75 1.82 -20.85
C ARG D 76 -20.54 1.58 -19.97
N PRO D 77 -19.34 1.55 -20.58
CA PRO D 77 -18.10 1.34 -19.85
C PRO D 77 -17.79 2.48 -18.84
N LEU D 78 -17.45 2.06 -17.63
CA LEU D 78 -17.21 2.95 -16.53
C LEU D 78 -15.79 2.88 -15.93
N ARG D 79 -15.46 3.93 -15.16
CA ARG D 79 -14.23 4.11 -14.42
C ARG D 79 -14.87 4.11 -13.04
N MET D 80 -14.59 3.11 -12.23
CA MET D 80 -15.24 3.08 -10.95
C MET D 80 -14.21 3.17 -9.85
N PHE D 81 -14.49 3.96 -8.82
CA PHE D 81 -13.61 4.12 -7.70
C PHE D 81 -14.25 3.29 -6.59
N LEU D 82 -13.85 2.03 -6.55
CA LEU D 82 -14.32 1.00 -5.62
C LEU D 82 -13.40 0.94 -4.41
N GLY D 83 -13.95 0.98 -3.20
CA GLY D 83 -13.14 0.87 -2.00
C GLY D 83 -13.28 2.02 -1.04
N PRO D 84 -12.53 2.00 0.07
CA PRO D 84 -11.59 0.89 0.31
C PRO D 84 -12.35 -0.16 1.15
N LYS D 85 -13.51 0.27 1.63
CA LYS D 85 -14.35 -0.53 2.49
C LYS D 85 -15.10 -1.64 1.76
N GLN D 86 -15.52 -2.65 2.51
CA GLN D 86 -16.22 -3.80 1.93
C GLN D 86 -17.57 -4.06 2.59
N LEU D 87 -18.55 -4.46 1.78
CA LEU D 87 -19.88 -4.75 2.24
C LEU D 87 -20.17 -6.14 1.69
N THR D 88 -21.19 -6.80 2.23
CA THR D 88 -21.54 -8.15 1.77
C THR D 88 -22.69 -8.18 0.78
N PHE D 89 -22.47 -8.76 -0.40
CA PHE D 89 -23.52 -8.89 -1.38
C PHE D 89 -23.43 -10.38 -1.78
N GLU D 90 -24.56 -11.10 -1.66
CA GLU D 90 -24.69 -12.55 -1.95
C GLU D 90 -23.68 -13.42 -1.19
N GLY D 91 -23.64 -13.22 0.14
CA GLY D 91 -22.74 -13.97 1.02
C GLY D 91 -21.26 -13.85 0.76
N LYS D 92 -20.89 -12.77 0.09
CA LYS D 92 -19.51 -12.56 -0.25
C LYS D 92 -19.25 -11.08 -0.09
N PRO D 93 -17.98 -10.73 0.21
CA PRO D 93 -17.60 -9.32 0.37
C PRO D 93 -17.54 -8.71 -1.00
N ALA D 94 -18.02 -7.48 -1.08
CA ALA D 94 -18.06 -6.67 -2.31
C ALA D 94 -17.60 -5.24 -2.01
N LEU D 95 -16.80 -4.68 -2.91
CA LEU D 95 -16.24 -3.33 -2.73
C LEU D 95 -17.25 -2.24 -2.84
N GLU D 96 -17.20 -1.30 -1.91
CA GLU D 96 -18.10 -0.16 -1.95
C GLU D 96 -17.76 0.74 -3.13
N LEU D 97 -18.76 1.34 -3.78
CA LEU D 97 -18.52 2.23 -4.92
C LEU D 97 -18.68 3.68 -4.44
N ILE D 98 -17.67 4.51 -4.65
CA ILE D 98 -17.80 5.87 -4.19
C ILE D 98 -17.92 6.89 -5.30
N ARG D 99 -17.55 6.49 -6.52
CA ARG D 99 -17.63 7.40 -7.65
C ARG D 99 -17.47 6.62 -8.92
N MET D 100 -18.19 7.03 -9.96
CA MET D 100 -18.12 6.37 -11.26
C MET D 100 -18.28 7.41 -12.33
N VAL D 101 -17.52 7.25 -13.38
CA VAL D 101 -17.61 8.18 -14.45
C VAL D 101 -17.55 7.41 -15.73
N GLU D 102 -18.44 7.77 -16.64
CA GLU D 102 -18.51 7.10 -17.92
C GLU D 102 -17.23 7.35 -18.70
N CYS D 103 -16.71 6.30 -19.31
CA CYS D 103 -15.51 6.40 -20.12
C CYS D 103 -15.84 7.15 -21.37
N SER D 104 -15.02 8.13 -21.74
CA SER D 104 -15.26 8.83 -22.96
C SER D 104 -14.26 8.31 -23.99
N GLY D 105 -13.19 7.69 -23.56
CA GLY D 105 -12.22 7.18 -24.52
C GLY D 105 -11.02 6.47 -23.90
N LYS D 106 -10.09 6.03 -24.75
CA LYS D 106 -8.92 5.32 -24.26
C LYS D 106 -8.10 6.25 -23.37
N GLN D 107 -8.18 7.55 -23.67
CA GLN D 107 -7.47 8.51 -22.86
C GLN D 107 -7.91 8.26 -21.42
N ASP D 108 -9.13 8.65 -21.09
CA ASP D 108 -9.59 8.46 -19.72
C ASP D 108 -9.85 7.04 -19.30
N CYS D 109 -9.78 6.09 -20.24
CA CYS D 109 -9.98 4.67 -19.92
C CYS D 109 -8.96 3.82 -20.62
N PRO D 110 -7.80 3.76 -19.98
CA PRO D 110 -6.58 3.03 -20.37
C PRO D 110 -6.79 1.53 -20.50
N ASP E 1 -72.91 5.80 -6.89
CA ASP E 1 -72.52 4.59 -6.14
C ASP E 1 -73.29 3.36 -6.46
N VAL E 2 -72.62 2.27 -6.80
CA VAL E 2 -73.32 1.01 -7.06
C VAL E 2 -73.59 0.45 -5.63
N PRO E 3 -74.42 -0.62 -5.49
CA PRO E 3 -74.75 -1.22 -4.19
C PRO E 3 -73.88 -2.39 -3.72
N TYR E 4 -73.15 -3.03 -4.62
CA TYR E 4 -72.31 -4.13 -4.15
C TYR E 4 -71.08 -4.34 -5.05
N VAL E 5 -70.00 -4.85 -4.48
CA VAL E 5 -68.74 -5.03 -5.22
C VAL E 5 -68.90 -5.88 -6.44
N LEU E 6 -68.40 -5.44 -7.59
CA LEU E 6 -68.48 -6.27 -8.77
C LEU E 6 -67.10 -6.82 -9.10
N VAL E 7 -67.01 -8.11 -9.39
CA VAL E 7 -65.74 -8.71 -9.77
C VAL E 7 -65.81 -8.85 -11.31
N LYS E 8 -64.92 -8.23 -12.06
CA LYS E 8 -64.93 -8.37 -13.51
C LYS E 8 -63.73 -9.22 -13.84
N THR E 9 -63.91 -10.12 -14.79
CA THR E 9 -62.87 -11.05 -15.18
C THR E 9 -62.34 -10.75 -16.57
N ASN E 10 -61.18 -11.25 -16.88
CA ASN E 10 -60.62 -11.08 -18.20
C ASN E 10 -60.61 -9.71 -18.83
N MET E 11 -60.49 -8.65 -18.04
CA MET E 11 -60.43 -7.28 -18.56
C MET E 11 -58.99 -6.80 -18.79
N VAL E 12 -58.77 -5.88 -19.73
CA VAL E 12 -57.48 -5.28 -19.95
C VAL E 12 -57.64 -3.78 -19.72
N VAL E 13 -56.60 -3.10 -19.23
CA VAL E 13 -56.66 -1.63 -19.00
C VAL E 13 -56.34 -1.01 -20.34
N THR E 14 -57.25 -0.20 -20.82
CA THR E 14 -57.13 0.37 -22.14
C THR E 14 -56.67 1.80 -22.30
N SER E 15 -56.85 2.61 -21.28
CA SER E 15 -56.43 3.98 -21.33
C SER E 15 -56.36 4.46 -19.90
N VAL E 16 -55.32 5.22 -19.57
CA VAL E 16 -55.12 5.76 -18.24
C VAL E 16 -55.22 7.28 -18.28
N ALA E 17 -55.57 7.87 -17.16
CA ALA E 17 -55.73 9.30 -17.12
C ALA E 17 -55.50 9.83 -15.72
N MET E 18 -54.86 11.00 -15.63
CA MET E 18 -54.59 11.62 -14.33
C MET E 18 -55.56 12.73 -14.15
N LYS E 19 -56.03 12.93 -12.94
CA LYS E 19 -56.94 14.01 -12.74
C LYS E 19 -57.03 14.46 -11.31
N PRO E 20 -57.36 15.72 -11.12
CA PRO E 20 -57.47 16.24 -9.77
C PRO E 20 -58.70 15.68 -9.10
N TYR E 21 -58.56 15.21 -7.85
CA TYR E 21 -59.72 14.67 -7.12
C TYR E 21 -60.64 15.75 -6.65
N GLU E 22 -61.69 15.93 -7.44
CA GLU E 22 -62.76 16.88 -7.20
C GLU E 22 -62.82 17.48 -5.76
N VAL E 23 -62.74 16.61 -4.76
CA VAL E 23 -62.81 17.00 -3.35
C VAL E 23 -61.48 17.53 -2.75
N THR E 24 -60.89 16.74 -1.86
CA THR E 24 -59.66 17.14 -1.20
C THR E 24 -58.49 17.19 -2.16
N PRO E 25 -57.67 18.27 -2.03
CA PRO E 25 -56.45 18.61 -2.80
C PRO E 25 -55.17 18.00 -2.20
N THR E 26 -55.40 16.93 -1.43
CA THR E 26 -54.30 16.17 -0.88
C THR E 26 -54.33 14.91 -1.74
N ARG E 27 -55.40 14.81 -2.54
CA ARG E 27 -55.64 13.65 -3.41
C ARG E 27 -55.92 13.99 -4.85
N MET E 28 -55.66 13.01 -5.69
CA MET E 28 -55.94 13.13 -7.10
C MET E 28 -56.51 11.78 -7.54
N LEU E 29 -57.08 11.75 -8.72
CA LEU E 29 -57.64 10.52 -9.21
C LEU E 29 -56.78 9.97 -10.36
N VAL E 30 -56.62 8.65 -10.33
CA VAL E 30 -55.92 7.89 -11.36
C VAL E 30 -57.11 7.07 -11.94
N CYS E 31 -57.70 7.57 -13.05
CA CYS E 31 -58.85 6.92 -13.70
C CYS E 31 -58.53 6.16 -15.01
N GLY E 32 -59.39 5.23 -15.38
CA GLY E 32 -59.16 4.48 -16.59
C GLY E 32 -60.40 3.92 -17.28
N ILE E 33 -60.16 3.25 -18.39
CA ILE E 33 -61.21 2.65 -19.20
C ILE E 33 -60.86 1.15 -19.34
N ALA E 34 -61.48 0.31 -18.50
CA ALA E 34 -61.24 -1.15 -18.52
C ALA E 34 -62.20 -1.75 -19.50
N ALA E 35 -61.79 -2.80 -20.19
CA ALA E 35 -62.66 -3.41 -21.18
C ALA E 35 -62.44 -4.86 -21.38
N LYS E 36 -63.42 -5.69 -21.04
CA LYS E 36 -63.34 -7.15 -21.21
C LYS E 36 -62.77 -7.64 -22.52
N LEU E 37 -61.62 -8.29 -22.43
CA LEU E 37 -60.92 -8.76 -23.59
C LEU E 37 -61.81 -9.62 -24.47
N GLY E 38 -62.03 -9.20 -25.72
CA GLY E 38 -62.89 -9.97 -26.63
C GLY E 38 -64.37 -9.57 -26.76
N ALA E 39 -64.98 -9.08 -25.69
CA ALA E 39 -66.39 -8.68 -25.70
C ALA E 39 -66.85 -7.95 -26.95
N ALA E 40 -68.15 -7.78 -27.03
CA ALA E 40 -68.75 -7.15 -28.19
C ALA E 40 -68.71 -5.67 -28.03
N ALA E 41 -68.54 -5.02 -29.18
CA ALA E 41 -68.44 -3.59 -29.31
C ALA E 41 -69.39 -2.95 -28.34
N SER E 42 -70.64 -3.42 -28.34
CA SER E 42 -71.64 -2.84 -27.46
C SER E 42 -71.78 -3.50 -26.11
N SER E 43 -71.18 -4.67 -25.96
CA SER E 43 -71.26 -5.38 -24.67
C SER E 43 -71.04 -4.38 -23.51
N PRO E 44 -71.78 -4.55 -22.41
CA PRO E 44 -71.66 -3.65 -21.26
C PRO E 44 -70.19 -3.53 -20.79
N ASP E 45 -69.55 -4.68 -20.60
CA ASP E 45 -68.18 -4.81 -20.16
C ASP E 45 -67.19 -4.49 -21.23
N ALA E 46 -67.54 -3.61 -22.16
CA ALA E 46 -66.62 -3.26 -23.20
C ALA E 46 -66.11 -1.86 -22.93
N HIS E 47 -66.59 -1.27 -21.86
CA HIS E 47 -66.19 0.07 -21.51
C HIS E 47 -66.59 0.32 -20.08
N VAL E 48 -65.71 -0.09 -19.14
CA VAL E 48 -65.91 0.01 -17.71
C VAL E 48 -64.95 1.03 -17.12
N PRO E 49 -65.42 2.28 -16.90
CA PRO E 49 -64.61 3.37 -16.34
C PRO E 49 -64.44 3.24 -14.86
N PHE E 50 -63.18 3.28 -14.42
CA PHE E 50 -62.82 3.20 -12.99
C PHE E 50 -61.85 4.33 -12.55
N CYS E 51 -61.73 4.52 -11.25
CA CYS E 51 -60.82 5.49 -10.67
C CYS E 51 -60.33 4.89 -9.38
N PHE E 52 -59.31 5.53 -8.80
CA PHE E 52 -58.77 5.21 -7.47
C PHE E 52 -57.93 6.37 -7.02
N GLY E 53 -58.13 6.73 -5.76
CA GLY E 53 -57.43 7.85 -5.16
C GLY E 53 -55.97 7.68 -4.85
N LYS E 54 -55.24 8.76 -5.11
CA LYS E 54 -53.79 8.86 -4.88
C LYS E 54 -53.54 9.88 -3.82
N ASP E 55 -52.69 9.53 -2.86
CA ASP E 55 -52.36 10.47 -1.78
C ASP E 55 -51.18 11.32 -2.18
N LEU E 56 -51.45 12.57 -2.52
CA LEU E 56 -50.41 13.49 -2.91
C LEU E 56 -49.44 13.85 -1.75
N LYS E 57 -49.68 13.30 -0.56
CA LYS E 57 -48.84 13.56 0.59
C LYS E 57 -47.68 12.58 0.61
N ARG E 58 -47.99 11.32 0.33
CA ARG E 58 -46.99 10.27 0.29
C ARG E 58 -46.22 10.34 -1.00
N PRO E 59 -44.89 10.15 -0.95
CA PRO E 59 -44.15 10.22 -2.22
C PRO E 59 -44.09 8.82 -2.80
N GLY E 60 -43.92 8.74 -4.13
CA GLY E 60 -43.82 7.46 -4.82
C GLY E 60 -45.11 6.87 -5.39
N SER E 61 -44.95 5.77 -6.11
CA SER E 61 -46.11 5.09 -6.67
C SER E 61 -46.56 4.00 -5.73
N SER E 62 -47.87 4.01 -5.46
CA SER E 62 -48.54 3.05 -4.60
C SER E 62 -48.53 1.73 -5.32
N PRO E 63 -48.77 0.64 -4.58
CA PRO E 63 -48.79 -0.70 -5.19
C PRO E 63 -49.78 -0.74 -6.34
N MET E 64 -50.94 -0.15 -6.17
CA MET E 64 -51.91 -0.13 -7.25
C MET E 64 -51.25 0.50 -8.43
N GLU E 65 -50.66 1.66 -8.23
CA GLU E 65 -50.02 2.41 -9.28
C GLU E 65 -48.94 1.67 -10.03
N VAL E 66 -48.12 0.91 -9.35
CA VAL E 66 -47.06 0.21 -10.07
C VAL E 66 -47.64 -0.88 -10.99
N MET E 67 -48.77 -1.44 -10.57
CA MET E 67 -49.42 -2.49 -11.35
C MET E 67 -50.14 -1.94 -12.56
N LEU E 68 -50.97 -0.93 -12.35
CA LEU E 68 -51.74 -0.28 -13.42
C LEU E 68 -50.84 0.12 -14.57
N ARG E 69 -49.62 0.49 -14.22
CA ARG E 69 -48.60 0.90 -15.15
C ARG E 69 -48.08 -0.33 -15.86
N ALA E 70 -47.78 -1.38 -15.12
CA ALA E 70 -47.27 -2.59 -15.74
C ALA E 70 -48.28 -3.31 -16.64
N VAL E 71 -49.48 -3.57 -16.14
CA VAL E 71 -50.52 -4.25 -16.91
C VAL E 71 -51.04 -3.43 -18.09
N PHE E 72 -50.99 -2.12 -17.99
CA PHE E 72 -51.43 -1.24 -19.06
C PHE E 72 -50.42 -1.10 -20.17
N MET E 73 -49.15 -1.44 -19.94
CA MET E 73 -48.13 -1.32 -20.98
C MET E 73 -48.03 -2.63 -21.68
N GLN E 74 -48.23 -3.68 -20.91
CA GLN E 74 -48.19 -5.03 -21.45
C GLN E 74 -49.60 -5.55 -21.83
N GLN E 75 -50.64 -4.85 -21.41
CA GLN E 75 -51.98 -5.28 -21.76
C GLN E 75 -52.22 -6.64 -21.17
N ARG E 76 -52.30 -6.68 -19.86
CA ARG E 76 -52.48 -7.95 -19.17
C ARG E 76 -53.86 -8.03 -18.62
N PRO E 77 -54.49 -9.19 -18.82
CA PRO E 77 -55.82 -9.58 -18.41
C PRO E 77 -55.87 -9.59 -16.93
N LEU E 78 -56.88 -8.96 -16.37
CA LEU E 78 -57.00 -8.87 -14.93
C LEU E 78 -58.24 -9.48 -14.33
N ARG E 79 -58.53 -9.09 -13.12
CA ARG E 79 -59.69 -9.49 -12.38
C ARG E 79 -59.76 -8.29 -11.50
N MET E 80 -60.70 -7.43 -11.76
CA MET E 80 -60.80 -6.21 -11.01
C MET E 80 -61.97 -6.25 -10.06
N PHE E 81 -61.82 -5.68 -8.89
CA PHE E 81 -62.94 -5.63 -7.96
C PHE E 81 -63.37 -4.20 -8.04
N LEU E 82 -64.56 -3.96 -8.57
CA LEU E 82 -65.10 -2.62 -8.75
C LEU E 82 -66.19 -2.24 -7.74
N GLY E 83 -66.38 -0.94 -7.54
CA GLY E 83 -67.41 -0.45 -6.63
C GLY E 83 -67.13 -0.71 -5.16
N PRO E 84 -68.12 -0.52 -4.26
CA PRO E 84 -69.49 -0.08 -4.52
C PRO E 84 -69.55 1.40 -4.76
N LYS E 85 -68.59 2.12 -4.19
CA LYS E 85 -68.59 3.55 -4.37
C LYS E 85 -68.25 3.98 -5.81
N GLN E 86 -68.56 5.21 -6.18
CA GLN E 86 -68.30 5.65 -7.55
C GLN E 86 -67.74 7.03 -7.60
N LEU E 87 -66.67 7.23 -8.37
CA LEU E 87 -66.06 8.55 -8.53
C LEU E 87 -66.52 9.08 -9.85
N THR E 88 -66.06 10.26 -10.25
CA THR E 88 -66.49 10.79 -11.53
C THR E 88 -65.37 10.85 -12.51
N PHE E 89 -65.60 10.33 -13.71
CA PHE E 89 -64.59 10.38 -14.75
C PHE E 89 -65.31 10.62 -16.06
N GLU E 90 -65.22 11.86 -16.54
CA GLU E 90 -65.83 12.28 -17.80
C GLU E 90 -67.28 12.59 -17.67
N GLY E 91 -67.68 13.20 -16.56
CA GLY E 91 -69.08 13.59 -16.38
C GLY E 91 -69.88 12.45 -15.86
N LYS E 92 -69.78 11.34 -16.59
CA LYS E 92 -70.44 10.12 -16.21
C LYS E 92 -69.66 9.56 -15.00
N PRO E 93 -70.29 8.73 -14.17
CA PRO E 93 -69.62 8.16 -13.00
C PRO E 93 -68.60 7.10 -13.39
N ALA E 94 -67.95 6.54 -12.36
CA ALA E 94 -66.93 5.50 -12.53
C ALA E 94 -66.76 4.76 -11.25
N LEU E 95 -66.67 3.47 -11.35
CA LEU E 95 -66.53 2.65 -10.18
C LEU E 95 -65.12 2.80 -9.58
N GLU E 96 -65.03 2.70 -8.26
CA GLU E 96 -63.75 2.80 -7.61
C GLU E 96 -63.03 1.48 -7.70
N LEU E 97 -61.92 1.38 -8.42
CA LEU E 97 -61.15 0.11 -8.50
C LEU E 97 -60.64 -0.14 -7.12
N ILE E 98 -60.79 -1.34 -6.59
CA ILE E 98 -60.27 -1.54 -5.25
C ILE E 98 -59.34 -2.72 -5.09
N ARG E 99 -58.95 -3.39 -6.16
CA ARG E 99 -58.04 -4.53 -6.10
C ARG E 99 -57.95 -5.08 -7.47
N MET E 100 -56.85 -5.66 -7.85
CA MET E 100 -56.74 -6.21 -9.16
C MET E 100 -55.69 -7.26 -9.11
N VAL E 101 -55.93 -8.41 -9.74
CA VAL E 101 -55.00 -9.52 -9.75
C VAL E 101 -54.96 -9.95 -11.20
N GLU E 102 -53.81 -10.34 -11.68
CA GLU E 102 -53.68 -10.74 -13.05
C GLU E 102 -54.27 -12.13 -13.24
N CYS E 103 -54.48 -12.55 -14.46
CA CYS E 103 -55.09 -13.87 -14.71
C CYS E 103 -54.13 -14.99 -15.04
N SER E 104 -54.09 -16.06 -14.27
CA SER E 104 -53.19 -17.13 -14.69
C SER E 104 -53.84 -17.86 -15.89
N GLY E 105 -55.15 -17.92 -15.93
CA GLY E 105 -55.81 -18.59 -17.04
C GLY E 105 -57.33 -18.66 -16.87
N LYS E 106 -57.96 -19.63 -17.52
CA LYS E 106 -59.40 -19.71 -17.39
C LYS E 106 -59.85 -20.08 -15.98
N GLN E 107 -59.03 -20.91 -15.34
CA GLN E 107 -59.27 -21.35 -13.98
C GLN E 107 -59.65 -20.16 -13.13
N ASP E 108 -58.90 -19.07 -13.27
CA ASP E 108 -59.17 -17.87 -12.45
C ASP E 108 -59.82 -16.76 -13.22
N CYS E 109 -59.71 -16.84 -14.55
CA CYS E 109 -60.33 -15.85 -15.42
C CYS E 109 -61.13 -16.50 -16.58
N PRO E 110 -62.48 -16.62 -16.37
CA PRO E 110 -63.47 -17.20 -17.30
C PRO E 110 -64.07 -16.15 -18.25
N LEU F 2 -62.63 30.89 -16.47
CA LEU F 2 -62.36 29.44 -16.46
C LEU F 2 -62.71 28.73 -17.80
N PRO F 3 -62.48 29.41 -18.96
CA PRO F 3 -62.82 28.72 -20.22
C PRO F 3 -61.95 27.51 -20.53
N THR F 4 -62.33 26.40 -19.89
CA THR F 4 -61.70 25.10 -20.05
C THR F 4 -61.89 24.60 -21.48
N HIS F 5 -61.18 23.54 -21.85
CA HIS F 5 -61.29 22.95 -23.17
C HIS F 5 -60.74 21.53 -23.09
N LEU F 6 -61.06 20.72 -24.10
CA LEU F 6 -60.55 19.36 -24.13
C LEU F 6 -60.09 19.05 -25.52
N TYR F 7 -58.94 18.45 -25.64
CA TYR F 7 -58.41 18.13 -26.94
C TYR F 7 -58.17 16.66 -26.91
N LYS F 8 -58.58 15.97 -27.98
CA LYS F 8 -58.37 14.53 -28.03
C LYS F 8 -57.55 14.17 -29.23
N ASN F 9 -56.83 13.08 -29.12
CA ASN F 9 -56.01 12.56 -30.19
C ASN F 9 -54.90 13.43 -30.77
N PHE F 10 -54.21 14.11 -29.86
CA PHE F 10 -53.05 14.95 -30.15
C PHE F 10 -51.84 14.19 -29.64
N THR F 11 -50.68 14.40 -30.22
CA THR F 11 -49.48 13.76 -29.72
C THR F 11 -48.62 14.84 -29.02
N VAL F 12 -47.83 14.47 -28.00
CA VAL F 12 -46.98 15.45 -27.34
C VAL F 12 -45.81 15.66 -28.28
N GLN F 13 -45.55 16.91 -28.67
CA GLN F 13 -44.48 17.21 -29.62
C GLN F 13 -43.27 17.88 -28.99
N GLU F 14 -43.50 18.63 -27.92
CA GLU F 14 -42.48 19.35 -27.18
C GLU F 14 -42.74 19.17 -25.69
N LEU F 15 -41.66 19.12 -24.91
CA LEU F 15 -41.76 18.94 -23.49
C LEU F 15 -40.62 19.73 -22.86
N ALA F 16 -40.93 20.58 -21.89
CA ALA F 16 -39.87 21.39 -21.31
C ALA F 16 -40.01 21.77 -19.86
N LEU F 17 -39.02 21.40 -19.07
CA LEU F 17 -38.98 21.70 -17.66
C LEU F 17 -37.98 22.83 -17.57
N LYS F 18 -38.42 23.95 -17.01
CA LYS F 18 -37.59 25.13 -16.85
C LYS F 18 -37.94 25.79 -15.57
N LEU F 19 -37.24 26.87 -15.30
CA LEU F 19 -37.44 27.60 -14.08
C LEU F 19 -38.18 28.88 -14.44
N LYS F 20 -39.03 29.31 -13.54
CA LYS F 20 -39.84 30.50 -13.78
C LYS F 20 -39.93 31.18 -12.41
N GLY F 21 -39.08 32.19 -12.24
CA GLY F 21 -39.04 32.90 -10.99
C GLY F 21 -38.61 31.90 -9.94
N LYS F 22 -39.30 31.89 -8.80
CA LYS F 22 -38.93 30.93 -7.76
C LYS F 22 -39.69 29.64 -7.90
N ASN F 23 -40.34 29.48 -9.05
CA ASN F 23 -41.13 28.29 -9.32
C ASN F 23 -40.65 27.63 -10.60
N GLN F 24 -40.71 26.32 -10.58
CA GLN F 24 -40.34 25.54 -11.74
C GLN F 24 -41.61 25.48 -12.58
N GLU F 25 -41.49 25.09 -13.84
CA GLU F 25 -42.67 25.05 -14.68
C GLU F 25 -42.44 24.19 -15.92
N PHE F 26 -43.23 23.14 -16.09
CA PHE F 26 -43.09 22.33 -17.28
C PHE F 26 -44.26 22.62 -18.22
N CYS F 27 -44.01 22.50 -19.52
CA CYS F 27 -45.00 22.76 -20.55
C CYS F 27 -44.88 21.74 -21.66
N LEU F 28 -46.00 21.48 -22.32
CA LEU F 28 -46.04 20.54 -23.43
C LEU F 28 -46.77 21.17 -24.59
N THR F 29 -46.45 20.72 -25.78
CA THR F 29 -47.08 21.18 -26.99
C THR F 29 -47.78 19.92 -27.47
N ALA F 30 -49.09 20.04 -27.75
CA ALA F 30 -49.92 18.93 -28.26
C ALA F 30 -50.16 19.23 -29.73
N PHE F 31 -50.01 18.23 -30.58
CA PHE F 31 -50.18 18.49 -31.99
C PHE F 31 -51.01 17.53 -32.81
N MET F 32 -51.84 18.10 -33.68
CA MET F 32 -52.68 17.33 -34.58
C MET F 32 -52.57 17.99 -35.96
N SER F 33 -52.07 17.22 -36.92
CA SER F 33 -51.82 17.64 -38.28
C SER F 33 -52.72 18.71 -38.84
N GLY F 34 -53.95 18.71 -38.40
CA GLY F 34 -54.84 19.73 -38.89
C GLY F 34 -54.64 21.04 -38.16
N ARG F 35 -54.71 20.99 -36.85
CA ARG F 35 -54.65 22.20 -36.04
C ARG F 35 -53.34 22.85 -35.65
N SER F 36 -53.54 23.91 -34.87
CA SER F 36 -52.48 24.72 -34.31
C SER F 36 -52.06 24.01 -33.02
N LEU F 37 -50.97 24.46 -32.43
CA LEU F 37 -50.47 23.81 -31.25
C LEU F 37 -51.28 24.18 -30.02
N VAL F 38 -51.65 23.15 -29.25
CA VAL F 38 -52.33 23.39 -27.99
C VAL F 38 -51.10 23.40 -27.09
N ARG F 39 -51.07 24.27 -26.10
CA ARG F 39 -49.91 24.36 -25.22
C ARG F 39 -50.32 24.65 -23.81
N ALA F 40 -49.74 23.90 -22.88
CA ALA F 40 -50.08 24.07 -21.50
C ALA F 40 -48.90 23.85 -20.59
N CYS F 41 -49.02 24.47 -19.42
CA CYS F 41 -48.00 24.41 -18.42
C CYS F 41 -48.65 24.14 -17.10
N LEU F 42 -47.82 23.65 -16.20
CA LEU F 42 -48.20 23.32 -14.87
C LEU F 42 -46.96 23.82 -14.13
N SER F 43 -47.18 24.51 -13.01
CA SER F 43 -46.11 25.08 -12.23
C SER F 43 -46.34 24.80 -10.75
N ASP F 44 -45.28 24.47 -10.01
CA ASP F 44 -45.42 24.25 -8.58
C ASP F 44 -46.01 25.57 -8.09
N ALA F 45 -47.06 25.48 -7.27
CA ALA F 45 -47.73 26.69 -6.77
C ALA F 45 -46.82 27.44 -5.79
N GLY F 46 -45.54 27.05 -5.74
CA GLY F 46 -44.58 27.63 -4.81
C GLY F 46 -45.02 27.01 -3.49
N HIS F 47 -45.71 25.85 -3.61
CA HIS F 47 -46.28 25.14 -2.45
C HIS F 47 -45.86 23.68 -2.25
N GLU F 48 -45.55 23.35 -1.00
CA GLU F 48 -45.08 22.00 -0.68
C GLU F 48 -46.15 20.96 -0.45
N HIS F 49 -45.69 19.71 -0.32
CA HIS F 49 -46.56 18.54 -0.13
C HIS F 49 -46.97 17.97 -1.50
N ASP F 50 -47.82 18.72 -2.20
CA ASP F 50 -48.32 18.35 -3.51
C ASP F 50 -47.34 17.57 -4.39
N THR F 51 -47.47 16.24 -4.38
CA THR F 51 -46.68 15.35 -5.24
C THR F 51 -47.12 15.70 -6.67
N TRP F 52 -48.22 16.46 -6.76
CA TRP F 52 -48.84 16.92 -7.97
C TRP F 52 -47.91 17.22 -9.14
N PHE F 53 -47.07 18.23 -8.99
CA PHE F 53 -46.17 18.62 -10.06
C PHE F 53 -45.36 17.43 -10.56
N ASP F 54 -44.83 16.66 -9.63
CA ASP F 54 -44.01 15.50 -9.95
C ASP F 54 -44.77 14.45 -10.69
N THR F 55 -45.91 14.09 -10.10
CA THR F 55 -46.82 13.09 -10.61
C THR F 55 -47.18 13.35 -12.05
N MET F 56 -47.64 14.56 -12.34
CA MET F 56 -48.02 14.90 -13.70
C MET F 56 -46.84 14.99 -14.65
N LEU F 57 -45.66 15.37 -14.15
CA LEU F 57 -44.49 15.49 -15.00
C LEU F 57 -44.10 14.10 -15.48
N GLY F 58 -44.07 13.18 -14.54
CA GLY F 58 -43.72 11.82 -14.90
C GLY F 58 -44.69 11.20 -15.87
N PHE F 59 -45.97 11.57 -15.73
CA PHE F 59 -47.02 11.08 -16.62
C PHE F 59 -46.83 11.67 -18.00
N ALA F 60 -46.70 12.98 -18.08
CA ALA F 60 -46.46 13.65 -19.35
C ALA F 60 -45.20 13.10 -20.03
N ILE F 61 -44.22 12.64 -19.24
CA ILE F 61 -43.00 12.07 -19.80
C ILE F 61 -43.28 10.69 -20.44
N SER F 62 -44.24 9.96 -19.89
CA SER F 62 -44.60 8.66 -20.47
C SER F 62 -45.36 8.91 -21.76
N ALA F 63 -46.28 9.88 -21.74
CA ALA F 63 -47.04 10.24 -22.93
C ALA F 63 -46.05 10.60 -24.04
N TYR F 64 -45.01 11.35 -23.69
CA TYR F 64 -43.97 11.73 -24.65
C TYR F 64 -43.18 10.50 -25.11
N ALA F 65 -42.76 9.69 -24.16
CA ALA F 65 -41.96 8.49 -24.44
C ALA F 65 -42.68 7.40 -25.19
N LEU F 66 -43.96 7.21 -24.90
CA LEU F 66 -44.78 6.19 -25.53
C LEU F 66 -45.28 6.58 -26.89
N LYS F 67 -45.07 7.84 -27.28
CA LYS F 67 -45.51 8.36 -28.56
C LYS F 67 -46.99 8.11 -28.78
N SER F 68 -47.74 8.17 -27.68
CA SER F 68 -49.17 7.92 -27.70
C SER F 68 -50.00 9.16 -27.91
N ARG F 69 -51.19 8.99 -28.44
CA ARG F 69 -52.08 10.11 -28.61
C ARG F 69 -52.63 10.32 -27.21
N ILE F 70 -52.79 11.56 -26.82
CA ILE F 70 -53.27 11.89 -25.49
C ILE F 70 -54.52 12.77 -25.61
N ALA F 71 -55.19 13.03 -24.49
CA ALA F 71 -56.38 13.84 -24.50
C ALA F 71 -56.22 14.77 -23.33
N LEU F 72 -55.88 16.02 -23.58
CA LEU F 72 -55.63 16.96 -22.51
C LEU F 72 -56.69 17.99 -22.29
N THR F 73 -56.60 18.63 -21.16
CA THR F 73 -57.55 19.65 -20.78
C THR F 73 -56.93 20.92 -20.20
N VAL F 74 -56.69 21.91 -21.05
CA VAL F 74 -56.14 23.20 -20.64
C VAL F 74 -57.22 24.05 -19.99
N GLU F 75 -56.83 25.21 -19.47
CA GLU F 75 -57.77 26.10 -18.83
C GLU F 75 -57.69 27.56 -19.28
N ASP F 76 -57.33 27.77 -20.54
CA ASP F 76 -57.20 29.10 -21.14
C ASP F 76 -56.49 30.18 -20.32
N SER F 77 -55.39 30.70 -20.86
CA SER F 77 -54.65 31.75 -20.15
C SER F 77 -55.37 33.10 -20.25
N PRO F 78 -55.38 33.84 -19.11
CA PRO F 78 -56.03 35.17 -19.02
C PRO F 78 -55.41 36.14 -20.05
N TYR F 79 -54.29 35.74 -20.63
CA TYR F 79 -53.61 36.56 -21.63
C TYR F 79 -53.21 35.70 -22.81
N PRO F 80 -53.40 36.24 -24.02
CA PRO F 80 -53.07 35.54 -25.28
C PRO F 80 -51.56 35.30 -25.32
N GLY F 81 -51.15 34.35 -26.17
CA GLY F 81 -49.74 34.03 -26.30
C GLY F 81 -49.17 33.56 -24.96
N THR F 82 -50.04 33.13 -24.06
CA THR F 82 -49.64 32.63 -22.76
C THR F 82 -50.33 31.27 -22.71
N PRO F 83 -49.59 30.16 -22.61
CA PRO F 83 -50.26 28.86 -22.56
C PRO F 83 -51.18 28.74 -21.33
N GLY F 84 -52.06 27.74 -21.35
CA GLY F 84 -52.99 27.57 -20.25
C GLY F 84 -52.42 26.64 -19.22
N ASP F 85 -53.30 26.02 -18.43
CA ASP F 85 -52.83 25.07 -17.42
C ASP F 85 -53.30 23.69 -17.78
N LEU F 86 -52.43 22.70 -17.57
CA LEU F 86 -52.77 21.30 -17.81
C LEU F 86 -53.56 20.99 -16.55
N LEU F 87 -54.84 20.67 -16.73
CA LEU F 87 -55.74 20.39 -15.63
C LEU F 87 -55.75 18.91 -15.36
N GLU F 88 -55.68 18.15 -16.43
CA GLU F 88 -55.60 16.70 -16.38
C GLU F 88 -55.10 16.23 -17.73
N LEU F 89 -54.48 15.05 -17.73
CA LEU F 89 -53.90 14.44 -18.92
C LEU F 89 -54.37 13.00 -18.99
N GLN F 90 -54.57 12.50 -20.21
CA GLN F 90 -55.04 11.15 -20.44
C GLN F 90 -54.31 10.52 -21.60
N ILE F 91 -53.81 9.31 -21.39
CA ILE F 91 -53.10 8.58 -22.44
C ILE F 91 -54.06 7.64 -23.16
N CYS F 92 -54.40 7.96 -24.42
CA CYS F 92 -55.32 7.14 -25.20
C CYS F 92 -54.77 5.73 -25.37
N PRO F 93 -55.62 4.77 -25.79
CA PRO F 93 -55.19 3.39 -26.01
C PRO F 93 -53.99 3.39 -26.93
N LEU F 94 -52.92 2.78 -26.44
CA LEU F 94 -51.68 2.72 -27.19
C LEU F 94 -51.96 2.09 -28.53
N ASN F 95 -51.44 2.69 -29.58
CA ASN F 95 -51.64 2.25 -30.95
C ASN F 95 -53.02 2.65 -31.49
N GLY F 96 -53.85 3.29 -30.65
CA GLY F 96 -55.18 3.66 -31.09
C GLY F 96 -55.59 5.10 -30.89
N TYR F 97 -56.88 5.35 -30.64
CA TYR F 97 -57.37 6.71 -30.46
C TYR F 97 -58.26 6.77 -29.23
N CYS F 98 -58.50 7.97 -28.69
CA CYS F 98 -59.41 8.09 -27.55
C CYS F 98 -60.79 8.19 -28.17
N GLU F 99 -61.73 7.40 -27.70
CA GLU F 99 -63.06 7.45 -28.30
C GLU F 99 -63.74 8.79 -28.08
N ASP G 2 49.46 3.04 -14.64
CA ASP G 2 50.42 2.10 -15.22
C ASP G 2 50.98 1.10 -14.20
N PRO G 3 50.95 -0.20 -14.53
CA PRO G 3 51.47 -1.25 -13.64
C PRO G 3 52.93 -0.94 -13.26
N PRO G 4 53.25 -1.02 -11.98
CA PRO G 4 54.62 -0.73 -11.54
C PRO G 4 55.65 -1.62 -12.18
N ALA G 5 56.83 -1.03 -12.39
CA ALA G 5 57.95 -1.76 -12.98
C ALA G 5 58.87 -2.37 -11.91
N THR G 6 59.05 -1.63 -10.83
CA THR G 6 59.91 -2.03 -9.71
C THR G 6 59.08 -2.23 -8.44
N VAL G 7 59.31 -3.34 -7.75
CA VAL G 7 58.62 -3.65 -6.48
C VAL G 7 59.72 -3.88 -5.42
N TYR G 8 59.37 -4.20 -4.18
CA TYR G 8 60.36 -4.41 -3.11
C TYR G 8 59.93 -5.57 -2.24
N ARG G 9 60.89 -6.18 -1.55
CA ARG G 9 60.63 -7.31 -0.66
C ARG G 9 61.57 -7.23 0.52
N TYR G 10 61.06 -7.11 1.74
CA TYR G 10 61.95 -7.10 2.90
C TYR G 10 62.28 -8.57 3.17
N ASP G 11 63.47 -8.87 3.68
CA ASP G 11 63.84 -10.26 3.97
C ASP G 11 65.00 -10.38 4.94
N SER G 12 65.07 -11.53 5.61
CA SER G 12 66.15 -11.85 6.56
C SER G 12 67.21 -12.71 5.84
N ARG G 13 67.00 -12.88 4.54
CA ARG G 13 67.93 -13.64 3.72
C ARG G 13 68.89 -12.65 3.05
N PRO G 14 70.17 -13.06 2.92
CA PRO G 14 71.28 -12.31 2.32
C PRO G 14 71.46 -12.54 0.82
N PRO G 15 72.02 -11.54 0.13
CA PRO G 15 72.28 -11.51 -1.31
C PRO G 15 72.94 -12.73 -1.91
N GLU G 16 73.88 -13.35 -1.20
CA GLU G 16 74.55 -14.52 -1.78
C GLU G 16 73.57 -15.64 -2.01
N ASP G 17 72.45 -15.57 -1.30
CA ASP G 17 71.43 -16.57 -1.44
C ASP G 17 70.43 -16.04 -2.47
N VAL G 18 69.78 -14.94 -2.11
CA VAL G 18 68.78 -14.33 -2.96
C VAL G 18 69.25 -14.10 -4.39
N PHE G 19 70.46 -13.57 -4.56
CA PHE G 19 70.97 -13.30 -5.89
C PHE G 19 71.22 -14.50 -6.78
N GLN G 20 71.18 -15.69 -6.21
CA GLN G 20 71.40 -16.90 -6.98
C GLN G 20 70.10 -17.61 -7.26
N ASN G 21 69.28 -17.74 -6.22
CA ASN G 21 68.01 -18.48 -6.29
C ASN G 21 66.69 -17.70 -6.22
N GLY G 22 66.74 -16.45 -5.76
CA GLY G 22 65.53 -15.66 -5.65
C GLY G 22 64.55 -16.28 -4.66
N PHE G 23 63.26 -16.00 -4.87
CA PHE G 23 62.24 -16.52 -3.98
C PHE G 23 61.33 -17.44 -4.79
N THR G 24 60.99 -18.61 -4.25
CA THR G 24 60.11 -19.54 -4.97
C THR G 24 58.95 -20.03 -4.08
N ALA G 25 57.74 -19.56 -4.40
CA ALA G 25 56.49 -19.85 -3.68
C ALA G 25 56.38 -21.09 -2.79
N TRP G 26 55.68 -20.90 -1.68
CA TRP G 26 55.45 -21.93 -0.68
C TRP G 26 54.65 -23.15 -1.13
N GLY G 27 53.71 -22.96 -2.05
CA GLY G 27 52.88 -24.07 -2.52
C GLY G 27 52.03 -23.77 -3.74
N ASN G 28 51.05 -24.64 -4.01
CA ASN G 28 50.15 -24.51 -5.18
C ASN G 28 48.88 -23.74 -4.92
N ASN G 29 48.43 -23.72 -3.66
CA ASN G 29 47.21 -23.01 -3.33
C ASN G 29 47.32 -21.58 -3.89
N ASP G 30 46.64 -21.27 -4.99
CA ASP G 30 46.74 -19.92 -5.55
C ASP G 30 45.48 -19.07 -5.35
N ASN G 31 44.68 -19.49 -4.39
CA ASN G 31 43.44 -18.81 -4.06
C ASN G 31 43.75 -17.42 -3.53
N VAL G 32 43.38 -16.41 -4.29
CA VAL G 32 43.63 -15.03 -3.89
C VAL G 32 43.08 -14.57 -2.54
N LEU G 33 42.04 -15.22 -2.03
CA LEU G 33 41.49 -14.79 -0.76
C LEU G 33 42.25 -15.36 0.43
N GLU G 34 42.50 -16.65 0.41
CA GLU G 34 43.23 -17.24 1.51
C GLU G 34 44.58 -16.54 1.68
N HIS G 35 45.15 -16.04 0.58
CA HIS G 35 46.42 -15.32 0.63
C HIS G 35 46.28 -14.00 1.39
N LEU G 36 45.60 -13.03 0.78
CA LEU G 36 45.42 -11.74 1.43
C LEU G 36 44.85 -11.91 2.82
N THR G 37 44.05 -12.95 2.99
CA THR G 37 43.43 -13.22 4.27
C THR G 37 44.42 -13.85 5.27
N GLY G 38 45.52 -14.39 4.74
CA GLY G 38 46.54 -15.00 5.58
C GLY G 38 46.44 -16.50 5.76
N ARG G 39 45.37 -17.11 5.28
CA ARG G 39 45.24 -18.55 5.46
C ARG G 39 46.37 -19.37 4.86
N SER G 40 46.69 -19.13 3.59
CA SER G 40 47.73 -19.89 2.93
C SER G 40 49.18 -19.54 3.33
N CYS G 41 49.35 -18.80 4.43
CA CYS G 41 50.66 -18.38 4.92
C CYS G 41 50.75 -18.60 6.42
N GLN G 42 49.90 -19.46 6.93
CA GLN G 42 49.90 -19.70 8.35
C GLN G 42 50.54 -21.04 8.62
N VAL G 43 50.90 -21.25 9.89
CA VAL G 43 51.51 -22.49 10.33
C VAL G 43 50.63 -23.67 9.92
N GLY G 44 51.26 -24.77 9.54
CA GLY G 44 50.50 -25.93 9.12
C GLY G 44 49.46 -25.56 8.07
N SER G 45 49.74 -24.52 7.27
CA SER G 45 48.79 -24.11 6.25
C SER G 45 49.44 -23.23 5.18
N SER G 46 50.75 -23.08 5.26
CA SER G 46 51.47 -22.26 4.31
C SER G 46 51.50 -22.97 2.96
N ASN G 47 50.75 -22.47 1.98
CA ASN G 47 50.73 -23.09 0.66
C ASN G 47 50.47 -22.10 -0.50
N SER G 48 50.54 -20.82 -0.20
CA SER G 48 50.31 -19.80 -1.20
C SER G 48 51.26 -19.87 -2.38
N ALA G 49 50.72 -19.99 -3.59
CA ALA G 49 51.56 -20.01 -4.78
C ALA G 49 51.82 -18.54 -5.11
N PHE G 50 52.18 -17.78 -4.08
CA PHE G 50 52.40 -16.35 -4.24
C PHE G 50 53.50 -15.81 -3.34
N VAL G 51 54.41 -15.07 -3.94
CA VAL G 51 55.51 -14.46 -3.20
C VAL G 51 55.09 -13.03 -2.98
N SER G 52 54.84 -12.70 -1.72
CA SER G 52 54.41 -11.37 -1.35
C SER G 52 55.49 -10.31 -1.55
N THR G 53 55.20 -9.25 -2.29
CA THR G 53 56.15 -8.17 -2.49
C THR G 53 55.32 -6.90 -2.41
N SER G 54 55.97 -5.73 -2.32
CA SER G 54 55.21 -4.51 -2.24
C SER G 54 55.76 -3.49 -3.19
N SER G 55 54.85 -2.71 -3.76
CA SER G 55 55.18 -1.68 -4.70
C SER G 55 55.63 -0.41 -4.00
N SER G 56 55.70 -0.42 -2.68
CA SER G 56 56.13 0.77 -1.99
C SER G 56 57.37 0.50 -1.16
N ARG G 57 58.48 1.12 -1.55
CA ARG G 57 59.72 0.94 -0.83
C ARG G 57 59.56 1.48 0.59
N ARG G 58 58.92 2.63 0.72
CA ARG G 58 58.75 3.21 2.03
C ARG G 58 58.09 2.22 2.98
N TYR G 59 57.21 1.36 2.46
CA TYR G 59 56.53 0.35 3.28
C TYR G 59 57.56 -0.56 3.86
N THR G 60 58.27 -1.28 2.98
CA THR G 60 59.31 -2.20 3.42
C THR G 60 60.28 -1.45 4.32
N GLU G 61 60.55 -0.20 3.98
CA GLU G 61 61.45 0.62 4.78
C GLU G 61 61.03 0.66 6.26
N VAL G 62 59.80 1.08 6.51
CA VAL G 62 59.26 1.19 7.87
C VAL G 62 59.12 -0.15 8.61
N TYR G 63 58.96 -1.23 7.85
CA TYR G 63 58.83 -2.54 8.47
C TYR G 63 60.19 -2.94 9.05
N LEU G 64 61.23 -2.88 8.22
CA LEU G 64 62.59 -3.24 8.63
C LEU G 64 63.01 -2.33 9.76
N GLU G 65 62.68 -1.05 9.62
CA GLU G 65 62.99 -0.03 10.61
C GLU G 65 62.36 -0.38 11.95
N HIS G 66 61.34 -1.23 11.94
CA HIS G 66 60.65 -1.61 13.18
C HIS G 66 61.06 -2.94 13.69
N ARG G 67 61.47 -3.80 12.77
CA ARG G 67 61.94 -5.12 13.12
C ARG G 67 63.25 -4.92 13.86
N MET G 68 63.93 -3.82 13.52
CA MET G 68 65.18 -3.45 14.13
C MET G 68 64.95 -2.96 15.54
N GLN G 69 64.00 -2.05 15.70
CA GLN G 69 63.68 -1.49 17.01
C GLN G 69 63.28 -2.61 17.92
N GLU G 70 62.87 -3.72 17.33
CA GLU G 70 62.50 -4.85 18.12
C GLU G 70 63.79 -5.39 18.75
N ALA G 71 64.80 -5.71 17.93
CA ALA G 71 66.08 -6.22 18.42
C ALA G 71 66.60 -5.36 19.56
N VAL G 72 66.51 -4.06 19.38
CA VAL G 72 66.95 -3.15 20.40
C VAL G 72 66.19 -3.42 21.70
N GLU G 73 64.90 -3.70 21.61
CA GLU G 73 64.09 -3.97 22.82
C GLU G 73 64.25 -5.39 23.37
N ALA G 74 64.78 -6.30 22.56
CA ALA G 74 64.96 -7.67 22.97
C ALA G 74 66.14 -7.70 23.92
N GLU G 75 67.18 -7.03 23.47
CA GLU G 75 68.38 -6.92 24.24
C GLU G 75 68.05 -6.22 25.56
N ARG G 76 67.24 -5.17 25.52
CA ARG G 76 66.87 -4.48 26.76
C ARG G 76 66.21 -5.36 27.82
N ALA G 77 65.65 -6.48 27.37
CA ALA G 77 64.98 -7.38 28.29
C ALA G 77 65.89 -8.55 28.58
N GLY G 78 67.13 -8.41 28.12
CA GLY G 78 68.12 -9.46 28.29
C GLY G 78 67.71 -10.63 27.43
N ARG G 79 67.21 -10.34 26.23
CA ARG G 79 66.79 -11.41 25.37
C ARG G 79 67.58 -11.40 24.10
N GLY G 80 68.56 -10.50 24.00
CA GLY G 80 69.35 -10.47 22.78
C GLY G 80 70.55 -9.56 22.88
N THR G 81 71.06 -9.15 21.73
CA THR G 81 72.22 -8.26 21.66
C THR G 81 71.99 -7.02 20.80
N GLY G 82 70.75 -6.51 20.78
CA GLY G 82 70.43 -5.33 19.99
C GLY G 82 70.93 -5.28 18.55
N HIS G 83 71.45 -6.40 18.04
CA HIS G 83 71.99 -6.41 16.70
C HIS G 83 70.98 -6.85 15.70
N PHE G 84 71.01 -6.23 14.53
CA PHE G 84 70.04 -6.53 13.50
C PHE G 84 70.61 -6.33 12.13
N ILE G 85 70.29 -7.24 11.22
CA ILE G 85 70.73 -7.12 9.84
C ILE G 85 69.48 -7.43 9.01
N GLY G 86 69.04 -6.45 8.22
CA GLY G 86 67.86 -6.64 7.39
C GLY G 86 68.14 -6.22 5.96
N TYR G 87 67.42 -6.79 5.02
CA TYR G 87 67.65 -6.45 3.63
C TYR G 87 66.37 -5.93 3.00
N ILE G 88 66.48 -5.25 1.86
CA ILE G 88 65.32 -4.71 1.15
C ILE G 88 65.61 -4.87 -0.33
N TYR G 89 65.33 -6.05 -0.86
CA TYR G 89 65.60 -6.32 -2.26
C TYR G 89 64.73 -5.48 -3.17
N GLU G 90 65.25 -5.15 -4.35
CA GLU G 90 64.55 -4.35 -5.34
C GLU G 90 64.31 -5.36 -6.43
N VAL G 91 63.14 -5.30 -7.08
CA VAL G 91 62.81 -6.27 -8.10
C VAL G 91 62.18 -5.68 -9.34
N ARG G 92 62.47 -6.30 -10.48
CA ARG G 92 61.94 -5.89 -11.78
C ARG G 92 60.77 -6.82 -11.93
N ALA G 93 59.59 -6.22 -12.07
CA ALA G 93 58.35 -6.95 -12.22
C ALA G 93 57.94 -7.18 -13.68
N ASP G 94 57.39 -8.38 -13.91
CA ASP G 94 56.90 -8.81 -15.23
C ASP G 94 55.37 -9.02 -15.16
N ASN G 95 54.80 -9.77 -16.09
CA ASN G 95 53.36 -9.98 -16.03
C ASN G 95 52.98 -11.07 -15.04
N ASN G 96 54.01 -11.76 -14.58
CA ASN G 96 53.82 -12.79 -13.60
C ASN G 96 53.56 -12.14 -12.21
N PHE G 97 53.66 -10.82 -12.14
CA PHE G 97 53.39 -10.11 -10.91
C PHE G 97 51.98 -9.57 -11.09
N TYR G 98 51.15 -9.67 -10.05
CA TYR G 98 49.76 -9.17 -10.11
C TYR G 98 49.41 -8.42 -8.82
N GLY G 99 48.59 -7.38 -8.93
CA GLY G 99 48.17 -6.59 -7.78
C GLY G 99 47.31 -7.33 -6.77
N ALA G 100 47.60 -7.11 -5.48
CA ALA G 100 46.85 -7.78 -4.42
C ALA G 100 45.46 -7.21 -4.27
N ALA G 101 45.37 -5.88 -4.22
CA ALA G 101 44.08 -5.21 -4.08
C ALA G 101 43.12 -5.62 -5.19
N SER G 102 43.48 -5.28 -6.42
CA SER G 102 42.65 -5.63 -7.57
C SER G 102 42.24 -7.08 -7.47
N SER G 103 43.21 -7.98 -7.31
CA SER G 103 42.91 -9.38 -7.18
C SER G 103 41.75 -9.53 -6.18
N TYR G 104 41.86 -8.84 -5.04
CA TYR G 104 40.82 -8.91 -4.02
C TYR G 104 39.49 -8.48 -4.58
N PHE G 105 39.42 -7.23 -5.00
CA PHE G 105 38.19 -6.66 -5.54
C PHE G 105 37.50 -7.53 -6.58
N GLU G 106 38.26 -7.99 -7.55
CA GLU G 106 37.72 -8.84 -8.60
C GLU G 106 37.08 -10.09 -7.96
N TYR G 107 37.77 -10.73 -7.01
CA TYR G 107 37.23 -11.92 -6.35
C TYR G 107 35.84 -11.58 -5.80
N VAL G 108 35.77 -10.48 -5.09
CA VAL G 108 34.50 -10.04 -4.52
C VAL G 108 33.42 -9.83 -5.58
N ASP G 109 33.81 -9.49 -6.80
CA ASP G 109 32.83 -9.30 -7.86
C ASP G 109 32.91 -10.47 -8.75
N THR G 110 32.57 -11.61 -8.17
CA THR G 110 32.58 -12.88 -8.85
C THR G 110 31.91 -13.78 -7.83
N TYR G 111 32.04 -13.43 -6.55
CA TYR G 111 31.39 -14.23 -5.55
C TYR G 111 30.55 -13.41 -4.59
N GLY G 112 30.50 -12.10 -4.78
CA GLY G 112 29.69 -11.28 -3.90
C GLY G 112 30.29 -10.89 -2.57
N ASP G 113 29.80 -9.78 -2.05
CA ASP G 113 30.24 -9.20 -0.80
C ASP G 113 30.51 -10.15 0.35
N ASN G 114 29.56 -11.02 0.63
CA ASN G 114 29.71 -11.93 1.74
C ASN G 114 30.89 -12.91 1.61
N ALA G 115 31.49 -13.01 0.43
CA ALA G 115 32.62 -13.92 0.23
C ALA G 115 34.00 -13.30 0.54
N GLY G 116 34.04 -11.98 0.65
CA GLY G 116 35.28 -11.28 0.95
C GLY G 116 35.30 -10.78 2.39
N ARG G 117 36.33 -10.01 2.74
CA ARG G 117 36.46 -9.46 4.09
C ARG G 117 36.88 -8.02 3.99
N ILE G 118 36.12 -7.13 4.60
CA ILE G 118 36.41 -5.71 4.52
C ILE G 118 37.88 -5.34 4.75
N LEU G 119 38.48 -5.86 5.82
CA LEU G 119 39.85 -5.57 6.15
C LEU G 119 40.86 -6.24 5.24
N ALA G 120 40.53 -7.41 4.69
CA ALA G 120 41.45 -8.10 3.79
C ALA G 120 41.75 -7.24 2.56
N GLY G 121 40.76 -6.46 2.17
CA GLY G 121 40.90 -5.58 1.02
C GLY G 121 41.51 -4.26 1.43
N ALA G 122 41.26 -3.82 2.66
CA ALA G 122 41.84 -2.57 3.15
C ALA G 122 43.33 -2.77 3.37
N LEU G 123 43.73 -4.02 3.61
CA LEU G 123 45.11 -4.41 3.87
C LEU G 123 45.94 -4.53 2.62
N ALA G 124 45.37 -5.10 1.57
CA ALA G 124 46.11 -5.25 0.33
C ALA G 124 46.46 -3.85 -0.17
N THR G 125 45.52 -2.93 -0.05
CA THR G 125 45.79 -1.59 -0.49
C THR G 125 46.78 -0.93 0.45
N TYR G 126 46.80 -1.39 1.69
CA TYR G 126 47.71 -0.83 2.68
C TYR G 126 49.16 -1.19 2.37
N GLN G 127 49.46 -2.48 2.34
CA GLN G 127 50.82 -2.91 2.06
C GLN G 127 51.24 -2.73 0.62
N SER G 128 50.34 -2.22 -0.20
CA SER G 128 50.63 -2.01 -1.62
C SER G 128 51.23 -3.29 -2.20
N GLU G 129 50.74 -4.43 -1.72
CA GLU G 129 51.24 -5.72 -2.15
C GLU G 129 50.98 -6.08 -3.60
N TYR G 130 51.93 -6.80 -4.18
CA TYR G 130 51.85 -7.33 -5.52
C TYR G 130 52.26 -8.79 -5.32
N LEU G 131 51.46 -9.69 -5.89
CA LEU G 131 51.69 -11.13 -5.77
C LEU G 131 52.53 -11.74 -6.87
N ALA G 132 53.70 -12.22 -6.48
CA ALA G 132 54.61 -12.84 -7.41
C ALA G 132 54.05 -14.23 -7.58
N HIS G 133 53.54 -14.53 -8.75
CA HIS G 133 53.00 -15.84 -8.92
C HIS G 133 54.15 -16.86 -9.01
N ARG G 134 54.06 -17.91 -8.22
CA ARG G 134 55.07 -18.97 -8.24
C ARG G 134 56.48 -18.68 -7.73
N ARG G 135 57.14 -17.72 -8.34
CA ARG G 135 58.50 -17.39 -7.95
C ARG G 135 58.97 -16.13 -8.64
N ILE G 136 59.95 -15.52 -8.00
CA ILE G 136 60.56 -14.28 -8.45
C ILE G 136 62.06 -14.68 -8.46
N PRO G 137 62.56 -15.00 -9.67
CA PRO G 137 63.93 -15.43 -10.01
C PRO G 137 65.01 -14.35 -10.10
N PRO G 138 66.27 -14.73 -9.83
CA PRO G 138 67.44 -13.84 -9.84
C PRO G 138 67.47 -12.71 -10.88
N GLU G 139 67.18 -13.02 -12.14
CA GLU G 139 67.23 -12.00 -13.19
C GLU G 139 66.36 -10.79 -12.90
N ASN G 140 65.34 -10.96 -12.05
CA ASN G 140 64.44 -9.88 -11.70
C ASN G 140 64.98 -9.11 -10.51
N ILE G 141 65.89 -9.71 -9.76
CA ILE G 141 66.44 -9.05 -8.59
C ILE G 141 67.61 -8.16 -8.99
N ARG G 142 67.46 -6.87 -8.73
CA ARG G 142 68.45 -5.89 -9.13
C ARG G 142 69.47 -5.55 -8.07
N ARG G 143 69.10 -4.61 -7.22
CA ARG G 143 69.99 -4.15 -6.17
C ARG G 143 69.63 -4.85 -4.86
N VAL G 144 70.00 -4.25 -3.74
CA VAL G 144 69.68 -4.75 -2.40
C VAL G 144 70.29 -3.88 -1.32
N THR G 145 69.45 -3.23 -0.52
CA THR G 145 70.03 -2.44 0.55
C THR G 145 70.13 -3.41 1.71
N ARG G 146 71.25 -3.34 2.41
CA ARG G 146 71.54 -4.16 3.58
C ARG G 146 71.68 -3.21 4.76
N VAL G 147 70.86 -3.38 5.79
CA VAL G 147 70.90 -2.50 6.94
C VAL G 147 71.40 -3.25 8.14
N TYR G 148 72.45 -2.71 8.74
CA TYR G 148 73.02 -3.30 9.92
C TYR G 148 72.79 -2.29 11.03
N HIS G 149 72.49 -2.78 12.22
CA HIS G 149 72.30 -1.88 13.33
C HIS G 149 72.80 -2.56 14.55
N ASN G 150 73.51 -1.78 15.35
CA ASN G 150 74.03 -2.23 16.62
C ASN G 150 73.25 -1.40 17.64
N GLY G 151 72.30 -2.09 18.28
CA GLY G 151 71.43 -1.48 19.25
C GLY G 151 72.16 -0.87 20.42
N ILE G 152 73.32 -1.45 20.72
CA ILE G 152 74.15 -0.99 21.84
C ILE G 152 74.95 0.29 21.56
N THR G 153 75.46 0.46 20.33
CA THR G 153 76.17 1.70 19.99
C THR G 153 75.17 2.74 19.49
N GLY G 154 74.04 2.25 18.98
CA GLY G 154 73.01 3.12 18.46
C GLY G 154 73.29 3.51 17.03
N GLU G 155 74.27 2.80 16.45
CA GLU G 155 74.71 3.05 15.09
C GLU G 155 74.07 2.15 14.02
N THR G 156 73.63 2.77 12.93
CA THR G 156 72.97 2.14 11.77
C THR G 156 73.95 2.13 10.59
N THR G 157 73.98 1.07 9.80
CA THR G 157 74.94 0.99 8.71
C THR G 157 74.34 0.49 7.39
N THR G 158 74.02 1.42 6.51
CA THR G 158 73.44 1.08 5.21
C THR G 158 74.51 0.54 4.26
N THR G 159 74.14 -0.36 3.36
CA THR G 159 75.12 -0.95 2.44
C THR G 159 74.41 -1.53 1.23
N GLU G 160 74.93 -1.29 0.02
CA GLU G 160 74.28 -1.87 -1.17
C GLU G 160 75.10 -2.93 -1.87
N TYR G 161 74.45 -3.68 -2.76
CA TYR G 161 75.11 -4.74 -3.51
C TYR G 161 74.24 -4.83 -4.74
N SER G 162 74.75 -5.47 -5.78
CA SER G 162 73.99 -5.59 -7.01
C SER G 162 74.17 -7.00 -7.52
N ASN G 163 73.09 -7.55 -8.05
CA ASN G 163 73.13 -8.88 -8.62
C ASN G 163 73.64 -8.79 -10.05
N ALA G 164 74.59 -9.66 -10.35
CA ALA G 164 75.20 -9.75 -11.66
C ALA G 164 74.16 -10.34 -12.59
N ARG G 165 73.61 -11.47 -12.15
CA ARG G 165 72.60 -12.21 -12.90
C ARG G 165 71.36 -11.41 -13.22
N TYR G 166 71.17 -10.27 -12.53
CA TYR G 166 70.02 -9.43 -12.83
C TYR G 166 70.02 -9.23 -14.33
N VAL G 167 68.84 -9.22 -14.91
CA VAL G 167 68.70 -9.03 -16.32
C VAL G 167 67.79 -7.84 -16.51
N SER G 168 68.15 -6.99 -17.46
CA SER G 168 67.31 -5.84 -17.71
C SER G 168 66.36 -6.10 -18.85
N GLN G 169 65.09 -6.21 -18.49
CA GLN G 169 64.07 -6.40 -19.49
C GLN G 169 63.42 -5.03 -19.58
N GLN G 170 62.20 -5.01 -20.12
CA GLN G 170 61.42 -3.78 -20.23
C GLN G 170 59.97 -4.16 -19.90
N THR G 171 59.81 -4.74 -18.72
CA THR G 171 58.52 -5.21 -18.24
C THR G 171 57.92 -4.26 -17.21
N ARG G 172 56.77 -4.67 -16.70
CA ARG G 172 56.00 -3.98 -15.65
C ARG G 172 55.15 -5.13 -15.14
N ALA G 173 54.45 -4.91 -14.04
CA ALA G 173 53.54 -5.90 -13.45
C ALA G 173 52.38 -6.22 -14.41
N ASN G 174 51.67 -7.29 -14.12
CA ASN G 174 50.55 -7.64 -14.95
C ASN G 174 49.51 -6.54 -14.85
N PRO G 175 48.95 -6.11 -15.97
CA PRO G 175 47.95 -5.05 -15.81
C PRO G 175 46.61 -5.69 -15.42
N ASN G 176 46.59 -7.02 -15.39
CA ASN G 176 45.36 -7.77 -15.09
C ASN G 176 45.34 -8.55 -13.79
N PRO G 177 44.20 -8.47 -13.07
CA PRO G 177 43.92 -9.13 -11.80
C PRO G 177 44.14 -10.63 -11.83
N TYR G 178 44.77 -11.15 -10.79
CA TYR G 178 44.99 -12.57 -10.69
C TYR G 178 43.61 -13.13 -10.39
N THR G 179 43.33 -14.36 -10.83
CA THR G 179 42.00 -14.98 -10.61
C THR G 179 41.95 -16.44 -10.12
N SER G 180 41.11 -16.70 -9.11
CA SER G 180 40.97 -18.06 -8.58
C SER G 180 39.54 -18.46 -8.18
N ARG G 181 39.30 -19.78 -8.20
CA ARG G 181 38.02 -20.38 -7.84
C ARG G 181 37.67 -19.98 -6.39
N ARG G 182 36.41 -19.65 -6.11
CA ARG G 182 36.05 -19.24 -4.75
C ARG G 182 36.61 -20.20 -3.69
N SER G 183 37.08 -19.65 -2.56
CA SER G 183 37.62 -20.47 -1.48
C SER G 183 36.58 -21.34 -0.79
N VAL G 184 36.85 -22.63 -0.72
CA VAL G 184 35.94 -23.51 -0.02
C VAL G 184 36.47 -23.55 1.41
N ALA G 185 37.58 -22.83 1.64
CA ALA G 185 38.19 -22.79 2.97
C ALA G 185 37.33 -21.97 3.94
N SER G 186 37.53 -22.15 5.24
CA SER G 186 36.81 -21.40 6.26
C SER G 186 37.76 -20.29 6.67
N ILE G 187 37.31 -19.04 6.59
CA ILE G 187 38.19 -17.93 6.97
C ILE G 187 37.50 -17.14 8.08
N VAL G 188 38.18 -16.95 9.21
CA VAL G 188 37.64 -16.23 10.37
C VAL G 188 37.84 -14.70 10.32
N GLY G 189 38.96 -14.32 9.71
CA GLY G 189 39.29 -12.93 9.60
C GLY G 189 40.61 -12.81 8.90
N THR G 190 41.16 -11.59 8.88
CA THR G 190 42.43 -11.33 8.23
C THR G 190 43.57 -11.39 9.26
N LEU G 191 44.49 -12.33 9.01
CA LEU G 191 45.67 -12.57 9.85
C LEU G 191 46.68 -11.50 9.53
N VAL G 192 47.11 -10.84 10.59
CA VAL G 192 47.98 -9.71 10.48
C VAL G 192 48.89 -9.74 11.70
N ARG G 193 50.10 -9.22 11.54
CA ARG G 193 51.11 -9.13 12.61
C ARG G 193 51.01 -7.70 13.14
N MET G 194 51.09 -7.53 14.44
CA MET G 194 50.95 -6.21 15.00
C MET G 194 52.20 -5.33 15.07
N ALA G 195 51.98 -4.01 15.11
CA ALA G 195 53.05 -3.04 15.30
C ALA G 195 54.29 -3.16 14.41
N PRO G 196 54.24 -2.64 13.19
CA PRO G 196 53.12 -1.96 12.55
C PRO G 196 52.22 -3.09 12.08
N VAL G 197 51.04 -2.78 11.57
CA VAL G 197 50.17 -3.84 11.12
C VAL G 197 50.72 -4.38 9.82
N VAL G 198 51.10 -5.65 9.79
CA VAL G 198 51.60 -6.24 8.54
C VAL G 198 50.86 -7.52 8.16
N GLY G 199 50.55 -7.69 6.88
CA GLY G 199 49.87 -8.91 6.43
C GLY G 199 50.66 -10.13 6.88
N ALA G 200 50.00 -11.27 7.04
CA ALA G 200 50.71 -12.47 7.45
C ALA G 200 51.64 -12.93 6.33
N CYS G 201 51.16 -13.06 5.10
CA CYS G 201 52.06 -13.48 4.03
C CYS G 201 53.30 -12.61 3.85
N MET G 202 53.24 -11.35 4.26
CA MET G 202 54.43 -10.53 4.16
C MET G 202 55.24 -10.93 5.39
N ALA G 203 55.00 -10.30 6.54
CA ALA G 203 55.71 -10.61 7.79
C ALA G 203 56.22 -12.05 7.92
N ARG G 204 55.40 -13.00 7.52
CA ARG G 204 55.75 -14.40 7.59
C ARG G 204 56.83 -14.85 6.63
N GLN G 205 56.61 -14.56 5.35
CA GLN G 205 57.53 -15.00 4.31
C GLN G 205 58.97 -14.58 4.47
N ALA G 206 59.19 -13.43 5.08
CA ALA G 206 60.55 -12.92 5.30
C ALA G 206 61.42 -13.77 6.23
N GLU G 207 60.93 -13.92 7.45
CA GLU G 207 61.60 -14.68 8.49
C GLU G 207 62.05 -16.03 7.94
N SER G 208 63.27 -16.42 8.30
CA SER G 208 63.88 -17.69 7.89
C SER G 208 64.96 -18.13 8.92
N SER G 209 65.85 -19.06 8.53
CA SER G 209 66.92 -19.62 9.40
C SER G 209 68.10 -18.70 9.84
N GLU G 210 67.87 -17.79 10.79
CA GLU G 210 68.97 -16.91 11.23
C GLU G 210 69.15 -16.88 12.76
N GLU G 221 60.64 -19.58 18.80
CA GLU G 221 59.86 -18.35 18.92
C GLU G 221 59.04 -18.08 17.66
N ALA G 222 57.73 -18.30 17.78
CA ALA G 222 56.79 -18.13 16.67
C ALA G 222 56.27 -16.70 16.50
N MET G 223 55.85 -16.35 15.29
CA MET G 223 55.33 -15.00 15.02
C MET G 223 53.90 -14.92 15.55
N VAL G 224 53.56 -13.84 16.23
CA VAL G 224 52.20 -13.67 16.75
C VAL G 224 51.27 -13.05 15.68
N LEU G 225 50.45 -13.89 15.06
CA LEU G 225 49.49 -13.46 14.06
C LEU G 225 48.14 -13.26 14.74
N VAL G 226 47.54 -12.10 14.52
CA VAL G 226 46.29 -11.76 15.15
C VAL G 226 45.18 -11.45 14.12
N TYR G 227 43.92 -11.47 14.56
CA TYR G 227 42.78 -11.18 13.69
C TYR G 227 42.50 -9.68 13.65
N TYR G 228 42.88 -9.07 12.55
CA TYR G 228 42.73 -7.62 12.38
C TYR G 228 41.37 -7.14 12.88
N GLU G 229 40.35 -7.95 12.63
CA GLU G 229 38.98 -7.67 13.00
C GLU G 229 38.77 -7.49 14.48
N SER G 230 39.51 -8.25 15.26
CA SER G 230 39.35 -8.14 16.70
C SER G 230 40.00 -6.88 17.27
N ILE G 231 40.86 -6.25 16.47
CA ILE G 231 41.56 -5.06 16.94
C ILE G 231 41.29 -3.76 16.21
N ALA G 232 40.75 -3.84 14.98
CA ALA G 232 40.45 -2.65 14.16
C ALA G 232 39.36 -1.77 14.74
N TYR G 233 38.58 -2.31 15.66
CA TYR G 233 37.48 -1.58 16.31
C TYR G 233 37.64 -1.68 17.86
N SER G 234 37.27 -0.62 18.59
CA SER G 234 37.37 -0.62 20.06
C SER G 234 36.50 -1.70 20.73
N PHE G 235 36.40 -1.61 22.06
CA PHE G 235 35.56 -2.52 22.85
C PHE G 235 34.70 -1.58 23.69
N PRO H 3 7.78 -26.74 12.75
CA PRO H 3 7.60 -27.72 13.85
C PRO H 3 8.67 -27.54 14.92
N GLY H 4 8.25 -27.56 16.18
CA GLY H 4 9.18 -27.36 17.29
C GLY H 4 9.68 -25.93 17.28
N ILE H 5 8.76 -24.99 17.35
CA ILE H 5 9.05 -23.57 17.31
C ILE H 5 8.55 -23.03 18.61
N VAL H 6 9.34 -22.28 19.34
CA VAL H 6 8.83 -21.73 20.57
C VAL H 6 7.63 -20.89 20.22
N ILE H 7 6.52 -21.16 20.90
CA ILE H 7 5.29 -20.43 20.63
C ILE H 7 4.99 -19.39 21.70
N PRO H 8 4.83 -18.13 21.27
CA PRO H 8 4.54 -17.01 22.16
C PRO H 8 3.32 -17.24 22.99
N PRO H 9 3.39 -16.97 24.28
CA PRO H 9 2.23 -17.15 25.16
C PRO H 9 1.24 -16.05 24.82
N GLN H 10 -0.02 -16.44 24.69
CA GLN H 10 -1.13 -15.56 24.36
C GLN H 10 -1.02 -14.10 24.74
N GLU H 11 -0.51 -13.84 25.93
CA GLU H 11 -0.39 -12.49 26.48
C GLU H 11 0.72 -11.61 25.86
N GLN H 12 1.47 -12.19 24.93
CA GLN H 12 2.52 -11.47 24.24
C GLN H 12 1.86 -10.66 23.16
N ILE H 13 0.63 -11.00 22.82
CA ILE H 13 -0.07 -10.25 21.77
C ILE H 13 -0.31 -8.85 22.34
N THR H 14 -0.44 -7.86 21.46
CA THR H 14 -0.70 -6.49 21.91
C THR H 14 -2.12 -6.04 21.63
N GLN H 15 -2.64 -5.22 22.55
CA GLN H 15 -4.04 -4.77 22.44
C GLN H 15 -4.50 -4.16 21.13
N HIS H 16 -3.60 -3.79 20.24
CA HIS H 16 -3.99 -3.23 18.95
C HIS H 16 -2.81 -3.44 18.01
N GLY H 17 -3.13 -3.82 16.78
CA GLY H 17 -2.11 -4.07 15.78
C GLY H 17 -1.49 -2.80 15.25
N SER H 18 -0.44 -2.98 14.47
CA SER H 18 0.25 -1.82 13.97
C SER H 18 0.19 -1.60 12.48
N PRO H 19 0.18 -0.33 12.08
CA PRO H 19 0.12 0.20 10.72
C PRO H 19 1.45 0.26 10.03
N TYR H 20 1.38 0.37 8.71
CA TYR H 20 2.54 0.47 7.83
C TYR H 20 3.54 -0.65 8.05
N GLY H 21 3.15 -1.68 8.79
CA GLY H 21 4.05 -2.79 9.06
C GLY H 21 5.03 -2.47 10.18
N ARG H 22 4.85 -1.28 10.74
CA ARG H 22 5.73 -0.88 11.78
C ARG H 22 5.27 -1.32 13.13
N CYS H 23 5.62 -2.55 13.46
CA CYS H 23 5.33 -3.07 14.78
C CYS H 23 6.09 -2.12 15.72
N ALA H 24 5.51 -1.79 16.88
CA ALA H 24 6.18 -0.83 17.75
C ALA H 24 7.47 -1.38 18.30
N ASN H 25 8.23 -0.50 18.94
CA ASN H 25 9.51 -0.84 19.55
C ASN H 25 9.32 -1.79 20.69
N LYS H 26 10.21 -2.76 20.80
CA LYS H 26 10.10 -3.75 21.86
C LYS H 26 8.99 -4.77 21.63
N THR H 27 8.46 -4.80 20.39
CA THR H 27 7.43 -5.75 19.99
C THR H 27 7.78 -6.09 18.54
N ARG H 28 7.30 -7.24 18.05
CA ARG H 28 7.60 -7.67 16.68
C ARG H 28 6.46 -8.49 16.01
N ALA H 29 6.41 -8.44 14.69
CA ALA H 29 5.39 -9.12 13.92
C ALA H 29 5.32 -10.61 14.23
N LEU H 30 4.09 -11.18 14.23
CA LEU H 30 3.81 -12.60 14.52
C LEU H 30 4.03 -13.42 13.23
N THR H 31 4.51 -14.66 13.32
CA THR H 31 4.69 -15.39 12.06
C THR H 31 3.48 -16.25 11.74
N VAL H 32 3.44 -16.76 10.52
CA VAL H 32 2.36 -17.62 10.08
C VAL H 32 2.49 -18.87 10.92
N ALA H 33 3.73 -19.36 10.97
CA ALA H 33 4.07 -20.55 11.70
C ALA H 33 3.84 -20.47 13.20
N GLU H 34 3.76 -19.28 13.76
CA GLU H 34 3.57 -19.18 15.19
C GLU H 34 2.12 -19.11 15.54
N LEU H 35 1.35 -18.38 14.75
CA LEU H 35 -0.09 -18.29 15.02
C LEU H 35 -0.63 -19.67 14.92
N ARG H 36 -0.37 -20.33 13.79
CA ARG H 36 -0.83 -21.70 13.59
C ARG H 36 -0.64 -22.51 14.85
N GLY H 37 0.60 -22.72 15.23
CA GLY H 37 0.90 -23.49 16.42
C GLY H 37 0.26 -23.01 17.70
N SER H 38 -0.34 -21.83 17.72
CA SER H 38 -0.94 -21.39 18.98
C SER H 38 -2.46 -21.35 18.97
N GLY H 39 -3.02 -22.36 19.63
CA GLY H 39 -4.45 -22.44 19.75
C GLY H 39 -4.96 -21.19 20.41
N ASP H 40 -4.56 -20.98 21.65
CA ASP H 40 -5.01 -19.77 22.37
C ASP H 40 -5.09 -18.52 21.53
N LEU H 41 -4.11 -18.35 20.65
CA LEU H 41 -4.07 -17.18 19.78
C LEU H 41 -5.16 -17.19 18.75
N GLN H 42 -5.25 -18.29 18.00
CA GLN H 42 -6.27 -18.43 16.96
C GLN H 42 -7.65 -18.09 17.52
N GLU H 43 -7.96 -18.65 18.68
CA GLU H 43 -9.23 -18.39 19.34
C GLU H 43 -9.32 -16.89 19.51
N TYR H 44 -8.41 -16.32 20.30
CA TYR H 44 -8.38 -14.87 20.55
C TYR H 44 -8.81 -14.04 19.32
N LEU H 45 -8.07 -14.24 18.21
CA LEU H 45 -8.34 -13.49 17.00
C LEU H 45 -9.76 -13.74 16.53
N ARG H 46 -10.13 -15.01 16.51
CA ARG H 46 -11.46 -15.39 16.12
C ARG H 46 -12.52 -14.60 16.89
N HIS H 47 -12.56 -14.73 18.21
CA HIS H 47 -13.55 -13.99 18.99
C HIS H 47 -13.35 -12.45 19.10
N VAL H 48 -12.33 -11.93 18.43
CA VAL H 48 -12.11 -10.48 18.52
C VAL H 48 -12.10 -9.77 17.15
N THR H 49 -12.24 -10.53 16.09
CA THR H 49 -12.19 -9.97 14.75
C THR H 49 -13.48 -9.90 13.97
N ARG H 50 -13.97 -8.69 13.75
CA ARG H 50 -15.21 -8.48 13.02
C ARG H 50 -14.93 -8.15 11.56
N GLY H 51 -15.99 -8.09 10.75
CA GLY H 51 -15.87 -7.76 9.34
C GLY H 51 -15.18 -8.75 8.41
N TRP H 52 -15.01 -8.32 7.18
CA TRP H 52 -14.33 -9.10 6.12
C TRP H 52 -12.87 -8.60 6.13
N SER H 53 -12.24 -8.70 7.31
CA SER H 53 -10.88 -8.24 7.56
C SER H 53 -9.73 -9.18 7.28
N ILE H 54 -8.65 -8.64 6.75
CA ILE H 54 -7.44 -9.43 6.51
C ILE H 54 -6.28 -8.70 7.18
N PHE H 55 -5.50 -9.43 7.97
CA PHE H 55 -4.40 -8.82 8.67
C PHE H 55 -3.06 -9.35 8.25
N ALA H 56 -2.06 -8.49 8.37
CA ALA H 56 -0.71 -8.85 8.03
C ALA H 56 0.03 -9.49 9.19
N LEU H 57 0.63 -10.62 8.91
CA LEU H 57 1.46 -11.32 9.86
C LEU H 57 2.82 -11.11 9.19
N TYR H 58 3.94 -11.43 9.86
CA TYR H 58 5.25 -11.22 9.25
C TYR H 58 5.33 -11.81 7.85
N ASP H 59 5.17 -13.12 7.76
CA ASP H 59 5.28 -13.82 6.49
C ASP H 59 4.00 -14.37 5.95
N GLY H 60 2.90 -13.70 6.23
CA GLY H 60 1.62 -14.17 5.72
C GLY H 60 0.40 -13.31 6.09
N THR H 61 -0.80 -13.81 5.77
CA THR H 61 -2.03 -13.07 6.05
C THR H 61 -3.05 -13.86 6.85
N TYR H 62 -3.83 -13.15 7.65
CA TYR H 62 -4.86 -13.75 8.47
C TYR H 62 -6.23 -13.16 8.11
N LEU H 63 -7.02 -13.91 7.33
CA LEU H 63 -8.34 -13.47 6.92
C LEU H 63 -9.25 -13.82 8.07
N GLY H 64 -9.58 -12.83 8.87
CA GLY H 64 -10.42 -13.07 10.05
C GLY H 64 -11.85 -12.65 9.86
N GLY H 65 -12.56 -12.42 10.97
CA GLY H 65 -13.97 -12.06 10.90
C GLY H 65 -14.80 -13.02 10.04
N GLU H 66 -15.64 -12.44 9.20
CA GLU H 66 -16.48 -13.18 8.29
C GLU H 66 -15.69 -14.16 7.47
N TYR H 67 -14.37 -14.05 7.43
CA TYR H 67 -13.63 -14.99 6.62
C TYR H 67 -13.37 -16.33 7.29
N GLY H 68 -13.67 -16.44 8.59
CA GLY H 68 -13.45 -17.69 9.31
C GLY H 68 -12.24 -17.74 10.28
N GLY H 69 -11.09 -17.29 9.81
CA GLY H 69 -9.92 -17.29 10.65
C GLY H 69 -8.95 -18.09 9.86
N VAL H 70 -8.73 -17.65 8.64
CA VAL H 70 -7.82 -18.35 7.75
C VAL H 70 -6.38 -17.84 7.82
N ILE H 71 -5.44 -18.77 7.82
CA ILE H 71 -4.07 -18.36 7.85
C ILE H 71 -3.45 -18.67 6.51
N LYS H 72 -3.21 -17.63 5.74
CA LYS H 72 -2.60 -17.76 4.43
C LYS H 72 -1.09 -17.53 4.47
N ASP H 73 -0.36 -18.44 3.85
CA ASP H 73 1.08 -18.33 3.78
C ASP H 73 1.42 -17.15 2.90
N GLY H 74 2.44 -16.41 3.32
CA GLY H 74 2.86 -15.24 2.58
C GLY H 74 4.30 -15.18 2.13
N THR H 75 4.88 -14.02 2.40
CA THR H 75 6.24 -13.69 2.04
C THR H 75 6.72 -12.73 3.11
N PRO H 76 8.00 -12.85 3.48
CA PRO H 76 8.53 -11.95 4.51
C PRO H 76 8.22 -10.48 4.21
N GLY H 77 7.40 -9.92 5.08
CA GLY H 77 7.00 -8.54 4.99
C GLY H 77 6.15 -8.16 3.79
N GLY H 78 6.03 -9.08 2.86
CA GLY H 78 5.24 -8.87 1.64
C GLY H 78 3.78 -8.44 1.73
N ALA H 79 3.20 -8.48 2.93
CA ALA H 79 1.83 -8.07 3.09
C ALA H 79 1.75 -6.96 4.10
N PHE H 80 2.76 -6.12 4.10
CA PHE H 80 2.77 -5.02 5.04
C PHE H 80 1.97 -3.82 4.49
N ASP H 81 1.24 -4.03 3.39
CA ASP H 81 0.45 -2.96 2.81
C ASP H 81 -0.85 -2.91 3.49
N LEU H 82 -1.27 -4.04 4.05
CA LEU H 82 -2.54 -4.06 4.75
C LEU H 82 -2.55 -3.02 5.88
N LYS H 83 -3.73 -2.63 6.30
CA LYS H 83 -3.86 -1.62 7.33
C LYS H 83 -3.42 -2.03 8.73
N THR H 84 -3.32 -3.33 9.00
CA THR H 84 -2.92 -3.75 10.34
C THR H 84 -2.08 -5.03 10.41
N THR H 85 -0.95 -4.96 11.11
CA THR H 85 -0.07 -6.11 11.27
C THR H 85 -0.15 -6.51 12.71
N PHE H 86 -0.16 -7.82 12.94
CA PHE H 86 -0.22 -8.37 14.29
C PHE H 86 1.17 -8.40 14.94
N CYS H 87 1.33 -7.66 16.03
CA CYS H 87 2.60 -7.56 16.75
C CYS H 87 2.56 -8.28 18.08
N ILE H 88 3.70 -8.88 18.40
CA ILE H 88 3.83 -9.61 19.62
C ILE H 88 4.82 -8.86 20.48
N MET H 89 4.71 -9.00 21.78
CA MET H 89 5.66 -8.34 22.64
C MET H 89 6.81 -9.32 22.75
N THR H 90 8.00 -8.84 23.05
CA THR H 90 9.16 -9.70 23.10
C THR H 90 9.64 -10.09 24.47
N THR H 91 9.22 -9.36 25.49
CA THR H 91 9.66 -9.68 26.83
C THR H 91 8.63 -10.45 27.67
N ARG H 92 9.10 -11.42 28.42
CA ARG H 92 8.26 -12.20 29.28
C ARG H 92 8.96 -12.40 30.58
N ASN H 93 8.32 -12.02 31.67
CA ASN H 93 8.93 -12.22 32.97
C ASN H 93 8.60 -13.61 33.39
N THR H 94 9.48 -14.53 33.03
CA THR H 94 9.26 -15.92 33.33
C THR H 94 8.83 -16.24 34.74
N GLY H 95 9.32 -15.47 35.70
CA GLY H 95 8.94 -15.72 37.08
C GLY H 95 9.78 -16.78 37.77
N GLN H 96 10.60 -17.48 37.01
CA GLN H 96 11.44 -18.50 37.61
C GLN H 96 12.46 -17.85 38.54
N PRO H 97 13.19 -18.66 39.29
CA PRO H 97 14.16 -18.05 40.17
C PRO H 97 15.44 -17.72 39.39
N ALA H 98 16.17 -16.71 39.89
CA ALA H 98 17.42 -16.32 39.25
C ALA H 98 18.61 -17.28 39.49
N THR H 99 18.43 -18.58 39.33
CA THR H 99 19.58 -19.45 39.50
C THR H 99 20.36 -19.35 38.20
N ASP H 100 21.58 -19.86 38.20
CA ASP H 100 22.47 -19.79 37.06
C ASP H 100 22.25 -20.97 36.18
N HIS H 101 22.40 -20.80 34.88
CA HIS H 101 22.27 -21.89 33.91
C HIS H 101 23.38 -21.60 32.97
N TYR H 102 24.16 -22.60 32.62
CA TYR H 102 25.26 -22.33 31.71
C TYR H 102 25.27 -23.38 30.65
N TYR H 103 25.83 -23.05 29.50
CA TYR H 103 25.91 -23.97 28.37
C TYR H 103 27.36 -23.88 27.93
N SER H 104 28.01 -25.04 27.89
CA SER H 104 29.39 -25.09 27.51
C SER H 104 29.66 -25.35 26.04
N ASN H 105 30.87 -25.02 25.60
CA ASN H 105 31.31 -25.17 24.22
C ASN H 105 30.53 -24.36 23.16
N VAL H 106 29.70 -23.44 23.61
CA VAL H 106 28.92 -22.66 22.67
C VAL H 106 29.69 -21.58 21.89
N THR H 107 29.10 -21.15 20.77
CA THR H 107 29.65 -20.14 19.87
C THR H 107 28.61 -19.12 19.45
N ALA H 108 28.68 -17.90 19.96
CA ALA H 108 27.74 -16.87 19.56
C ALA H 108 27.67 -16.67 18.03
N THR H 109 26.44 -16.69 17.50
CA THR H 109 26.16 -16.50 16.07
C THR H 109 24.83 -15.80 15.90
N ARG H 110 24.51 -15.53 14.63
CA ARG H 110 23.24 -14.92 14.20
C ARG H 110 22.80 -13.76 15.07
N LEU H 111 23.51 -12.64 14.97
CA LEU H 111 23.23 -11.46 15.78
C LEU H 111 21.92 -10.74 15.44
N LEU H 112 21.19 -10.30 16.47
CA LEU H 112 19.92 -9.58 16.27
C LEU H 112 19.86 -8.30 17.08
N SER H 113 19.38 -7.23 16.47
CA SER H 113 19.26 -5.99 17.18
C SER H 113 18.03 -5.28 16.70
N SER H 114 17.64 -4.28 17.48
CA SER H 114 16.45 -3.49 17.21
C SER H 114 16.43 -2.19 18.02
N THR H 115 15.77 -1.19 17.50
CA THR H 115 15.68 0.09 18.16
C THR H 115 15.21 -0.04 19.59
N ASN H 116 15.88 0.61 20.53
CA ASN H 116 15.51 0.57 21.96
C ASN H 116 15.21 -0.78 22.52
N SER H 117 15.76 -1.81 21.93
CA SER H 117 15.49 -3.11 22.50
C SER H 117 16.77 -3.78 22.92
N ARG H 118 16.90 -5.06 22.67
CA ARG H 118 18.06 -5.79 23.08
C ARG H 118 18.86 -6.35 21.93
N LEU H 119 20.13 -6.69 22.21
CA LEU H 119 21.09 -7.31 21.30
C LEU H 119 21.19 -8.78 21.74
N CYS H 120 20.96 -9.70 20.81
CA CYS H 120 20.99 -11.11 21.10
C CYS H 120 21.87 -11.84 20.12
N ALA H 121 22.13 -13.10 20.48
CA ALA H 121 22.90 -14.01 19.68
C ALA H 121 22.42 -15.40 20.00
N VAL H 122 22.57 -16.25 19.01
CA VAL H 122 22.20 -17.65 19.06
C VAL H 122 23.50 -18.38 19.22
N PHE H 123 23.65 -19.07 20.35
CA PHE H 123 24.87 -19.80 20.59
C PHE H 123 24.67 -21.20 20.09
N VAL H 124 25.43 -21.59 19.09
CA VAL H 124 25.29 -22.94 18.55
C VAL H 124 26.34 -23.88 19.08
N ARG H 125 26.13 -25.17 18.77
CA ARG H 125 27.06 -26.24 19.13
C ARG H 125 26.91 -27.27 18.02
N SER H 126 27.92 -27.31 17.14
CA SER H 126 27.95 -28.19 15.99
C SER H 126 26.62 -28.09 15.22
N GLY H 127 26.48 -27.01 14.44
CA GLY H 127 25.27 -26.79 13.67
C GLY H 127 24.18 -26.37 14.62
N GLN H 128 23.57 -27.35 15.22
CA GLN H 128 22.49 -27.16 16.15
C GLN H 128 22.56 -26.05 17.20
N PRO H 129 21.55 -25.18 17.24
CA PRO H 129 21.50 -24.11 18.21
C PRO H 129 21.43 -24.73 19.57
N VAL H 130 21.60 -23.93 20.61
CA VAL H 130 21.52 -24.47 21.94
C VAL H 130 20.74 -23.51 22.81
N ILE H 131 21.03 -22.23 22.74
CA ILE H 131 20.32 -21.31 23.60
C ILE H 131 20.46 -19.98 22.92
N GLY H 132 19.55 -19.06 23.25
CA GLY H 132 19.65 -17.76 22.67
C GLY H 132 19.83 -16.88 23.85
N ALA H 133 20.63 -15.85 23.71
CA ALA H 133 20.84 -14.97 24.84
C ALA H 133 20.88 -13.59 24.34
N CYS H 134 20.51 -12.66 25.20
CA CYS H 134 20.43 -11.28 24.83
C CYS H 134 20.92 -10.36 25.91
N THR H 135 21.28 -9.13 25.47
CA THR H 135 21.78 -8.05 26.34
C THR H 135 21.13 -6.75 25.93
N SER H 136 20.77 -5.94 26.89
CA SER H 136 20.20 -4.65 26.55
C SER H 136 20.40 -3.70 27.68
N PRO H 137 20.88 -2.50 27.38
CA PRO H 137 21.11 -1.49 28.38
C PRO H 137 19.79 -0.82 28.72
N TYR H 138 18.80 -1.02 27.85
CA TYR H 138 17.51 -0.35 27.99
C TYR H 138 16.52 -0.74 29.06
N ASP H 139 16.46 -2.03 29.36
CA ASP H 139 15.50 -2.53 30.32
C ASP H 139 16.01 -3.90 30.67
N GLY H 140 15.63 -4.41 31.83
CA GLY H 140 16.06 -5.75 32.17
C GLY H 140 16.72 -5.87 33.52
N LYS H 141 16.46 -6.99 34.19
CA LYS H 141 17.05 -7.29 35.50
C LYS H 141 18.51 -6.99 35.40
N TYR H 142 19.16 -7.51 34.38
CA TYR H 142 20.56 -7.27 34.25
C TYR H 142 20.98 -6.26 33.20
N TRP H 143 20.62 -4.98 33.36
CA TRP H 143 21.05 -4.00 32.35
C TRP H 143 22.50 -3.58 32.55
N SER H 144 22.90 -3.52 33.82
CA SER H 144 24.28 -3.14 34.19
C SER H 144 25.30 -3.85 33.34
N MET H 145 25.18 -5.16 33.26
CA MET H 145 26.16 -5.89 32.49
C MET H 145 26.20 -5.62 31.01
N TYR H 146 25.50 -4.59 30.52
CA TYR H 146 25.50 -4.40 29.09
C TYR H 146 26.82 -3.96 28.55
N SER H 147 27.31 -2.89 29.16
CA SER H 147 28.58 -2.27 28.78
C SER H 147 29.73 -3.24 28.84
N ARG H 148 29.59 -4.21 29.73
CA ARG H 148 30.62 -5.21 29.89
C ARG H 148 30.41 -6.39 28.96
N LEU H 149 29.15 -6.81 28.80
CA LEU H 149 28.84 -7.96 27.96
C LEU H 149 29.02 -7.77 26.48
N ARG H 150 28.68 -6.57 26.02
CA ARG H 150 28.78 -6.25 24.60
C ARG H 150 30.23 -6.35 24.09
N LYS H 151 31.19 -6.18 25.02
CA LYS H 151 32.62 -6.23 24.67
C LYS H 151 33.12 -7.66 24.46
N MET H 152 32.72 -8.58 25.35
CA MET H 152 33.09 -10.01 25.25
C MET H 152 32.31 -10.66 24.10
N LEU H 153 31.05 -10.26 23.97
CA LEU H 153 30.16 -10.79 22.94
C LEU H 153 30.74 -10.45 21.57
N TYR H 154 31.04 -9.17 21.36
CA TYR H 154 31.63 -8.74 20.10
C TYR H 154 32.96 -9.50 19.86
N LEU H 155 33.78 -9.66 20.91
CA LEU H 155 35.08 -10.34 20.76
C LEU H 155 34.92 -11.75 20.28
N ILE H 156 34.14 -12.55 21.01
CA ILE H 156 33.93 -13.94 20.63
C ILE H 156 33.18 -14.08 19.32
N TYR H 157 32.31 -13.12 19.00
CA TYR H 157 31.56 -13.19 17.76
C TYR H 157 32.49 -13.12 16.56
N VAL H 158 33.31 -12.09 16.48
CA VAL H 158 34.21 -11.94 15.33
C VAL H 158 35.46 -12.80 15.36
N ALA H 159 35.63 -13.59 16.41
CA ALA H 159 36.82 -14.43 16.53
C ALA H 159 36.52 -15.90 16.42
N GLY H 160 35.29 -16.29 16.75
CA GLY H 160 34.95 -17.69 16.63
C GLY H 160 35.40 -18.46 17.83
N ILE H 161 35.52 -17.73 18.91
CA ILE H 161 35.94 -18.23 20.20
C ILE H 161 34.89 -19.12 20.89
N SER H 162 35.15 -20.43 20.91
CA SER H 162 34.24 -21.36 21.55
C SER H 162 34.14 -21.06 23.02
N VAL H 163 33.14 -20.31 23.44
CA VAL H 163 32.99 -19.93 24.85
C VAL H 163 32.10 -20.88 25.66
N ARG H 164 31.66 -20.45 26.85
CA ARG H 164 30.74 -21.20 27.72
C ARG H 164 29.84 -20.08 28.21
N VAL H 165 28.61 -20.05 27.72
CA VAL H 165 27.69 -19.00 28.09
C VAL H 165 26.83 -19.25 29.33
N HIS H 166 26.53 -18.20 30.07
CA HIS H 166 25.69 -18.32 31.26
C HIS H 166 24.44 -17.45 31.01
N VAL H 167 23.25 -17.99 31.32
CA VAL H 167 21.95 -17.29 31.16
C VAL H 167 21.06 -17.42 32.39
N SER H 168 20.27 -16.38 32.67
CA SER H 168 19.32 -16.36 33.80
C SER H 168 17.94 -16.46 33.27
N LYS H 169 17.29 -17.61 33.46
CA LYS H 169 15.92 -17.79 32.97
C LYS H 169 14.86 -16.92 33.61
N GLU H 170 15.26 -15.91 34.38
CA GLU H 170 14.31 -14.98 35.00
C GLU H 170 13.45 -14.24 33.99
N GLU H 171 13.95 -14.14 32.76
CA GLU H 171 13.25 -13.44 31.70
C GLU H 171 13.39 -14.21 30.39
N GLN H 172 12.32 -14.15 29.59
CA GLN H 172 12.30 -14.79 28.28
C GLN H 172 11.93 -13.81 27.16
N TYR H 173 12.70 -13.90 26.07
CA TYR H 173 12.59 -13.01 24.95
C TYR H 173 12.17 -13.74 23.73
N TYR H 174 11.33 -13.10 22.93
CA TYR H 174 10.79 -13.69 21.70
C TYR H 174 11.28 -12.97 20.47
N ASP H 175 12.41 -12.30 20.57
CA ASP H 175 12.92 -11.56 19.45
C ASP H 175 13.10 -12.35 18.13
N TYR H 176 13.67 -13.54 18.20
CA TYR H 176 13.88 -14.31 16.97
C TYR H 176 12.55 -14.85 16.49
N GLU H 177 12.43 -15.08 15.18
CA GLU H 177 11.21 -15.60 14.58
C GLU H 177 11.34 -17.07 14.42
N ASP H 178 10.27 -17.80 14.75
CA ASP H 178 10.22 -19.25 14.62
C ASP H 178 11.50 -19.89 15.16
N ALA H 179 11.72 -19.66 16.44
CA ALA H 179 12.92 -20.15 17.07
C ALA H 179 12.86 -21.59 17.58
N THR H 180 13.75 -22.43 17.05
CA THR H 180 13.79 -23.80 17.51
C THR H 180 14.39 -23.81 18.92
N PHE H 181 14.92 -22.68 19.34
CA PHE H 181 15.60 -22.56 20.63
C PHE H 181 14.95 -21.60 21.58
N GLU H 182 15.08 -21.81 22.86
CA GLU H 182 14.54 -20.83 23.78
C GLU H 182 15.52 -19.67 23.78
N THR H 183 15.22 -18.61 24.51
CA THR H 183 16.08 -17.42 24.52
C THR H 183 15.87 -16.62 25.84
N TYR H 184 16.94 -16.56 26.66
CA TYR H 184 16.89 -15.85 27.94
C TYR H 184 17.99 -14.78 28.05
N ALA H 185 18.01 -14.15 29.22
CA ALA H 185 18.95 -13.10 29.56
C ALA H 185 20.39 -13.60 29.75
N LEU H 186 21.32 -13.04 28.98
CA LEU H 186 22.77 -13.36 29.05
C LEU H 186 23.24 -12.75 30.34
N THR H 187 24.17 -13.41 31.03
CA THR H 187 24.68 -12.92 32.28
C THR H 187 26.13 -13.26 32.51
N GLY H 188 26.82 -13.68 31.45
CA GLY H 188 28.22 -14.02 31.58
C GLY H 188 28.71 -14.85 30.45
N ILE H 189 29.99 -14.73 30.12
CA ILE H 189 30.61 -15.47 29.04
C ILE H 189 32.02 -15.79 29.53
N SER H 190 32.62 -16.87 29.03
CA SER H 190 33.94 -17.24 29.51
C SER H 190 34.79 -17.95 28.47
N ILE H 191 35.91 -17.36 28.06
CA ILE H 191 36.82 -18.01 27.10
C ILE H 191 37.45 -18.96 28.11
N CYS H 192 37.04 -20.23 28.06
CA CYS H 192 37.37 -21.22 29.08
C CYS H 192 38.23 -22.42 28.85
N ASN H 193 38.86 -22.82 29.93
CA ASN H 193 39.70 -24.01 29.91
C ASN H 193 38.85 -25.12 30.50
N PRO H 194 38.80 -26.27 29.83
CA PRO H 194 38.00 -27.40 30.33
C PRO H 194 38.11 -27.67 31.85
N GLY H 195 36.98 -27.49 32.51
CA GLY H 195 36.92 -27.70 33.94
C GLY H 195 37.39 -26.53 34.77
N SER H 196 37.97 -25.51 34.11
CA SER H 196 38.48 -24.35 34.81
C SER H 196 37.53 -23.87 35.88
N SER H 197 38.06 -23.54 37.03
CA SER H 197 37.23 -23.02 38.10
C SER H 197 36.66 -21.68 37.61
N LEU H 198 37.17 -21.20 36.47
CA LEU H 198 36.74 -19.93 35.86
C LEU H 198 35.58 -19.98 34.85
N CYS H 199 35.20 -21.17 34.40
CA CYS H 199 34.14 -21.33 33.44
C CYS H 199 32.84 -20.72 33.90
N GLY I 4 52.72 27.33 2.55
CA GLY I 4 52.47 28.56 3.28
C GLY I 4 51.78 28.25 4.59
N ILE I 5 52.51 28.32 5.68
CA ILE I 5 51.89 28.00 6.93
C ILE I 5 50.75 28.88 7.34
N VAL I 6 49.79 28.26 7.97
CA VAL I 6 48.64 28.94 8.47
C VAL I 6 49.15 29.83 9.58
N ILE I 7 48.82 31.10 9.56
CA ILE I 7 49.28 31.97 10.62
C ILE I 7 48.24 32.23 11.68
N PRO I 8 48.40 31.63 12.85
CA PRO I 8 47.42 31.84 13.93
C PRO I 8 47.16 33.32 14.02
N PRO I 9 45.95 33.69 14.36
CA PRO I 9 45.76 35.14 14.43
C PRO I 9 46.25 35.72 15.74
N LYS I 10 46.73 36.95 15.67
CA LYS I 10 47.24 37.67 16.83
C LYS I 10 46.30 37.52 18.02
N ALA I 11 45.01 37.61 17.72
CA ALA I 11 43.97 37.49 18.73
C ALA I 11 44.12 36.23 19.59
N LEU I 12 44.57 35.14 19.00
CA LEU I 12 44.74 33.88 19.74
C LEU I 12 45.74 33.90 20.88
N PHE I 13 46.70 34.84 20.79
CA PHE I 13 47.81 35.07 21.72
C PHE I 13 47.42 35.10 23.21
N THR I 14 47.92 34.15 23.98
CA THR I 14 47.58 34.08 25.39
C THR I 14 48.28 35.12 26.22
N GLN I 15 47.53 36.13 26.69
CA GLN I 15 48.10 37.21 27.53
C GLN I 15 49.01 36.61 28.63
N GLN I 16 48.53 35.53 29.24
CA GLN I 16 49.29 34.88 30.28
C GLN I 16 49.99 33.64 29.78
N GLY I 17 51.12 33.78 29.11
CA GLY I 17 51.81 32.58 28.63
C GLY I 17 52.19 31.54 29.70
N GLY I 18 52.39 30.30 29.29
CA GLY I 18 52.76 29.29 30.26
C GLY I 18 54.19 29.39 30.82
N ALA I 19 54.35 28.98 32.06
CA ALA I 19 55.67 29.00 32.67
C ALA I 19 56.47 27.78 32.18
N TYR I 20 57.77 27.97 32.03
CA TYR I 20 58.72 26.93 31.62
C TYR I 20 58.28 25.92 30.60
N GLY I 21 57.62 26.42 29.56
CA GLY I 21 57.14 25.55 28.50
C GLY I 21 55.84 24.78 28.76
N ARG I 22 55.19 25.03 29.89
CA ARG I 22 53.94 24.35 30.19
C ARG I 22 52.80 25.29 29.90
N CYS I 23 52.42 25.41 28.62
CA CYS I 23 51.28 26.24 28.21
C CYS I 23 50.12 25.45 28.78
N PRO I 24 49.19 26.12 29.46
CA PRO I 24 48.04 25.47 30.08
C PRO I 24 47.17 24.76 29.06
N ASN I 25 46.63 23.59 29.43
CA ASN I 25 45.77 22.83 28.50
C ASN I 25 44.80 23.79 27.79
N GLY I 26 44.65 23.57 26.49
CA GLY I 26 43.80 24.41 25.67
C GLY I 26 44.68 25.24 24.78
N THR I 27 45.90 25.51 25.25
CA THR I 27 46.87 26.30 24.49
C THR I 27 48.01 25.47 23.99
N ARG I 28 48.78 26.05 23.09
CA ARG I 28 49.90 25.38 22.45
C ARG I 28 51.03 26.38 22.21
N ALA I 29 52.27 25.98 22.46
CA ALA I 29 53.38 26.88 22.25
C ALA I 29 53.41 27.41 20.81
N LEU I 30 53.59 28.72 20.69
CA LEU I 30 53.65 29.41 19.41
C LEU I 30 55.00 29.13 18.81
N THR I 31 55.08 28.88 17.49
CA THR I 31 56.38 28.62 16.86
C THR I 31 56.97 29.92 16.28
N VAL I 32 58.24 29.85 15.87
CA VAL I 32 58.90 31.04 15.31
C VAL I 32 58.37 31.37 13.93
N ALA I 33 58.15 30.36 13.10
CA ALA I 33 57.62 30.59 11.74
C ALA I 33 56.28 31.29 11.78
N GLU I 34 55.50 30.99 12.80
CA GLU I 34 54.20 31.60 12.96
C GLU I 34 54.39 33.04 13.43
N LEU I 35 55.26 33.25 14.43
CA LEU I 35 55.55 34.60 14.94
C LEU I 35 56.22 35.46 13.90
N ARG I 36 57.02 34.86 13.02
CA ARG I 36 57.66 35.63 11.99
C ARG I 36 56.68 36.17 11.01
N GLY I 37 55.69 35.37 10.64
CA GLY I 37 54.71 35.81 9.67
C GLY I 37 53.55 36.59 10.23
N ASN I 38 53.51 36.80 11.55
CA ASN I 38 52.39 37.51 12.09
C ASN I 38 52.49 38.99 12.48
N ALA I 39 52.66 39.81 11.44
CA ALA I 39 52.76 41.27 11.54
C ALA I 39 52.40 41.92 12.87
N GLU I 40 51.11 42.17 13.08
CA GLU I 40 50.69 42.81 14.31
C GLU I 40 50.96 42.00 15.54
N LEU I 41 50.95 40.68 15.46
CA LEU I 41 51.25 39.96 16.68
C LEU I 41 52.64 40.44 17.09
N GLN I 42 53.52 40.59 16.09
CA GLN I 42 54.89 41.07 16.33
C GLN I 42 54.92 42.51 16.81
N THR I 43 54.26 43.41 16.08
CA THR I 43 54.21 44.82 16.47
C THR I 43 53.78 44.87 17.92
N TYR I 44 52.65 44.23 18.16
CA TYR I 44 52.09 44.12 19.49
C TYR I 44 53.24 43.73 20.43
N LEU I 45 53.95 42.66 20.10
CA LEU I 45 55.05 42.23 20.95
C LEU I 45 56.04 43.34 21.36
N ARG I 46 56.50 44.15 20.39
CA ARG I 46 57.44 45.26 20.69
C ARG I 46 56.78 46.10 21.77
N GLN I 47 55.53 46.45 21.53
CA GLN I 47 54.74 47.26 22.43
C GLN I 47 54.44 46.58 23.77
N ILE I 48 54.91 45.37 23.96
CA ILE I 48 54.60 44.73 25.21
C ILE I 48 55.71 43.95 25.92
N THR I 49 56.91 43.96 25.36
CA THR I 49 58.01 43.24 26.01
C THR I 49 59.03 44.18 26.65
N PRO I 50 58.96 44.42 27.99
CA PRO I 50 59.92 45.33 28.69
C PRO I 50 61.36 44.76 28.54
N GLY I 51 62.28 45.60 28.04
CA GLY I 51 63.66 45.22 27.78
C GLY I 51 64.43 44.23 28.64
N TRP I 52 65.37 43.52 28.00
CA TRP I 52 66.22 42.52 28.66
C TRP I 52 65.32 41.48 29.28
N SER I 53 64.41 41.00 28.46
CA SER I 53 63.46 39.99 28.89
C SER I 53 63.45 39.03 27.73
N ILE I 54 63.62 37.75 28.03
CA ILE I 54 63.62 36.74 26.98
C ILE I 54 62.48 35.72 27.18
N TYR I 55 61.63 35.64 26.16
CA TYR I 55 60.50 34.75 26.21
C TYR I 55 60.75 33.60 25.26
N GLY I 56 60.35 32.41 25.70
CA GLY I 56 60.53 31.21 24.89
C GLY I 56 59.40 30.78 23.98
N LEU I 57 59.76 30.29 22.79
CA LEU I 57 58.80 29.81 21.81
C LEU I 57 59.01 28.30 21.70
N TYR I 58 58.34 27.64 20.75
CA TYR I 58 58.51 26.20 20.60
C TYR I 58 59.93 25.96 20.17
N ASP I 59 60.32 26.62 19.10
CA ASP I 59 61.68 26.51 18.60
C ASP I 59 62.48 27.66 19.21
N GLY I 60 62.68 28.73 18.45
CA GLY I 60 63.46 29.84 18.98
C GLY I 60 63.11 30.55 20.28
N THR I 61 63.52 31.80 20.35
CA THR I 61 63.31 32.65 21.52
C THR I 61 62.97 34.07 21.08
N TYR I 62 62.47 34.87 22.00
CA TYR I 62 62.17 36.25 21.67
C TYR I 62 63.00 37.10 22.60
N LEU I 63 63.97 37.79 21.99
CA LEU I 63 64.85 38.70 22.70
C LEU I 63 64.05 39.98 22.78
N GLY I 64 63.65 40.36 23.99
CA GLY I 64 62.88 41.55 24.25
C GLY I 64 63.30 42.78 23.47
N GLN I 65 62.42 43.78 23.39
CA GLN I 65 62.72 44.99 22.63
C GLN I 65 63.98 45.77 23.02
N ALA I 66 64.67 45.26 24.03
CA ALA I 66 65.93 45.85 24.50
C ALA I 66 66.97 45.42 23.47
N TYR I 67 66.89 44.18 23.05
CA TYR I 67 67.78 43.69 22.02
C TYR I 67 67.08 44.14 20.73
N GLY I 68 65.84 44.59 20.87
CA GLY I 68 65.04 45.06 19.74
C GLY I 68 63.86 44.14 19.39
N GLY I 69 63.82 42.95 19.96
CA GLY I 69 62.75 42.06 19.59
C GLY I 69 63.34 41.18 18.51
N ILE I 70 63.96 40.07 18.90
CA ILE I 70 64.51 39.20 17.88
C ILE I 70 63.99 37.77 17.98
N ILE I 71 63.61 37.26 16.82
CA ILE I 71 63.11 35.93 16.67
C ILE I 71 64.41 35.20 16.36
N LYS I 72 64.87 34.46 17.34
CA LYS I 72 66.10 33.71 17.21
C LYS I 72 65.71 32.23 17.16
N ASP I 73 66.12 31.52 16.12
CA ASP I 73 65.84 30.08 16.03
C ASP I 73 66.39 29.31 17.26
N ALA I 74 66.15 28.00 17.33
CA ALA I 74 66.60 27.16 18.44
C ALA I 74 65.87 25.84 18.39
N PRO I 75 66.46 24.78 18.94
CA PRO I 75 65.82 23.47 18.94
C PRO I 75 64.48 23.42 19.70
N PRO I 76 63.65 22.38 19.39
CA PRO I 76 62.34 22.12 19.96
C PRO I 76 62.45 21.91 21.46
N GLY I 77 61.72 22.71 22.22
CA GLY I 77 61.73 22.58 23.66
C GLY I 77 62.89 23.29 24.31
N ALA I 78 63.83 23.75 23.51
CA ALA I 78 65.00 24.44 24.01
C ALA I 78 64.58 25.74 24.71
N GLY I 79 63.81 26.57 24.00
CA GLY I 79 63.38 27.84 24.58
C GLY I 79 62.56 27.68 25.83
N PHE I 80 62.23 26.44 26.14
CA PHE I 80 61.42 26.22 27.31
C PHE I 80 62.12 26.53 28.60
N ILE I 81 63.46 26.62 28.58
CA ILE I 81 64.19 26.84 29.82
C ILE I 81 63.78 28.07 30.59
N TYR I 82 63.34 29.09 29.89
CA TYR I 82 62.94 30.33 30.55
C TYR I 82 61.61 30.21 31.30
N ARG I 83 61.27 31.23 32.07
CA ARG I 83 60.04 31.24 32.84
C ARG I 83 58.78 31.59 32.03
N GLU I 84 58.90 32.40 30.99
CA GLU I 84 57.71 32.76 30.21
C GLU I 84 57.73 32.23 28.76
N THR I 85 56.78 31.34 28.45
CA THR I 85 56.64 30.74 27.12
C THR I 85 55.51 31.42 26.37
N PHE I 86 55.63 31.57 25.06
CA PHE I 86 54.54 32.18 24.27
C PHE I 86 53.60 31.06 23.80
N CYS I 87 52.30 31.25 24.01
CA CYS I 87 51.31 30.27 23.59
C CYS I 87 50.12 30.90 22.85
N ILE I 88 49.41 30.07 22.12
CA ILE I 88 48.22 30.49 21.41
C ILE I 88 47.13 29.54 21.88
N THR I 89 45.92 30.08 22.07
CA THR I 89 44.81 29.24 22.44
C THR I 89 44.55 28.63 21.08
N THR I 90 44.15 27.37 21.04
CA THR I 90 43.97 26.71 19.76
C THR I 90 42.66 26.76 19.02
N ILE I 91 41.61 27.31 19.63
CA ILE I 91 40.28 27.36 19.02
C ILE I 91 39.92 28.77 18.63
N TYR I 92 39.52 28.96 17.39
CA TYR I 92 39.18 30.29 16.95
C TYR I 92 37.82 30.27 16.33
N LYS I 93 36.94 31.13 16.80
CA LYS I 93 35.60 31.17 16.27
C LYS I 93 35.62 31.93 14.95
N THR I 94 35.57 31.19 13.84
CA THR I 94 35.59 31.80 12.51
C THR I 94 34.49 32.78 12.32
N GLY I 95 33.37 32.51 12.98
CA GLY I 95 32.22 33.38 12.86
C GLY I 95 31.62 33.24 11.47
N GLN I 96 31.97 32.14 10.81
CA GLN I 96 31.46 31.86 9.48
C GLN I 96 30.09 31.21 9.76
N PRO I 97 29.25 31.00 8.70
CA PRO I 97 27.95 30.37 8.94
C PRO I 97 28.21 28.93 9.32
N ALA I 98 27.25 28.31 10.02
CA ALA I 98 27.40 26.91 10.45
C ALA I 98 27.17 25.84 9.38
N ALA I 99 27.46 26.13 8.11
CA ALA I 99 27.26 25.18 7.00
C ALA I 99 28.21 23.95 6.95
N ASP I 100 27.84 22.93 6.16
CA ASP I 100 28.57 21.66 5.98
C ASP I 100 29.46 21.62 4.72
N HIS I 101 30.74 21.31 4.88
CA HIS I 101 31.64 21.21 3.74
C HIS I 101 32.28 19.86 3.88
N TYR I 102 32.61 19.20 2.78
CA TYR I 102 33.22 17.88 2.88
C TYR I 102 34.39 17.67 1.92
N TYR I 103 35.25 16.68 2.20
CA TYR I 103 36.41 16.39 1.35
C TYR I 103 36.45 14.92 1.07
N SER I 104 36.38 14.56 -0.20
CA SER I 104 36.33 13.14 -0.55
C SER I 104 37.66 12.48 -0.87
N LYS I 105 37.68 11.15 -0.70
CA LYS I 105 38.83 10.28 -0.98
C LYS I 105 40.02 10.44 -0.10
N VAL I 106 39.79 11.03 1.06
CA VAL I 106 40.87 11.26 1.99
C VAL I 106 41.07 10.06 2.89
N THR I 107 42.18 10.07 3.64
CA THR I 107 42.53 9.01 4.61
C THR I 107 42.93 9.74 5.85
N ALA I 108 42.74 9.14 7.02
CA ALA I 108 43.11 9.84 8.21
C ALA I 108 44.54 9.50 8.61
N THR I 109 45.30 10.48 9.10
CA THR I 109 46.69 10.28 9.53
C THR I 109 47.05 11.35 10.54
N ARG I 110 48.25 11.24 11.08
CA ARG I 110 48.76 12.21 12.05
C ARG I 110 47.88 12.56 13.23
N LEU I 111 47.57 11.57 14.05
CA LEU I 111 46.70 11.81 15.19
C LEU I 111 47.38 12.87 16.06
N LEU I 112 46.64 13.52 16.95
CA LEU I 112 47.23 14.53 17.80
C LEU I 112 46.33 14.73 18.98
N ALA I 113 46.83 14.53 20.19
CA ALA I 113 46.02 14.72 21.38
C ALA I 113 46.68 15.65 22.38
N SER I 114 45.85 16.43 23.06
CA SER I 114 46.27 17.37 24.08
C SER I 114 45.71 16.75 25.34
N THR I 115 45.63 17.47 26.46
CA THR I 115 45.02 16.88 27.67
C THR I 115 43.51 17.14 27.63
N ASN I 116 43.04 18.23 28.20
CA ASN I 116 41.60 18.45 28.17
C ASN I 116 41.24 19.30 26.97
N SER I 117 41.57 18.78 25.81
CA SER I 117 41.30 19.47 24.57
C SER I 117 40.94 18.43 23.52
N ARG I 118 41.16 18.73 22.24
CA ARG I 118 40.74 17.79 21.22
C ARG I 118 41.64 16.67 20.80
N LEU I 119 41.15 15.92 19.81
CA LEU I 119 41.82 14.82 19.15
C LEU I 119 41.66 15.28 17.72
N CYS I 120 42.74 15.28 16.96
CA CYS I 120 42.66 15.75 15.59
C CYS I 120 43.31 14.73 14.72
N ALA I 121 43.23 14.93 13.42
CA ALA I 121 43.84 14.02 12.48
C ALA I 121 43.92 14.81 11.21
N VAL I 122 44.95 14.57 10.44
CA VAL I 122 45.12 15.30 9.21
C VAL I 122 44.69 14.32 8.14
N PHE I 123 43.76 14.78 7.30
CA PHE I 123 43.21 14.00 6.19
C PHE I 123 43.98 14.24 4.90
N VAL I 124 44.39 13.14 4.29
CA VAL I 124 45.26 13.16 3.13
C VAL I 124 44.77 12.52 1.85
N ARG I 125 44.86 13.25 0.76
CA ARG I 125 44.49 12.69 -0.53
C ARG I 125 45.80 12.54 -1.25
N ASP I 126 45.98 11.44 -1.95
CA ASP I 126 47.18 11.19 -2.76
C ASP I 126 48.44 12.01 -2.38
N GLY I 127 48.95 11.83 -1.17
CA GLY I 127 50.12 12.60 -0.77
C GLY I 127 49.80 13.99 -0.15
N GLN I 128 48.99 14.79 -0.87
CA GLN I 128 48.59 16.12 -0.37
C GLN I 128 47.86 16.05 0.98
N SER I 129 48.09 17.03 1.83
CA SER I 129 47.40 17.05 3.10
C SER I 129 46.20 17.89 2.80
N VAL I 130 45.07 17.26 2.50
CA VAL I 130 43.88 18.02 2.17
C VAL I 130 43.30 18.84 3.32
N ILE I 131 42.81 18.22 4.38
CA ILE I 131 42.30 19.04 5.46
C ILE I 131 42.53 18.40 6.81
N GLY I 132 42.39 19.18 7.87
CA GLY I 132 42.56 18.66 9.20
C GLY I 132 41.20 18.72 9.86
N ALA I 133 40.94 17.83 10.81
CA ALA I 133 39.64 17.81 11.51
C ALA I 133 39.90 17.43 12.94
N CYS I 134 39.12 17.96 13.86
CA CYS I 134 39.33 17.66 15.27
C CYS I 134 38.03 17.27 15.95
N ALA I 135 38.08 16.80 17.19
CA ALA I 135 36.85 16.43 17.88
C ALA I 135 37.20 16.33 19.35
N SER I 136 36.46 17.00 20.21
CA SER I 136 36.76 16.94 21.63
C SER I 136 35.54 16.75 22.49
N PRO I 137 35.69 16.05 23.60
CA PRO I 137 34.53 15.89 24.43
C PRO I 137 34.52 17.02 25.41
N TYR I 138 35.41 17.98 25.24
CA TYR I 138 35.51 19.06 26.20
C TYR I 138 34.91 20.41 25.84
N GLU I 139 35.17 20.85 24.63
CA GLU I 139 34.63 22.12 24.18
C GLU I 139 34.37 22.02 22.68
N GLY I 140 33.59 22.94 22.14
CA GLY I 140 33.31 22.92 20.72
C GLY I 140 31.82 22.76 20.55
N ARG I 141 31.32 22.96 19.34
CA ARG I 141 29.87 22.82 19.06
C ARG I 141 29.40 21.35 19.08
N TYR I 142 30.07 20.55 18.26
CA TYR I 142 29.74 19.15 18.15
C TYR I 142 30.34 18.39 19.32
N ARG I 143 30.49 19.13 20.41
CA ARG I 143 31.02 18.70 21.68
C ARG I 143 30.47 17.31 22.04
N ASP I 144 29.19 17.11 21.81
CA ASP I 144 28.53 15.84 22.13
C ASP I 144 28.70 14.69 21.16
N MET I 145 29.06 14.99 19.92
CA MET I 145 29.24 13.96 18.93
C MET I 145 30.58 13.28 19.03
N TYR I 146 31.41 13.71 19.98
CA TYR I 146 32.77 13.16 20.13
C TYR I 146 32.84 11.67 20.34
N ASP I 147 32.14 11.20 21.35
CA ASP I 147 32.19 9.81 21.69
C ASP I 147 31.80 8.88 20.56
N ALA I 148 31.08 9.40 19.56
CA ALA I 148 30.69 8.56 18.44
C ALA I 148 31.74 8.65 17.36
N LEU I 149 32.19 9.88 17.07
CA LEU I 149 33.18 10.13 16.03
C LEU I 149 34.50 9.48 16.29
N ARG I 150 34.98 9.62 17.52
CA ARG I 150 36.24 9.02 17.89
C ARG I 150 36.33 7.59 17.47
N ARG I 151 35.23 6.86 17.66
CA ARG I 151 35.13 5.41 17.36
C ARG I 151 35.37 5.07 15.90
N LEU I 152 34.93 5.96 15.03
CA LEU I 152 35.06 5.77 13.60
C LEU I 152 36.39 6.38 13.14
N LEU I 153 36.83 7.42 13.85
CA LEU I 153 38.08 8.05 13.49
C LEU I 153 39.13 6.96 13.72
N TYR I 154 39.03 6.35 14.90
CA TYR I 154 39.92 5.28 15.29
C TYR I 154 39.94 4.08 14.31
N MET I 155 38.79 3.73 13.73
CA MET I 155 38.69 2.62 12.80
C MET I 155 39.31 2.97 11.44
N ILE I 156 38.91 4.10 10.86
CA ILE I 156 39.46 4.50 9.56
C ILE I 156 40.95 4.76 9.64
N TYR I 157 41.42 5.22 10.81
CA TYR I 157 42.84 5.48 11.04
C TYR I 157 43.57 4.16 11.03
N MET I 158 43.06 3.23 11.82
CA MET I 158 43.62 1.91 11.95
C MET I 158 43.62 1.03 10.72
N SER I 159 42.91 1.40 9.66
CA SER I 159 42.82 0.58 8.42
C SER I 159 42.92 1.52 7.21
N GLY I 160 43.23 0.98 6.03
CA GLY I 160 43.32 1.88 4.89
C GLY I 160 42.13 2.83 4.80
N LEU I 161 40.98 2.25 4.53
CA LEU I 161 39.68 2.90 4.37
C LEU I 161 39.67 4.40 4.09
N ALA I 162 39.46 4.70 2.80
CA ALA I 162 39.37 6.07 2.29
C ALA I 162 38.06 6.60 2.85
N VAL I 163 37.79 7.87 2.70
CA VAL I 163 36.60 8.37 3.33
C VAL I 163 36.22 9.74 2.77
N ARG I 164 35.03 10.18 3.14
CA ARG I 164 34.62 11.50 2.75
C ARG I 164 34.48 12.05 4.13
N VAL I 165 35.17 13.13 4.43
CA VAL I 165 35.06 13.71 5.75
C VAL I 165 34.22 14.95 5.65
N HIS I 166 33.38 15.16 6.65
CA HIS I 166 32.51 16.29 6.67
C HIS I 166 33.00 17.21 7.76
N VAL I 167 33.32 18.44 7.35
CA VAL I 167 33.85 19.47 8.25
C VAL I 167 33.02 20.76 8.27
N SER I 168 32.90 21.32 9.47
CA SER I 168 32.17 22.55 9.72
C SER I 168 33.16 23.69 9.87
N LYS I 169 33.38 24.48 8.81
CA LYS I 169 34.31 25.60 8.88
C LYS I 169 33.88 26.62 9.90
N GLU I 170 32.92 26.23 10.71
CA GLU I 170 32.39 27.06 11.76
C GLU I 170 33.47 27.49 12.70
N GLU I 171 34.18 26.51 13.25
CA GLU I 171 35.30 26.79 14.15
C GLU I 171 36.60 26.26 13.56
N GLN I 172 37.65 27.07 13.70
CA GLN I 172 38.98 26.76 13.19
C GLN I 172 39.87 26.39 14.37
N TYR I 173 40.69 25.36 14.20
CA TYR I 173 41.61 24.93 15.25
C TYR I 173 43.06 25.10 14.81
N TYR I 174 43.93 25.39 15.78
CA TYR I 174 45.33 25.65 15.48
C TYR I 174 46.25 24.70 16.22
N ASP I 175 45.73 23.53 16.52
CA ASP I 175 46.51 22.58 17.24
C ASP I 175 47.81 22.21 16.57
N TYR I 176 47.82 21.85 15.29
CA TYR I 176 49.10 21.52 14.70
C TYR I 176 49.89 22.79 14.51
N GLU I 177 51.19 22.71 14.80
CA GLU I 177 52.07 23.83 14.65
C GLU I 177 52.61 23.86 13.23
N ASP I 178 52.68 25.06 12.65
CA ASP I 178 53.17 25.34 11.28
C ASP I 178 52.48 24.42 10.31
N ALA I 179 51.22 24.70 10.05
CA ALA I 179 50.45 23.87 9.15
C ALA I 179 50.25 24.49 7.80
N THR I 180 50.13 23.66 6.79
CA THR I 180 49.88 24.15 5.47
C THR I 180 48.52 23.65 5.05
N PHE I 181 47.69 23.32 6.03
CA PHE I 181 46.34 22.86 5.80
C PHE I 181 45.55 23.49 6.91
N GLN I 182 44.25 23.57 6.77
CA GLN I 182 43.48 24.20 7.82
C GLN I 182 42.71 23.17 8.58
N THR I 183 42.41 23.43 9.84
CA THR I 183 41.68 22.43 10.56
C THR I 183 40.41 22.99 11.14
N TYR I 184 39.34 22.18 11.03
CA TYR I 184 38.04 22.55 11.54
C TYR I 184 37.42 21.41 12.33
N ALA I 185 36.22 21.69 12.87
CA ALA I 185 35.41 20.76 13.65
C ALA I 185 34.89 19.63 12.75
N LEU I 186 35.11 18.39 13.18
CA LEU I 186 34.69 17.20 12.43
C LEU I 186 33.24 16.95 12.79
N THR I 187 32.39 16.81 11.78
CA THR I 187 30.98 16.56 12.01
C THR I 187 30.54 15.27 11.37
N GLY I 188 31.31 14.74 10.42
CA GLY I 188 30.89 13.49 9.84
C GLY I 188 31.87 12.71 9.00
N ILE I 189 31.70 11.40 8.99
CA ILE I 189 32.59 10.54 8.25
C ILE I 189 31.71 9.58 7.49
N SER I 190 32.08 9.25 6.25
CA SER I 190 31.28 8.34 5.49
C SER I 190 32.24 7.51 4.70
N LEU I 191 32.40 6.24 5.06
CA LEU I 191 33.32 5.43 4.29
C LEU I 191 32.96 5.52 2.84
N CYS I 192 33.98 5.72 2.03
CA CYS I 192 33.77 5.81 0.60
C CYS I 192 33.00 4.62 0.07
N ASN I 193 32.11 4.91 -0.88
CA ASN I 193 31.30 3.91 -1.56
C ASN I 193 30.93 4.44 -2.95
N PRO I 194 31.68 4.00 -3.98
CA PRO I 194 31.48 4.40 -5.37
C PRO I 194 30.04 4.16 -5.76
N ALA I 195 29.64 2.89 -5.71
CA ALA I 195 28.28 2.49 -6.07
C ALA I 195 27.22 3.40 -5.48
N ALA I 196 27.39 3.76 -4.21
CA ALA I 196 26.43 4.60 -3.51
C ALA I 196 26.68 6.05 -3.83
N SER I 197 27.52 6.27 -4.84
CA SER I 197 27.93 7.60 -5.27
C SER I 197 28.50 8.41 -4.09
N ILE I 198 29.19 7.76 -3.14
CA ILE I 198 29.76 8.53 -2.02
C ILE I 198 31.16 9.11 -2.31
N CYS I 199 32.11 8.30 -2.77
CA CYS I 199 33.36 8.96 -3.05
C CYS I 199 33.66 9.20 -4.52
N ASP J 1 9.27 9.71 3.47
CA ASP J 1 8.89 8.39 4.05
C ASP J 1 8.38 7.45 2.96
N VAL J 2 8.13 6.23 3.37
CA VAL J 2 7.61 5.25 2.48
C VAL J 2 6.27 4.83 3.11
N PRO J 3 5.43 4.18 2.31
CA PRO J 3 4.14 3.80 2.84
C PRO J 3 4.27 2.82 4.01
N TYR J 4 4.97 1.73 3.75
CA TYR J 4 5.09 0.71 4.74
C TYR J 4 6.52 0.22 4.89
N VAL J 5 6.77 -0.49 5.98
CA VAL J 5 8.06 -1.07 6.27
C VAL J 5 8.48 -2.07 5.21
N LEU J 6 9.70 -2.00 4.71
CA LEU J 6 10.18 -2.99 3.75
C LEU J 6 11.10 -3.93 4.52
N VAL J 7 11.01 -5.21 4.22
CA VAL J 7 11.85 -6.21 4.83
C VAL J 7 12.76 -6.57 3.66
N LYS J 8 14.08 -6.58 3.83
CA LYS J 8 14.94 -6.95 2.74
C LYS J 8 15.84 -8.04 3.24
N THR J 9 16.05 -9.08 2.44
CA THR J 9 16.86 -10.22 2.87
C THR J 9 18.18 -10.26 2.12
N ASN J 10 19.17 -10.94 2.68
CA ASN J 10 20.48 -11.07 2.05
C ASN J 10 21.17 -9.75 1.76
N MET J 11 21.08 -8.83 2.72
CA MET J 11 21.74 -7.55 2.55
C MET J 11 23.12 -7.63 3.26
N VAL J 12 24.12 -7.01 2.67
CA VAL J 12 25.46 -7.00 3.20
C VAL J 12 25.84 -5.54 3.35
N VAL J 13 26.09 -5.08 4.58
CA VAL J 13 26.47 -3.71 4.84
C VAL J 13 27.84 -3.51 4.22
N THR J 14 27.99 -2.50 3.37
CA THR J 14 29.26 -2.32 2.69
C THR J 14 29.97 -0.98 2.87
N SER J 15 29.39 -0.08 3.63
CA SER J 15 29.96 1.21 3.86
C SER J 15 29.29 1.56 5.17
N VAL J 16 29.82 2.48 5.92
CA VAL J 16 29.20 2.81 7.19
C VAL J 16 29.44 4.30 7.32
N ALA J 17 28.90 4.96 8.34
CA ALA J 17 29.10 6.39 8.46
C ALA J 17 28.34 6.98 9.61
N MET J 18 28.72 8.20 10.00
CA MET J 18 28.03 8.90 11.05
C MET J 18 27.86 10.34 10.53
N LYS J 19 26.86 11.03 11.02
CA LYS J 19 26.65 12.40 10.62
C LYS J 19 25.78 12.96 11.73
N PRO J 20 25.48 14.26 11.67
CA PRO J 20 24.63 14.78 12.76
C PRO J 20 23.16 14.56 12.45
N TYR J 21 22.30 14.76 13.45
CA TYR J 21 20.89 14.60 13.16
C TYR J 21 20.51 15.92 12.52
N GLU J 22 20.21 15.89 11.22
CA GLU J 22 19.83 17.09 10.45
C GLU J 22 18.84 18.01 11.17
N VAL J 23 18.25 17.54 12.26
CA VAL J 23 17.33 18.39 13.00
C VAL J 23 17.51 18.35 14.53
N THR J 24 18.33 17.43 15.03
CA THR J 24 18.49 17.39 16.46
C THR J 24 19.90 17.39 16.96
N PRO J 25 20.19 18.31 17.88
CA PRO J 25 21.51 18.48 18.52
C PRO J 25 21.75 17.42 19.61
N THR J 26 20.77 16.52 19.77
CA THR J 26 20.82 15.50 20.80
C THR J 26 20.87 14.10 20.21
N ARG J 27 20.77 14.01 18.90
CA ARG J 27 20.84 12.73 18.31
C ARG J 27 21.76 12.87 17.14
N MET J 28 22.05 11.78 16.47
CA MET J 28 22.92 11.77 15.31
C MET J 28 22.64 10.45 14.66
N LEU J 29 23.00 10.32 13.40
CA LEU J 29 22.71 9.09 12.74
C LEU J 29 23.96 8.34 12.49
N VAL J 30 23.78 7.05 12.35
CA VAL J 30 24.82 6.11 12.03
C VAL J 30 24.22 5.55 10.75
N CYS J 31 24.80 5.82 9.61
CA CYS J 31 24.22 5.37 8.37
C CYS J 31 25.06 4.30 7.73
N GLY J 32 24.59 3.81 6.59
CA GLY J 32 25.29 2.77 5.86
C GLY J 32 24.76 2.72 4.46
N ILE J 33 25.13 1.65 3.78
CA ILE J 33 24.74 1.34 2.42
C ILE J 33 24.74 -0.17 2.48
N ALA J 34 23.60 -0.79 2.17
CA ALA J 34 23.48 -2.26 2.18
C ALA J 34 23.24 -2.68 0.75
N ALA J 35 23.67 -3.89 0.44
CA ALA J 35 23.46 -4.37 -0.92
C ALA J 35 22.85 -5.76 -0.86
N LYS J 36 21.93 -6.09 -1.74
CA LYS J 36 21.37 -7.42 -1.72
C LYS J 36 22.15 -8.32 -2.63
N LEU J 37 22.64 -9.43 -2.08
CA LEU J 37 23.42 -10.37 -2.85
C LEU J 37 22.70 -10.66 -4.14
N GLY J 38 23.47 -10.85 -5.22
CA GLY J 38 22.89 -11.14 -6.53
C GLY J 38 22.16 -10.07 -7.36
N ALA J 39 21.96 -8.85 -6.82
CA ALA J 39 21.27 -7.79 -7.58
C ALA J 39 22.18 -7.20 -8.65
N ALA J 40 21.61 -6.31 -9.46
CA ALA J 40 22.36 -5.69 -10.56
C ALA J 40 22.78 -4.30 -10.12
N ALA J 41 23.98 -3.89 -10.54
CA ALA J 41 24.54 -2.57 -10.19
C ALA J 41 23.51 -1.48 -10.54
N SER J 42 22.67 -1.88 -11.48
CA SER J 42 21.56 -1.11 -11.99
C SER J 42 20.42 -1.26 -10.94
N SER J 43 20.22 -2.50 -10.47
CA SER J 43 19.19 -2.80 -9.46
C SER J 43 19.29 -1.86 -8.27
N PRO J 44 18.12 -1.40 -7.82
CA PRO J 44 17.92 -0.49 -6.69
C PRO J 44 18.42 -1.16 -5.40
N ASP J 45 18.19 -2.47 -5.30
CA ASP J 45 18.61 -3.20 -4.13
C ASP J 45 20.13 -3.44 -4.10
N ALA J 46 20.84 -2.84 -5.05
CA ALA J 46 22.27 -2.98 -5.10
C ALA J 46 22.96 -2.01 -4.07
N HIS J 47 22.21 -1.06 -3.51
CA HIS J 47 22.80 -0.15 -2.54
C HIS J 47 21.78 0.62 -1.80
N VAL J 48 21.17 -0.07 -0.84
CA VAL J 48 20.14 0.50 -0.02
C VAL J 48 20.74 1.26 1.15
N PRO J 49 20.62 2.58 1.18
CA PRO J 49 21.15 3.37 2.27
C PRO J 49 20.21 3.42 3.43
N PHE J 50 20.75 3.25 4.62
CA PHE J 50 19.95 3.28 5.83
C PHE J 50 20.57 4.19 6.87
N CYS J 51 19.93 4.35 8.02
CA CYS J 51 20.44 5.20 9.09
C CYS J 51 19.58 4.91 10.26
N PHE J 52 20.10 5.10 11.46
CA PHE J 52 19.31 4.91 12.67
C PHE J 52 19.79 5.91 13.69
N GLY J 53 18.90 6.43 14.49
CA GLY J 53 19.29 7.42 15.45
C GLY J 53 20.13 6.82 16.55
N LYS J 54 20.98 7.67 17.13
CA LYS J 54 21.82 7.31 18.26
C LYS J 54 21.58 8.48 19.18
N ASP J 55 21.39 8.19 20.45
CA ASP J 55 21.11 9.24 21.39
C ASP J 55 22.37 9.77 21.99
N LEU J 56 22.73 11.00 21.64
CA LEU J 56 23.95 11.61 22.14
C LEU J 56 23.92 11.93 23.60
N LYS J 57 22.94 11.46 24.33
CA LYS J 57 22.93 11.77 25.75
C LYS J 57 23.10 10.54 26.58
N ARG J 58 23.13 9.38 25.93
CA ARG J 58 23.29 8.12 26.62
C ARG J 58 24.56 7.46 26.06
N PRO J 59 25.66 7.67 26.77
CA PRO J 59 27.03 7.21 26.57
C PRO J 59 27.23 5.71 26.38
N GLY J 60 27.87 5.33 25.27
CA GLY J 60 28.16 3.93 25.01
C GLY J 60 27.86 3.59 23.56
N SER J 61 27.59 2.31 23.25
CA SER J 61 27.21 1.91 21.89
C SER J 61 25.84 1.26 22.05
N SER J 62 24.95 1.43 21.09
CA SER J 62 23.63 0.82 21.24
C SER J 62 23.67 -0.62 20.75
N PRO J 63 22.63 -1.42 21.08
CA PRO J 63 22.64 -2.80 20.64
C PRO J 63 22.70 -2.87 19.17
N MET J 64 22.17 -1.86 18.50
CA MET J 64 22.23 -1.88 17.05
C MET J 64 23.59 -1.49 16.50
N GLU J 65 24.34 -0.70 17.29
CA GLU J 65 25.66 -0.26 16.88
C GLU J 65 26.57 -1.45 16.94
N VAL J 66 26.58 -2.11 18.10
CA VAL J 66 27.42 -3.29 18.30
C VAL J 66 27.28 -4.29 17.16
N MET J 67 26.04 -4.51 16.72
CA MET J 67 25.80 -5.44 15.63
C MET J 67 26.30 -4.96 14.27
N LEU J 68 26.13 -3.67 13.96
CA LEU J 68 26.53 -3.16 12.65
C LEU J 68 28.02 -3.28 12.50
N ARG J 69 28.69 -3.09 13.61
CA ARG J 69 30.13 -3.18 13.69
C ARG J 69 30.51 -4.59 13.34
N ALA J 70 29.88 -5.52 14.05
CA ALA J 70 30.18 -6.91 13.86
C ALA J 70 29.92 -7.50 12.50
N VAL J 71 28.71 -7.26 11.98
CA VAL J 71 28.31 -7.83 10.70
C VAL J 71 28.99 -7.16 9.52
N PHE J 72 29.36 -5.87 9.68
CA PHE J 72 30.05 -5.09 8.63
C PHE J 72 31.45 -5.67 8.48
N MET J 73 32.04 -5.95 9.63
CA MET J 73 33.38 -6.48 9.71
C MET J 73 33.46 -7.84 9.04
N GLN J 74 32.53 -8.71 9.39
CA GLN J 74 32.52 -10.07 8.84
C GLN J 74 31.71 -10.25 7.55
N GLN J 75 31.14 -9.15 7.04
CA GLN J 75 30.34 -9.20 5.82
C GLN J 75 29.25 -10.23 5.98
N ARG J 76 28.35 -10.00 6.91
CA ARG J 76 27.27 -10.92 7.15
C ARG J 76 25.93 -10.50 6.55
N PRO J 77 25.31 -11.40 5.76
CA PRO J 77 24.01 -11.12 5.16
C PRO J 77 22.90 -10.94 6.19
N LEU J 78 22.16 -9.87 6.00
CA LEU J 78 21.09 -9.43 6.89
C LEU J 78 19.67 -9.39 6.29
N ARG J 79 18.69 -9.33 7.20
CA ARG J 79 17.26 -9.22 6.95
C ARG J 79 17.06 -7.93 7.65
N MET J 80 16.74 -6.88 6.91
CA MET J 80 16.61 -5.59 7.53
C MET J 80 15.21 -5.11 7.38
N PHE J 81 14.65 -4.55 8.43
CA PHE J 81 13.33 -3.97 8.39
C PHE J 81 13.55 -2.45 8.31
N LEU J 82 13.68 -1.97 7.07
CA LEU J 82 13.90 -0.56 6.74
C LEU J 82 12.58 0.17 6.57
N GLY J 83 12.39 1.31 7.21
CA GLY J 83 11.16 2.06 7.02
C GLY J 83 10.37 2.34 8.27
N PRO J 84 9.20 3.00 8.14
CA PRO J 84 8.72 3.44 6.82
C PRO J 84 9.22 4.85 6.59
N LYS J 85 9.79 5.43 7.65
CA LYS J 85 10.29 6.79 7.65
C LYS J 85 11.60 6.98 6.90
N GLN J 86 11.87 8.22 6.50
CA GLN J 86 13.08 8.51 5.76
C GLN J 86 13.93 9.64 6.43
N LEU J 87 15.26 9.47 6.40
CA LEU J 87 16.21 10.42 6.95
C LEU J 87 17.17 10.70 5.81
N THR J 88 17.94 11.80 5.91
CA THR J 88 18.88 12.16 4.84
C THR J 88 20.30 11.73 5.16
N PHE J 89 20.92 11.01 4.25
CA PHE J 89 22.31 10.61 4.41
C PHE J 89 22.91 10.94 3.05
N GLU J 90 23.98 11.74 3.05
CA GLU J 90 24.67 12.20 1.84
C GLU J 90 23.79 12.90 0.81
N GLY J 91 22.99 13.86 1.31
CA GLY J 91 22.07 14.65 0.47
C GLY J 91 20.97 13.91 -0.29
N LYS J 92 20.65 12.73 0.22
CA LYS J 92 19.67 11.90 -0.39
C LYS J 92 18.90 11.28 0.72
N PRO J 93 17.62 10.92 0.45
CA PRO J 93 16.80 10.29 1.48
C PRO J 93 17.28 8.85 1.62
N ALA J 94 17.29 8.35 2.86
CA ALA J 94 17.71 6.99 3.20
C ALA J 94 16.72 6.42 4.25
N LEU J 95 16.34 5.15 4.06
CA LEU J 95 15.38 4.47 4.93
C LEU J 95 15.89 4.20 6.31
N GLU J 96 15.10 4.55 7.33
CA GLU J 96 15.46 4.28 8.71
C GLU J 96 15.50 2.77 8.93
N LEU J 97 16.39 2.27 9.78
CA LEU J 97 16.49 0.82 10.07
C LEU J 97 15.89 0.58 11.45
N ILE J 98 14.91 -0.30 11.56
CA ILE J 98 14.33 -0.52 12.87
C ILE J 98 14.63 -1.88 13.46
N ARG J 99 15.13 -2.78 12.65
CA ARG J 99 15.44 -4.11 13.14
C ARG J 99 16.25 -4.87 12.10
N MET J 100 17.25 -5.61 12.55
CA MET J 100 18.04 -6.38 11.61
C MET J 100 18.35 -7.72 12.25
N VAL J 101 18.32 -8.78 11.46
CA VAL J 101 18.61 -10.09 11.99
C VAL J 101 19.48 -10.79 10.99
N GLU J 102 20.53 -11.42 11.49
CA GLU J 102 21.45 -12.09 10.63
C GLU J 102 20.76 -13.27 9.97
N CYS J 103 21.00 -13.46 8.67
CA CYS J 103 20.40 -14.57 7.95
C CYS J 103 21.10 -15.81 8.40
N SER J 104 20.32 -16.84 8.71
CA SER J 104 20.87 -18.12 9.10
C SER J 104 20.79 -19.05 7.90
N GLY J 105 19.88 -18.77 6.97
CA GLY J 105 19.74 -19.63 5.80
C GLY J 105 18.73 -19.16 4.76
N LYS J 106 18.56 -19.96 3.69
CA LYS J 106 17.61 -19.61 2.64
C LYS J 106 16.22 -19.63 3.21
N GLN J 107 16.02 -20.41 4.26
CA GLN J 107 14.72 -20.45 4.90
C GLN J 107 14.40 -19.02 5.29
N ASP J 108 15.09 -18.52 6.30
CA ASP J 108 14.85 -17.16 6.76
C ASP J 108 15.30 -16.05 5.82
N CYS J 109 16.05 -16.42 4.79
CA CYS J 109 16.47 -15.42 3.82
C CYS J 109 16.29 -15.93 2.39
N PRO J 110 15.05 -15.81 1.93
CA PRO J 110 14.52 -16.19 0.64
C PRO J 110 15.29 -15.51 -0.50
N ASP K 1 59.30 15.47 40.33
CA ASP K 1 59.02 16.59 39.37
C ASP K 1 60.24 17.18 38.69
N VAL K 2 60.23 17.24 37.37
CA VAL K 2 61.32 17.87 36.64
C VAL K 2 60.94 19.37 36.73
N PRO K 3 61.88 20.27 36.33
CA PRO K 3 61.64 21.72 36.37
C PRO K 3 61.08 22.41 35.11
N TYR K 4 61.19 21.78 33.95
CA TYR K 4 60.65 22.41 32.75
C TYR K 4 60.24 21.36 31.71
N VAL K 5 59.26 21.71 30.89
CA VAL K 5 58.70 20.81 29.87
C VAL K 5 59.75 20.28 28.90
N LEU K 6 59.78 18.97 28.68
CA LEU K 6 60.73 18.44 27.74
C LEU K 6 60.02 18.01 26.51
N VAL K 7 60.53 18.36 25.34
CA VAL K 7 59.91 17.93 24.11
C VAL K 7 60.79 16.80 23.60
N LYS K 8 60.25 15.58 23.43
CA LYS K 8 61.03 14.45 22.89
C LYS K 8 60.54 14.20 21.49
N THR K 9 61.45 13.95 20.59
CA THR K 9 61.13 13.76 19.20
C THR K 9 61.36 12.32 18.81
N ASN K 10 60.74 11.89 17.71
CA ASN K 10 60.92 10.56 17.17
C ASN K 10 60.79 9.36 18.09
N MET K 11 59.95 9.46 19.12
CA MET K 11 59.74 8.37 20.06
C MET K 11 58.53 7.49 19.64
N VAL K 12 58.53 6.22 20.04
CA VAL K 12 57.42 5.32 19.76
C VAL K 12 56.96 4.83 21.12
N VAL K 13 55.67 4.56 21.28
CA VAL K 13 55.14 4.05 22.55
C VAL K 13 55.38 2.54 22.50
N THR K 14 56.07 2.05 23.52
CA THR K 14 56.47 0.66 23.55
C THR K 14 55.73 -0.30 24.42
N SER K 15 55.09 0.21 25.45
CA SER K 15 54.35 -0.67 26.33
C SER K 15 53.40 0.22 27.10
N VAL K 16 52.17 -0.25 27.27
CA VAL K 16 51.14 0.51 27.96
C VAL K 16 50.76 -0.20 29.24
N ALA K 17 50.24 0.52 30.21
CA ALA K 17 49.84 -0.09 31.47
C ALA K 17 48.78 0.72 32.17
N MET K 18 47.85 0.02 32.80
CA MET K 18 46.77 0.69 33.49
C MET K 18 47.09 0.59 34.94
N LYS K 19 46.74 1.60 35.71
CA LYS K 19 47.01 1.50 37.12
C LYS K 19 46.18 2.48 37.88
N PRO K 20 45.94 2.17 39.15
CA PRO K 20 45.14 3.04 40.01
C PRO K 20 45.96 4.25 40.39
N TYR K 21 45.36 5.44 40.32
CA TYR K 21 46.08 6.66 40.68
C TYR K 21 46.21 6.80 42.16
N GLU K 22 47.41 6.44 42.61
CA GLU K 22 47.85 6.52 44.00
C GLU K 22 46.95 7.40 44.91
N VAL K 23 46.66 8.61 44.43
CA VAL K 23 45.85 9.59 45.17
C VAL K 23 44.31 9.39 45.09
N THR K 24 43.64 10.31 44.42
CA THR K 24 42.20 10.23 44.30
C THR K 24 41.75 9.04 43.48
N PRO K 25 40.69 8.36 43.94
CA PRO K 25 40.01 7.17 43.37
C PRO K 25 38.88 7.55 42.38
N THR K 26 39.00 8.74 41.84
CA THR K 26 38.09 9.20 40.83
C THR K 26 38.99 9.15 39.59
N ARG K 27 40.29 8.89 39.81
CA ARG K 27 41.27 8.83 38.75
C ARG K 27 42.14 7.62 38.79
N MET K 28 42.72 7.34 37.63
CA MET K 28 43.62 6.23 37.48
C MET K 28 44.71 6.72 36.55
N LEU K 29 45.78 5.95 36.47
CA LEU K 29 46.87 6.33 35.64
C LEU K 29 46.96 5.42 34.42
N VAL K 30 47.26 6.03 33.28
CA VAL K 30 47.49 5.33 32.03
C VAL K 30 48.99 5.60 31.83
N CYS K 31 49.86 4.65 32.16
CA CYS K 31 51.32 4.84 32.07
C CYS K 31 52.01 4.05 30.97
N GLY K 32 53.19 4.49 30.56
CA GLY K 32 53.87 3.78 29.49
C GLY K 32 55.38 3.91 29.46
N ILE K 33 55.98 3.28 28.46
CA ILE K 33 57.42 3.27 28.29
C ILE K 33 57.71 3.75 26.88
N ALA K 34 58.02 5.04 26.74
CA ALA K 34 58.33 5.65 25.44
C ALA K 34 59.82 5.48 25.18
N ALA K 35 60.20 5.30 23.93
CA ALA K 35 61.60 5.09 23.62
C ALA K 35 62.00 5.59 22.25
N LYS K 36 62.86 6.59 22.20
CA LYS K 36 63.36 7.14 20.94
C LYS K 36 63.76 6.12 19.88
N LEU K 37 62.99 6.11 18.80
CA LEU K 37 63.20 5.18 17.71
C LEU K 37 64.66 5.19 17.22
N GLY K 38 65.32 4.04 17.34
CA GLY K 38 66.71 3.90 16.90
C GLY K 38 67.82 4.10 17.92
N ALA K 39 67.58 4.92 18.94
CA ALA K 39 68.57 5.21 19.98
C ALA K 39 69.37 3.99 20.45
N ALA K 40 70.43 4.27 21.21
CA ALA K 40 71.28 3.22 21.74
C ALA K 40 70.66 2.63 22.97
N ALA K 41 70.90 1.33 23.09
CA ALA K 41 70.42 0.49 24.17
C ALA K 41 70.47 1.25 25.48
N SER K 42 71.61 1.91 25.72
CA SER K 42 71.78 2.66 26.94
C SER K 42 71.38 4.12 26.85
N SER K 43 71.22 4.63 25.62
CA SER K 43 70.83 6.04 25.45
C SER K 43 69.75 6.40 26.50
N PRO K 44 69.80 7.64 27.02
CA PRO K 44 68.82 8.08 28.02
C PRO K 44 67.39 7.93 27.51
N ASP K 45 67.17 8.43 26.28
CA ASP K 45 65.90 8.40 25.60
C ASP K 45 65.53 7.04 25.05
N ALA K 46 66.00 5.98 25.69
CA ALA K 46 65.70 4.65 25.20
C ALA K 46 64.76 4.00 26.18
N HIS K 47 64.35 4.78 27.17
CA HIS K 47 63.43 4.28 28.16
C HIS K 47 62.90 5.46 28.97
N VAL K 48 61.88 6.11 28.43
CA VAL K 48 61.25 7.29 29.02
C VAL K 48 59.86 6.96 29.54
N PRO K 49 59.72 6.70 30.84
CA PRO K 49 58.44 6.36 31.45
C PRO K 49 57.58 7.57 31.66
N PHE K 50 56.32 7.46 31.21
CA PHE K 50 55.32 8.53 31.35
C PHE K 50 53.97 8.03 31.88
N CYS K 51 53.15 8.95 32.32
CA CYS K 51 51.80 8.66 32.82
C CYS K 51 50.94 9.83 32.45
N PHE K 52 49.62 9.65 32.64
CA PHE K 52 48.62 10.70 32.46
C PHE K 52 47.35 10.21 33.08
N GLY K 53 46.73 11.15 33.79
CA GLY K 53 45.52 10.87 34.52
C GLY K 53 44.26 10.70 33.71
N LYS K 54 43.44 9.73 34.14
CA LYS K 54 42.16 9.40 33.53
C LYS K 54 41.05 9.67 34.53
N ASP K 55 40.00 10.35 34.10
CA ASP K 55 38.87 10.64 34.97
C ASP K 55 37.86 9.50 34.95
N LEU K 56 37.83 8.71 36.00
CA LEU K 56 36.91 7.62 36.12
C LEU K 56 35.46 8.07 36.26
N LYS K 57 35.22 9.36 36.23
CA LYS K 57 33.88 9.87 36.34
C LYS K 57 33.29 10.01 34.93
N ARG K 58 34.08 10.50 34.00
CA ARG K 58 33.61 10.65 32.62
C ARG K 58 33.68 9.31 31.91
N PRO K 59 32.65 8.97 31.11
CA PRO K 59 32.68 7.70 30.40
C PRO K 59 33.39 7.90 29.06
N GLY K 60 33.98 6.84 28.54
CA GLY K 60 34.66 6.91 27.26
C GLY K 60 36.17 7.13 27.30
N SER K 61 36.79 7.04 26.12
CA SER K 61 38.21 7.26 25.99
C SER K 61 38.45 8.71 25.61
N SER K 62 39.36 9.31 26.36
CA SER K 62 39.77 10.70 26.19
C SER K 62 40.56 10.79 24.90
N PRO K 63 40.70 12.01 24.37
CA PRO K 63 41.46 12.18 23.12
C PRO K 63 42.85 11.60 23.26
N MET K 64 43.48 11.78 24.40
CA MET K 64 44.81 11.24 24.62
C MET K 64 44.74 9.74 24.46
N GLU K 65 43.76 9.16 25.16
CA GLU K 65 43.52 7.73 25.17
C GLU K 65 43.30 7.09 23.79
N VAL K 66 42.56 7.74 22.90
CA VAL K 66 42.32 7.17 21.57
C VAL K 66 43.62 7.17 20.74
N MET K 67 44.47 8.16 20.98
CA MET K 67 45.71 8.26 20.25
C MET K 67 46.75 7.25 20.73
N LEU K 68 46.95 7.19 22.06
CA LEU K 68 47.92 6.28 22.66
C LEU K 68 47.69 4.87 22.16
N ARG K 69 46.41 4.55 21.99
CA ARG K 69 45.96 3.24 21.52
C ARG K 69 46.32 3.12 20.06
N ALA K 70 46.01 4.14 19.28
CA ALA K 70 46.32 4.04 17.86
C ALA K 70 47.84 4.00 17.53
N VAL K 71 48.62 4.92 18.10
CA VAL K 71 50.04 4.98 17.84
C VAL K 71 50.80 3.82 18.45
N PHE K 72 50.28 3.24 19.53
CA PHE K 72 50.88 2.09 20.18
C PHE K 72 50.62 0.76 19.42
N MET K 73 49.60 0.70 18.58
CA MET K 73 49.30 -0.54 17.85
C MET K 73 50.02 -0.52 16.54
N GLN K 74 50.13 0.70 16.00
CA GLN K 74 50.81 0.94 14.75
C GLN K 74 52.27 1.32 14.92
N GLN K 75 52.67 1.64 16.16
CA GLN K 75 54.06 2.02 16.40
C GLN K 75 54.38 3.27 15.59
N ARG K 76 53.75 4.37 15.96
CA ARG K 76 53.95 5.61 15.25
C ARG K 76 54.82 6.57 16.04
N PRO K 77 55.80 7.15 15.36
CA PRO K 77 56.78 8.11 15.85
C PRO K 77 56.05 9.35 16.29
N LEU K 78 56.35 9.81 17.49
CA LEU K 78 55.67 10.96 18.04
C LEU K 78 56.56 12.15 18.35
N ARG K 79 56.02 13.05 19.15
CA ARG K 79 56.68 14.22 19.61
C ARG K 79 55.89 14.34 20.88
N MET K 80 56.50 14.01 21.99
CA MET K 80 55.79 14.08 23.23
C MET K 80 56.24 15.25 24.06
N PHE K 81 55.32 15.85 24.78
CA PHE K 81 55.69 16.93 25.65
C PHE K 81 55.60 16.30 27.02
N LEU K 82 56.74 16.15 27.68
CA LEU K 82 56.83 15.53 28.99
C LEU K 82 57.08 16.53 30.13
N GLY K 83 56.72 16.13 31.36
CA GLY K 83 56.90 16.98 32.52
C GLY K 83 55.98 18.22 32.57
N PRO K 84 56.23 19.17 33.48
CA PRO K 84 57.30 19.17 34.45
C PRO K 84 56.98 18.24 35.61
N LYS K 85 55.69 18.05 35.86
CA LYS K 85 55.30 17.20 36.99
C LYS K 85 55.68 15.76 36.76
N GLN K 86 55.69 14.96 37.81
CA GLN K 86 56.07 13.55 37.67
C GLN K 86 55.20 12.61 38.49
N LEU K 87 54.67 11.55 37.87
CA LEU K 87 53.84 10.59 38.59
C LEU K 87 54.72 9.40 38.86
N THR K 88 54.15 8.37 39.46
CA THR K 88 54.94 7.19 39.76
C THR K 88 54.56 5.97 38.95
N PHE K 89 55.54 5.35 38.32
CA PHE K 89 55.28 4.16 37.56
C PHE K 89 56.45 3.24 37.77
N GLU K 90 56.22 2.21 38.58
CA GLU K 90 57.20 1.19 38.90
C GLU K 90 58.23 1.60 39.96
N GLY K 91 57.76 2.34 40.97
CA GLY K 91 58.65 2.77 42.04
C GLY K 91 59.39 4.02 41.66
N LYS K 92 60.07 3.93 40.51
CA LYS K 92 60.79 5.06 39.94
C LYS K 92 59.71 6.04 39.45
N PRO K 93 60.06 7.31 39.31
CA PRO K 93 59.09 8.33 38.86
C PRO K 93 58.80 8.19 37.37
N ALA K 94 57.97 9.10 36.87
CA ALA K 94 57.59 9.13 35.47
C ALA K 94 57.04 10.49 35.14
N LEU K 95 57.45 11.00 34.00
CA LEU K 95 56.98 12.31 33.59
C LEU K 95 55.52 12.25 33.13
N GLU K 96 54.78 13.31 33.40
CA GLU K 96 53.39 13.38 33.00
C GLU K 96 53.31 13.76 31.54
N LEU K 97 52.85 12.85 30.67
CA LEU K 97 52.71 13.17 29.24
C LEU K 97 51.63 14.22 29.17
N ILE K 98 51.85 15.27 28.39
CA ILE K 98 50.81 16.28 28.33
C ILE K 98 50.37 16.70 26.94
N ARG K 99 50.88 16.01 25.92
CA ARG K 99 50.51 16.32 24.55
C ARG K 99 51.34 15.44 23.68
N MET K 100 50.83 15.04 22.53
CA MET K 100 51.60 14.21 21.63
C MET K 100 51.08 14.47 20.26
N VAL K 101 51.98 14.54 19.30
CA VAL K 101 51.62 14.78 17.92
C VAL K 101 52.47 13.84 17.15
N GLU K 102 51.94 13.27 16.10
CA GLU K 102 52.70 12.33 15.29
C GLU K 102 53.72 13.08 14.44
N CYS K 103 54.66 12.34 13.85
CA CYS K 103 55.69 12.98 13.04
C CYS K 103 55.45 12.92 11.56
N SER K 104 55.37 14.05 10.88
CA SER K 104 55.23 13.97 9.44
C SER K 104 56.59 13.57 8.84
N GLY K 105 57.66 13.99 9.46
CA GLY K 105 58.97 13.64 8.94
C GLY K 105 60.09 14.28 9.72
N LYS K 106 61.24 14.44 9.10
CA LYS K 106 62.36 15.03 9.80
C LYS K 106 62.11 16.51 10.11
N GLN K 107 61.43 17.18 9.19
CA GLN K 107 61.07 18.58 9.36
C GLN K 107 60.53 18.81 10.77
N ASP K 108 59.64 17.93 11.23
CA ASP K 108 59.05 18.08 12.56
C ASP K 108 59.60 17.12 13.57
N CYS K 109 60.23 16.06 13.06
CA CYS K 109 60.85 15.06 13.91
C CYS K 109 62.27 14.72 13.47
N PRO K 110 63.27 15.37 14.10
CA PRO K 110 64.72 15.23 13.89
C PRO K 110 65.32 14.14 14.79
N LEU L 2 48.60 -8.00 52.53
CA LEU L 2 48.84 -7.38 51.22
C LEU L 2 50.01 -7.99 50.43
N PRO L 3 50.23 -9.33 50.52
CA PRO L 3 51.36 -9.90 49.77
C PRO L 3 51.21 -9.85 48.25
N THR L 4 51.51 -8.66 47.72
CA THR L 4 51.50 -8.35 46.31
C THR L 4 52.54 -9.20 45.57
N HIS L 5 52.50 -9.20 44.26
CA HIS L 5 53.45 -9.95 43.45
C HIS L 5 53.41 -9.36 42.04
N LEU L 6 54.43 -9.68 41.24
CA LEU L 6 54.46 -9.20 39.87
C LEU L 6 54.91 -10.33 38.99
N TYR L 7 54.23 -10.50 37.88
CA TYR L 7 54.58 -11.57 36.98
C TYR L 7 54.83 -10.91 35.66
N LYS L 8 55.91 -11.29 35.00
CA LYS L 8 56.23 -10.68 33.71
C LYS L 8 56.30 -11.75 32.65
N ASN L 9 56.01 -11.36 31.43
CA ASN L 9 56.06 -12.24 30.28
C ASN L 9 55.20 -13.50 30.25
N PHE L 10 53.97 -13.32 30.74
CA PHE L 10 52.94 -14.36 30.75
C PHE L 10 51.93 -13.96 29.68
N THR L 11 51.24 -14.92 29.10
CA THR L 11 50.21 -14.59 28.12
C THR L 11 48.84 -14.83 28.77
N VAL L 12 47.82 -14.09 28.37
CA VAL L 12 46.49 -14.32 28.93
C VAL L 12 45.97 -15.56 28.23
N GLN L 13 45.57 -16.58 29.00
CA GLN L 13 45.11 -17.86 28.43
C GLN L 13 43.61 -18.07 28.56
N GLU L 14 43.02 -17.49 29.60
CA GLU L 14 41.59 -17.58 29.89
C GLU L 14 41.09 -16.22 30.29
N LEU L 15 39.84 -15.91 29.94
CA LEU L 15 39.25 -14.63 30.26
C LEU L 15 37.77 -14.89 30.51
N ALA L 16 37.24 -14.43 31.64
CA ALA L 16 35.85 -14.70 31.92
C ALA L 16 35.11 -13.67 32.73
N LEU L 17 34.02 -13.18 32.16
CA LEU L 17 33.17 -12.20 32.80
C LEU L 17 31.97 -13.00 33.25
N LYS L 18 31.68 -12.95 34.53
CA LYS L 18 30.57 -13.68 35.13
C LYS L 18 29.97 -12.85 36.21
N LEU L 19 28.96 -13.40 36.82
CA LEU L 19 28.25 -12.71 37.86
C LEU L 19 28.64 -13.39 39.17
N LYS L 20 28.73 -12.59 40.22
CA LYS L 20 29.12 -13.10 41.51
C LYS L 20 28.28 -12.31 42.51
N GLY L 21 27.21 -12.94 42.95
CA GLY L 21 26.30 -12.30 43.88
C GLY L 21 25.74 -11.09 43.15
N LYS L 22 25.70 -9.94 43.82
CA LYS L 22 25.18 -8.77 43.16
C LYS L 22 26.25 -7.98 42.46
N ASN L 23 27.41 -8.62 42.31
CA ASN L 23 28.55 -8.00 41.67
C ASN L 23 29.03 -8.86 40.52
N GLN L 24 29.49 -8.19 39.48
CA GLN L 24 30.02 -8.87 38.33
C GLN L 24 31.48 -9.09 38.67
N GLU L 25 32.16 -9.95 37.93
CA GLU L 25 33.54 -10.22 38.25
C GLU L 25 34.27 -10.88 37.07
N PHE L 26 35.32 -10.24 36.57
CA PHE L 26 36.07 -10.86 35.48
C PHE L 26 37.39 -11.38 36.03
N CYS L 27 37.89 -12.45 35.43
CA CYS L 27 39.14 -13.08 35.84
C CYS L 27 39.93 -13.52 34.64
N LEU L 28 41.24 -13.55 34.79
CA LEU L 28 42.13 -13.98 33.73
C LEU L 28 43.12 -14.98 34.28
N THR L 29 43.62 -15.82 33.39
CA THR L 29 44.60 -16.81 33.74
C THR L 29 45.80 -16.37 32.93
N ALA L 30 46.96 -16.22 33.60
CA ALA L 30 48.22 -15.82 32.98
C ALA L 30 49.07 -17.07 32.91
N PHE L 31 49.71 -17.31 31.78
CA PHE L 31 50.48 -18.52 31.66
C PHE L 31 51.87 -18.43 31.05
N MET L 32 52.80 -19.14 31.68
CA MET L 32 54.19 -19.22 31.21
C MET L 32 54.60 -20.69 31.30
N SER L 33 54.93 -21.24 30.14
CA SER L 33 55.30 -22.64 29.96
C SER L 33 55.97 -23.31 31.12
N GLY L 34 56.73 -22.57 31.87
CA GLY L 34 57.38 -23.17 33.00
C GLY L 34 56.43 -23.28 34.18
N ARG L 35 55.83 -22.17 34.57
CA ARG L 35 54.99 -22.14 35.75
C ARG L 35 53.55 -22.56 35.73
N SER L 36 52.97 -22.40 36.93
CA SER L 36 51.57 -22.68 37.21
C SER L 36 50.81 -21.43 36.80
N LEU L 37 49.49 -21.55 36.77
CA LEU L 37 48.69 -20.43 36.35
C LEU L 37 48.58 -19.35 37.41
N VAL L 38 48.80 -18.12 36.98
CA VAL L 38 48.62 -17.00 37.89
C VAL L 38 47.18 -16.68 37.54
N ARG L 39 46.37 -16.31 38.53
CA ARG L 39 44.96 -16.02 38.28
C ARG L 39 44.47 -14.90 39.12
N ALA L 40 43.77 -13.97 38.48
CA ALA L 40 43.27 -12.82 39.19
C ALA L 40 41.94 -12.37 38.69
N CYS L 41 41.24 -11.70 39.59
CA CYS L 41 39.94 -11.18 39.33
C CYS L 41 39.84 -9.78 39.82
N LEU L 42 38.88 -9.08 39.26
CA LEU L 42 38.59 -7.72 39.56
C LEU L 42 37.07 -7.78 39.57
N SER L 43 36.46 -7.14 40.56
CA SER L 43 35.02 -7.13 40.72
C SER L 43 34.53 -5.74 41.04
N ASP L 44 33.41 -5.33 40.45
CA ASP L 44 32.87 -4.01 40.76
C ASP L 44 32.67 -4.08 42.26
N ALA L 45 33.10 -3.04 42.96
CA ALA L 45 33.01 -2.99 44.42
C ALA L 45 31.55 -2.88 44.86
N GLY L 46 30.63 -3.06 43.92
CA GLY L 46 29.21 -2.90 44.17
C GLY L 46 29.06 -1.39 44.27
N HIS L 47 30.03 -0.69 43.64
CA HIS L 47 30.12 0.78 43.70
C HIS L 47 30.13 1.52 42.35
N GLU L 48 29.33 2.58 42.29
CA GLU L 48 29.22 3.36 41.05
C GLU L 48 30.28 4.41 40.81
N HIS L 49 30.24 4.97 39.59
CA HIS L 49 31.20 5.98 39.13
C HIS L 49 32.41 5.29 38.48
N ASP L 50 33.22 4.64 39.31
CA ASP L 50 34.40 3.93 38.88
C ASP L 50 34.31 3.28 37.49
N THR L 51 34.83 3.98 36.48
CA THR L 51 34.91 3.46 35.12
C THR L 51 35.90 2.28 35.21
N TRP L 52 36.57 2.21 36.35
CA TRP L 52 37.57 1.20 36.68
C TRP L 52 37.33 -0.19 36.13
N PHE L 53 36.25 -0.84 36.56
CA PHE L 53 35.96 -2.19 36.11
C PHE L 53 35.94 -2.28 34.60
N ASP L 54 35.27 -1.34 33.97
CA ASP L 54 35.15 -1.29 32.52
C ASP L 54 36.47 -1.11 31.85
N THR L 55 37.19 -0.09 32.30
CA THR L 55 38.49 0.30 31.78
C THR L 55 39.44 -0.88 31.76
N MET L 56 39.57 -1.55 32.90
CA MET L 56 40.47 -2.70 32.96
C MET L 56 39.99 -3.91 32.16
N LEU L 57 38.67 -4.08 32.03
CA LEU L 57 38.14 -5.20 31.28
C LEU L 57 38.49 -5.03 29.82
N GLY L 58 38.29 -3.82 29.33
CA GLY L 58 38.60 -3.55 27.95
C GLY L 58 40.08 -3.73 27.66
N PHE L 59 40.91 -3.39 28.64
CA PHE L 59 42.36 -3.51 28.52
C PHE L 59 42.73 -4.98 28.49
N ALA L 60 42.26 -5.74 29.48
CA ALA L 60 42.52 -7.16 29.52
C ALA L 60 42.03 -7.85 28.23
N ILE L 61 40.98 -7.31 27.60
CA ILE L 61 40.48 -7.89 26.36
C ILE L 61 41.45 -7.64 25.19
N SER L 62 42.17 -6.51 25.23
CA SER L 62 43.16 -6.21 24.20
C SER L 62 44.35 -7.13 24.42
N ALA L 63 44.78 -7.29 25.67
CA ALA L 63 45.88 -8.17 25.99
C ALA L 63 45.55 -9.58 25.46
N TYR L 64 44.30 -10.01 25.66
CA TYR L 64 43.85 -11.32 25.16
C TYR L 64 43.84 -11.34 23.63
N ALA L 65 43.26 -10.31 23.03
CA ALA L 65 43.14 -10.21 21.58
C ALA L 65 44.45 -10.05 20.83
N LEU L 66 45.38 -9.30 21.42
CA LEU L 66 46.67 -9.04 20.81
C LEU L 66 47.66 -10.17 20.99
N LYS L 67 47.29 -11.16 21.79
CA LYS L 67 48.14 -12.32 22.06
C LYS L 67 49.50 -11.87 22.54
N SER L 68 49.53 -10.78 23.29
CA SER L 68 50.76 -10.20 23.79
C SER L 68 51.14 -10.71 25.16
N ARG L 69 52.43 -10.65 25.46
CA ARG L 69 52.88 -11.05 26.78
C ARG L 69 52.53 -9.84 27.63
N ILE L 70 52.06 -10.08 28.83
CA ILE L 70 51.65 -9.02 29.73
C ILE L 70 52.45 -9.14 31.05
N ALA L 71 52.32 -8.14 31.91
CA ALA L 71 53.03 -8.16 33.17
C ALA L 71 52.01 -7.72 34.18
N LEU L 72 51.50 -8.66 34.96
CA LEU L 72 50.44 -8.32 35.91
C LEU L 72 50.87 -8.31 37.35
N THR L 73 50.00 -7.74 38.16
CA THR L 73 50.25 -7.62 39.58
C THR L 73 49.06 -7.98 40.46
N VAL L 74 49.01 -9.23 40.90
CA VAL L 74 47.95 -9.71 41.78
C VAL L 74 48.22 -9.25 43.22
N GLU L 75 47.27 -9.54 44.11
CA GLU L 75 47.43 -9.13 45.50
C GLU L 75 47.14 -10.25 46.52
N ASP L 76 47.43 -11.49 46.14
CA ASP L 76 47.21 -12.67 46.98
C ASP L 76 45.89 -12.76 47.73
N SER L 77 45.14 -13.83 47.45
CA SER L 77 43.86 -14.02 48.14
C SER L 77 44.05 -14.51 49.57
N PRO L 78 43.26 -13.94 50.51
CA PRO L 78 43.32 -14.32 51.94
C PRO L 78 43.05 -15.83 52.14
N TYR L 79 42.56 -16.48 51.07
CA TYR L 79 42.28 -17.90 51.09
C TYR L 79 42.84 -18.56 49.85
N PRO L 80 43.44 -19.74 50.04
CA PRO L 80 44.04 -20.52 48.94
C PRO L 80 42.93 -20.94 47.96
N GLY L 81 43.34 -21.29 46.74
CA GLY L 81 42.37 -21.69 45.73
C GLY L 81 41.38 -20.58 45.45
N THR L 82 41.75 -19.36 45.80
CA THR L 82 40.92 -18.19 45.55
C THR L 82 41.87 -17.26 44.83
N PRO L 83 41.57 -16.89 43.58
CA PRO L 83 42.48 -15.98 42.87
C PRO L 83 42.63 -14.62 43.59
N GLY L 84 43.65 -13.86 43.22
CA GLY L 84 43.87 -12.58 43.87
C GLY L 84 43.19 -11.47 43.13
N ASP L 85 43.67 -10.25 43.28
CA ASP L 85 43.07 -9.12 42.58
C ASP L 85 44.05 -8.58 41.60
N LEU L 86 43.56 -8.21 40.41
CA LEU L 86 44.39 -7.61 39.38
C LEU L 86 44.47 -6.19 39.89
N LEU L 87 45.68 -5.75 40.22
CA LEU L 87 45.94 -4.41 40.77
C LEU L 87 46.25 -3.46 39.63
N GLU L 88 46.99 -3.99 38.67
CA GLU L 88 47.35 -3.26 37.47
C GLU L 88 47.78 -4.28 36.43
N LEU L 89 47.65 -3.90 35.16
CA LEU L 89 48.00 -4.76 34.04
C LEU L 89 48.87 -3.96 33.09
N GLN L 90 49.80 -4.63 32.42
CA GLN L 90 50.72 -4.00 31.49
C GLN L 90 50.93 -4.85 30.27
N ILE L 91 50.79 -4.26 29.10
CA ILE L 91 50.99 -4.99 27.84
C ILE L 91 52.44 -4.79 27.37
N CYS L 92 53.24 -5.85 27.42
CA CYS L 92 54.63 -5.76 26.98
C CYS L 92 54.72 -5.40 25.51
N PRO L 93 55.90 -4.99 25.04
CA PRO L 93 56.11 -4.63 23.64
C PRO L 93 55.62 -5.76 22.76
N LEU L 94 54.70 -5.43 21.88
CA LEU L 94 54.11 -6.42 20.99
C LEU L 94 55.23 -7.10 20.22
N ASN L 95 55.17 -8.41 20.16
CA ASN L 95 56.17 -9.22 19.49
C ASN L 95 57.42 -9.40 20.35
N GLY L 96 57.45 -8.77 21.52
CA GLY L 96 58.63 -8.86 22.38
C GLY L 96 58.41 -9.27 23.81
N TYR L 97 59.23 -8.78 24.73
CA TYR L 97 59.11 -9.13 26.14
C TYR L 97 59.16 -7.89 26.99
N CYS L 98 58.71 -7.97 28.24
CA CYS L 98 58.81 -6.80 29.13
C CYS L 98 60.21 -6.91 29.72
N GLU L 99 60.97 -5.82 29.70
CA GLU L 99 62.32 -5.89 30.23
C GLU L 99 62.33 -6.15 31.73
#